data_7EXR
#
_entry.id   7EXR
#
_cell.length_a   97.589
_cell.length_b   103.749
_cell.length_c   182.372
_cell.angle_alpha   90.000
_cell.angle_beta   90.000
_cell.angle_gamma   90.000
#
_symmetry.space_group_name_H-M   'P 21 21 21'
#
loop_
_entity.id
_entity.type
_entity.pdbx_description
1 polymer 'Probable galactinol--sucrose galactosyltransferase 6'
2 branched alpha-D-galactopyranose-(1-6)-alpha-D-galactopyranose-(1-6)-alpha-D-glucopyranose-(1-2)-beta-D-fructofuranose
3 water water
#
_entity_poly.entity_id   1
_entity_poly.type   'polypeptide(L)'
_entity_poly.pdbx_seq_one_letter_code
;MTIKPAVRISDGNLIIKNRTILTGVPDNVITTSASEAGPVEGVFVGAVFNKEESKHIVPIGTLRNSRFMSCFRFKLWWMA
QRMGEMGRDIPYETQFLLVESNDGSHLESDGANGVECNQKVYTVFLPLIEGSFRSCLQGNVNDEVELCLESGDVDTKRSS
FTHSLYIHAGTDPFQTITDAIRTVKLHLNSFRQRHEKKLPGIVDYFGWCTWDAFYQEVTQEGVEAGLKSLAAGGTPPKFV
IIDDGWQSVERDATVEAGDEKKESPIFRLTGIKENEKFKKKDDPNVGIKNIVKIAKEKHGLRYVYVWHAITGYWGGVRPG
EEYGSVMKYPNMSKGVVENDPTWKTDVMTLQGLGLVSPKKVYKFYNELHSYLADAGVDGVKVAVQCVLETLGGGLGGRVE
LTRQFHQALDSSVAKNFPDNGCIACMSHNTDALYCSKQAAVIRASDDFYPRDPVSHTIHIASVAYNSVFLGEFMQPDWDM
FHSVHPAAEYHASARAISGGPLYVSDSPGKHNFELLRKLVLPDGSILRARLPGRPTRDCLFADPARDGVSLLKIWNMNKY
TGVLGVYNCQGAAWSSTERKNIFHQTKTDSLTGSIRGRDVHSISEASTDPTTWNGDCAVYSQSRGELIVMPYNVSLPVSL
KIREHEIFTVSPISHLVDGVSFAPIGLVNMYNSGGAIEGLRYEAEKMKVVMEVKGCGKFGSYSSVKPKRCVVESNEIAFE
YDSSSGLVTFELDKMPIENKRFHLIQVEL
;
_entity_poly.pdbx_strand_id   B,A
#
loop_
_chem_comp.id
_chem_comp.type
_chem_comp.name
_chem_comp.formula
FRU D-saccharide, beta linking beta-D-fructofuranose 'C6 H12 O6'
GLA D-saccharide, alpha linking alpha-D-galactopyranose 'C6 H12 O6'
GLC D-saccharide, alpha linking alpha-D-glucopyranose 'C6 H12 O6'
#
# COMPACT_ATOMS: atom_id res chain seq x y z
N PRO A 5 38.50 -17.20 7.68
CA PRO A 5 37.77 -15.92 7.72
C PRO A 5 37.08 -15.57 6.38
N ALA A 6 37.83 -15.56 5.26
CA ALA A 6 37.30 -15.61 3.85
C ALA A 6 37.38 -14.32 3.02
N VAL A 7 37.13 -13.18 3.67
CA VAL A 7 37.47 -11.89 3.13
C VAL A 7 38.31 -11.23 4.23
N ARG A 8 39.57 -10.96 3.92
CA ARG A 8 40.54 -10.57 4.97
C ARG A 8 41.74 -9.82 4.44
N ILE A 9 42.30 -8.95 5.28
CA ILE A 9 43.46 -8.18 4.91
C ILE A 9 44.61 -8.83 5.63
N SER A 10 45.64 -9.20 4.88
CA SER A 10 46.74 -10.00 5.40
C SER A 10 48.01 -9.72 4.59
N ASP A 11 49.12 -9.55 5.32
CA ASP A 11 50.31 -8.90 4.81
C ASP A 11 49.74 -7.56 4.37
N GLY A 12 50.04 -7.02 3.20
CA GLY A 12 49.30 -5.79 2.79
C GLY A 12 48.21 -6.03 1.74
N ASN A 13 47.58 -7.20 1.76
CA ASN A 13 46.76 -7.58 0.64
C ASN A 13 45.31 -7.86 1.06
N LEU A 14 44.37 -7.56 0.18
CA LEU A 14 42.99 -7.98 0.36
C LEU A 14 42.83 -9.32 -0.36
N ILE A 15 42.52 -10.33 0.43
CA ILE A 15 42.36 -11.70 0.01
C ILE A 15 40.93 -12.18 0.18
N ILE A 16 40.42 -12.74 -0.89
CA ILE A 16 39.08 -13.23 -0.99
C ILE A 16 39.13 -14.71 -1.41
N LYS A 17 38.75 -15.63 -0.53
CA LYS A 17 38.72 -17.07 -0.85
C LYS A 17 40.05 -17.46 -1.53
N ASN A 18 41.12 -17.10 -0.83
CA ASN A 18 42.49 -17.37 -1.29
C ASN A 18 42.92 -16.80 -2.63
N ARG A 19 42.28 -15.72 -3.06
CA ARG A 19 42.72 -14.97 -4.26
C ARG A 19 43.02 -13.55 -3.79
N THR A 20 44.16 -13.01 -4.20
CA THR A 20 44.51 -11.63 -3.88
C THR A 20 43.73 -10.71 -4.81
N ILE A 21 42.98 -9.75 -4.25
CA ILE A 21 42.20 -8.82 -5.10
C ILE A 21 42.84 -7.47 -5.17
N LEU A 22 43.33 -7.01 -4.01
CA LEU A 22 44.03 -5.75 -3.89
C LEU A 22 45.35 -5.96 -3.20
N THR A 23 46.38 -5.23 -3.65
CA THR A 23 47.69 -5.18 -2.97
C THR A 23 47.92 -3.80 -2.43
N GLY A 24 48.85 -3.69 -1.49
CA GLY A 24 49.26 -2.36 -1.00
C GLY A 24 48.15 -1.64 -0.26
N VAL A 25 47.43 -2.37 0.57
CA VAL A 25 46.37 -1.80 1.39
C VAL A 25 46.99 -1.03 2.54
N PRO A 26 46.68 0.26 2.68
CA PRO A 26 47.49 0.93 3.72
C PRO A 26 47.02 0.62 5.12
N ASP A 27 47.90 0.93 6.07
CA ASP A 27 47.76 0.58 7.49
C ASP A 27 46.61 1.29 8.18
N ASN A 28 46.18 2.43 7.69
CA ASN A 28 45.08 3.14 8.35
C ASN A 28 43.67 2.65 7.93
N VAL A 29 43.58 1.70 6.98
CA VAL A 29 42.30 1.09 6.54
C VAL A 29 41.98 -0.04 7.47
N ILE A 30 40.81 0.04 8.11
CA ILE A 30 40.39 -0.93 9.13
C ILE A 30 39.19 -1.73 8.61
N THR A 31 39.12 -3.00 8.99
CA THR A 31 38.01 -3.86 8.63
C THR A 31 37.29 -4.42 9.83
N THR A 32 36.03 -4.81 9.63
CA THR A 32 35.27 -5.52 10.64
C THR A 32 34.16 -6.35 10.02
N SER A 33 33.92 -7.54 10.57
CA SER A 33 32.85 -8.42 10.12
C SER A 33 31.81 -8.64 11.18
N ALA A 34 31.97 -7.91 12.28
CA ALA A 34 31.06 -8.00 13.43
C ALA A 34 29.72 -7.32 13.09
N SER A 35 28.64 -7.88 13.61
CA SER A 35 27.35 -7.27 13.44
C SER A 35 26.54 -7.75 14.60
N GLU A 36 25.46 -7.03 14.91
CA GLU A 36 24.56 -7.44 15.96
C GLU A 36 23.97 -8.87 15.73
N ALA A 37 24.03 -9.42 14.51
CA ALA A 37 23.48 -10.77 14.22
C ALA A 37 24.33 -12.15 14.16
N GLY A 38 25.64 -12.31 14.33
CA GLY A 38 26.69 -11.37 14.33
C GLY A 38 27.67 -11.58 13.15
N PRO A 39 28.63 -12.55 13.22
CA PRO A 39 29.64 -12.53 12.15
C PRO A 39 29.04 -12.60 10.72
N VAL A 40 29.57 -11.78 9.83
CA VAL A 40 28.96 -11.45 8.53
C VAL A 40 29.98 -11.95 7.48
N GLU A 41 29.57 -12.45 6.30
CA GLU A 41 30.51 -13.14 5.33
C GLU A 41 31.23 -12.22 4.31
N GLY A 42 31.66 -11.10 4.80
CA GLY A 42 32.19 -10.05 3.98
C GLY A 42 32.79 -9.17 5.00
N VAL A 43 33.09 -7.96 4.64
CA VAL A 43 33.81 -7.09 5.56
C VAL A 43 33.32 -5.68 5.31
N PHE A 44 33.00 -4.99 6.39
CA PHE A 44 32.86 -3.57 6.37
C PHE A 44 34.23 -2.96 6.48
N VAL A 45 34.40 -1.84 5.79
CA VAL A 45 35.69 -1.23 5.62
C VAL A 45 35.56 0.25 5.91
N GLY A 46 36.53 0.72 6.66
CA GLY A 46 36.65 2.13 7.03
C GLY A 46 38.14 2.54 7.08
N ALA A 47 38.38 3.67 7.70
CA ALA A 47 39.73 4.18 7.83
C ALA A 47 39.75 5.24 8.91
N VAL A 48 40.95 5.48 9.43
CA VAL A 48 41.15 6.56 10.42
C VAL A 48 42.17 7.55 9.88
N PHE A 49 41.84 8.83 10.00
CA PHE A 49 42.66 9.91 9.54
C PHE A 49 43.16 10.71 10.75
N ASN A 50 44.20 11.50 10.50
CA ASN A 50 44.78 12.46 11.47
C ASN A 50 43.88 13.62 11.76
N LYS A 51 43.34 14.22 10.69
CA LYS A 51 42.49 15.45 10.76
C LYS A 51 40.97 15.15 10.56
N GLU A 52 40.14 15.89 11.28
CA GLU A 52 38.71 16.04 10.96
C GLU A 52 38.50 16.86 9.70
N GLU A 53 37.79 16.31 8.72
CA GLU A 53 37.54 17.01 7.47
C GLU A 53 36.14 16.68 7.00
N SER A 54 35.62 17.51 6.11
CA SER A 54 34.38 17.24 5.47
C SER A 54 34.55 16.44 4.17
N LYS A 55 35.80 16.26 3.72
CA LYS A 55 36.16 15.39 2.63
C LYS A 55 37.47 14.64 2.92
N HIS A 56 37.49 13.32 2.64
CA HIS A 56 38.70 12.48 2.69
C HIS A 56 38.77 11.59 1.45
N ILE A 57 39.96 11.37 0.90
CA ILE A 57 40.24 10.28 -0.03
C ILE A 57 41.22 9.34 0.65
N VAL A 58 41.00 8.03 0.54
CA VAL A 58 41.91 7.02 1.08
C VAL A 58 41.98 5.90 0.06
N PRO A 59 43.21 5.51 -0.34
CA PRO A 59 43.34 4.27 -1.13
C PRO A 59 42.99 3.05 -0.34
N ILE A 60 42.20 2.15 -0.92
CA ILE A 60 41.90 0.86 -0.29
C ILE A 60 42.88 -0.21 -0.71
N GLY A 61 43.55 -0.02 -1.83
CA GLY A 61 44.53 -0.94 -2.35
C GLY A 61 44.62 -0.78 -3.82
N THR A 62 45.43 -1.64 -4.45
CA THR A 62 45.80 -1.54 -5.82
C THR A 62 45.16 -2.70 -6.54
N LEU A 63 44.52 -2.40 -7.66
CA LEU A 63 43.78 -3.35 -8.47
C LEU A 63 44.43 -3.45 -9.82
N ARG A 64 44.87 -4.64 -10.18
CA ARG A 64 45.49 -4.86 -11.50
C ARG A 64 45.12 -6.19 -11.93
N ASN A 65 44.88 -6.37 -13.22
CA ASN A 65 44.64 -7.67 -13.80
C ASN A 65 43.41 -8.40 -13.27
N SER A 66 42.36 -7.66 -12.92
CA SER A 66 41.14 -8.25 -12.44
C SER A 66 39.99 -7.55 -13.20
N ARG A 67 39.21 -8.27 -13.96
CA ARG A 67 38.13 -7.70 -14.76
C ARG A 67 37.05 -7.15 -13.83
N PHE A 68 36.54 -5.94 -14.13
CA PHE A 68 35.52 -5.32 -13.31
C PHE A 68 34.41 -4.73 -14.20
N MET A 69 33.24 -4.55 -13.59
CA MET A 69 32.12 -3.76 -14.15
C MET A 69 31.77 -2.76 -13.10
N SER A 70 31.60 -1.51 -13.54
CA SER A 70 31.29 -0.40 -12.63
C SER A 70 30.07 0.39 -13.17
N CYS A 71 29.30 0.92 -12.26
CA CYS A 71 28.24 1.88 -12.55
C CYS A 71 28.66 3.16 -11.88
N PHE A 72 28.81 4.21 -12.69
CA PHE A 72 29.35 5.49 -12.26
C PHE A 72 28.46 6.61 -12.77
N ARG A 73 28.47 7.72 -12.02
CA ARG A 73 27.66 8.90 -12.39
C ARG A 73 28.34 9.73 -13.46
N PHE A 74 27.87 9.64 -14.70
CA PHE A 74 28.39 10.47 -15.76
C PHE A 74 27.74 11.84 -15.74
N LYS A 75 26.54 11.95 -15.17
CA LYS A 75 25.92 13.24 -14.78
C LYS A 75 25.57 13.12 -13.34
N LEU A 76 25.29 14.24 -12.74
CA LEU A 76 24.78 14.29 -11.38
C LEU A 76 23.66 13.28 -11.10
N TRP A 77 22.78 13.16 -12.09
CA TRP A 77 21.48 12.52 -11.91
C TRP A 77 21.54 11.05 -12.24
N TRP A 78 22.51 10.64 -13.07
CA TRP A 78 22.43 9.40 -13.81
C TRP A 78 23.75 8.62 -13.90
N MET A 79 23.64 7.28 -13.87
CA MET A 79 24.77 6.40 -13.99
C MET A 79 24.81 5.83 -15.40
N ALA A 80 26.00 5.33 -15.75
CA ALA A 80 26.18 4.38 -16.87
C ALA A 80 27.32 3.41 -16.57
N GLN A 81 27.66 2.51 -17.51
CA GLN A 81 28.56 1.44 -17.27
C GLN A 81 29.95 1.74 -17.80
N ARG A 82 30.96 1.13 -17.15
CA ARG A 82 32.37 1.11 -17.55
C ARG A 82 32.98 -0.20 -17.09
N MET A 83 33.70 -0.87 -17.98
CA MET A 83 34.45 -2.08 -17.65
C MET A 83 35.95 -1.80 -17.74
N GLY A 84 36.76 -2.70 -17.20
CA GLY A 84 38.20 -2.51 -17.17
C GLY A 84 38.85 -3.63 -16.42
N GLU A 85 40.19 -3.53 -16.32
CA GLU A 85 41.03 -4.51 -15.65
C GLU A 85 42.01 -3.91 -14.66
N MET A 86 42.13 -2.61 -14.63
CA MET A 86 43.12 -1.92 -13.83
C MET A 86 42.40 -0.81 -13.08
N GLY A 87 42.88 -0.53 -11.87
CA GLY A 87 42.34 0.52 -11.01
C GLY A 87 42.22 1.84 -11.73
N ARG A 88 43.19 2.14 -12.57
CA ARG A 88 43.19 3.43 -13.27
C ARG A 88 41.95 3.67 -14.11
N ASP A 89 41.26 2.60 -14.52
CA ASP A 89 40.09 2.71 -15.39
C ASP A 89 38.78 2.86 -14.58
N ILE A 90 38.85 2.84 -13.24
CA ILE A 90 37.67 3.03 -12.42
C ILE A 90 37.24 4.50 -12.48
N PRO A 91 36.04 4.80 -12.99
CA PRO A 91 35.67 6.21 -13.08
C PRO A 91 35.49 6.91 -11.76
N TYR A 92 35.59 8.24 -11.82
CA TYR A 92 35.14 9.06 -10.72
C TYR A 92 33.65 8.77 -10.53
N GLU A 93 33.23 8.81 -9.30
CA GLU A 93 31.82 8.70 -8.89
C GLU A 93 31.29 7.28 -9.20
N THR A 94 32.14 6.29 -8.97
CA THR A 94 31.74 4.90 -9.04
C THR A 94 30.95 4.54 -7.81
N GLN A 95 29.71 4.13 -8.04
CA GLN A 95 28.82 3.80 -6.92
C GLN A 95 28.63 2.34 -6.66
N PHE A 96 29.05 1.52 -7.62
CA PHE A 96 28.85 0.06 -7.53
C PHE A 96 29.97 -0.54 -8.35
N LEU A 97 30.68 -1.46 -7.76
CA LEU A 97 31.84 -2.12 -8.46
C LEU A 97 31.78 -3.62 -8.26
N LEU A 98 31.77 -4.36 -9.37
CA LEU A 98 31.80 -5.81 -9.37
C LEU A 98 33.08 -6.37 -10.03
N VAL A 99 33.76 -7.29 -9.33
CA VAL A 99 35.10 -7.81 -9.74
C VAL A 99 35.02 -9.33 -9.87
N GLU A 100 35.53 -9.83 -10.98
CA GLU A 100 35.58 -11.24 -11.34
C GLU A 100 37.01 -11.79 -11.03
N SER A 101 37.12 -12.91 -10.35
CA SER A 101 38.44 -13.53 -10.08
C SER A 101 38.44 -14.85 -10.76
N ASN A 102 39.34 -14.98 -11.75
CA ASN A 102 39.47 -16.18 -12.57
C ASN A 102 40.38 -17.24 -11.94
N LYS A 120 34.49 -17.37 -11.88
CA LYS A 120 34.50 -18.26 -10.72
C LYS A 120 34.19 -17.60 -9.36
N VAL A 121 34.94 -16.61 -8.88
CA VAL A 121 34.52 -15.86 -7.70
C VAL A 121 34.21 -14.40 -8.09
N TYR A 122 33.08 -13.88 -7.61
CA TYR A 122 32.68 -12.50 -7.87
C TYR A 122 32.71 -11.73 -6.58
N THR A 123 33.33 -10.57 -6.60
CA THR A 123 33.38 -9.72 -5.43
C THR A 123 32.61 -8.39 -5.70
N VAL A 124 31.64 -8.05 -4.83
CA VAL A 124 31.00 -6.74 -4.90
C VAL A 124 31.59 -5.74 -3.92
N PHE A 125 31.76 -4.50 -4.38
CA PHE A 125 32.16 -3.37 -3.53
C PHE A 125 31.02 -2.35 -3.52
N LEU A 126 30.49 -2.06 -2.32
CA LEU A 126 29.38 -1.19 -2.14
C LEU A 126 29.80 0.00 -1.28
N PRO A 127 30.12 1.12 -1.90
CA PRO A 127 30.48 2.29 -1.06
C PRO A 127 29.24 2.83 -0.42
N LEU A 128 29.29 3.19 0.86
CA LEU A 128 28.06 3.36 1.69
C LEU A 128 27.91 4.77 2.25
N ILE A 129 26.71 5.04 2.78
CA ILE A 129 26.51 6.24 3.56
C ILE A 129 26.83 5.82 5.00
N GLU A 130 27.52 6.70 5.74
CA GLU A 130 27.86 6.42 7.14
C GLU A 130 27.73 7.72 7.89
N GLY A 131 26.81 7.77 8.86
CA GLY A 131 26.48 9.03 9.54
C GLY A 131 26.10 10.10 8.53
N SER A 132 26.80 11.24 8.59
CA SER A 132 26.63 12.35 7.68
C SER A 132 27.37 12.30 6.36
N PHE A 133 28.12 11.21 6.10
CA PHE A 133 28.98 11.11 4.98
C PHE A 133 28.45 10.09 3.98
N ARG A 134 28.72 10.40 2.74
CA ARG A 134 28.44 9.54 1.60
C ARG A 134 29.82 9.22 0.96
N SER A 135 30.04 7.95 0.62
CA SER A 135 31.23 7.53 -0.10
C SER A 135 30.97 7.11 -1.52
N CYS A 136 32.00 7.22 -2.35
CA CYS A 136 32.02 6.55 -3.67
C CYS A 136 33.41 6.05 -3.90
N LEU A 137 33.58 5.39 -5.01
CA LEU A 137 34.90 4.88 -5.42
C LEU A 137 35.40 5.64 -6.62
N GLN A 138 36.72 5.73 -6.75
CA GLN A 138 37.36 6.29 -7.91
C GLN A 138 38.76 5.67 -8.09
N GLY A 139 39.19 5.65 -9.32
CA GLY A 139 40.51 5.09 -9.65
C GLY A 139 41.57 6.19 -9.73
N ASN A 140 42.83 5.83 -9.56
CA ASN A 140 43.91 6.79 -9.77
C ASN A 140 44.92 6.22 -10.72
N VAL A 141 45.82 7.09 -11.18
CA VAL A 141 46.84 6.69 -12.20
C VAL A 141 47.71 5.53 -11.75
N ASN A 142 47.90 5.35 -10.45
CA ASN A 142 48.67 4.21 -9.92
C ASN A 142 47.92 2.91 -9.71
N ASP A 143 46.71 2.83 -10.27
CA ASP A 143 45.84 1.70 -10.15
C ASP A 143 45.24 1.49 -8.78
N GLU A 144 45.28 2.48 -7.93
CA GLU A 144 44.60 2.37 -6.66
C GLU A 144 43.10 2.63 -6.82
N VAL A 145 42.33 1.91 -6.02
CA VAL A 145 40.94 2.12 -5.86
C VAL A 145 40.82 2.98 -4.63
N GLU A 146 40.31 4.18 -4.81
CA GLU A 146 40.27 5.17 -3.72
C GLU A 146 38.81 5.26 -3.24
N LEU A 147 38.64 5.35 -1.93
CA LEU A 147 37.33 5.57 -1.35
C LEU A 147 37.27 7.08 -1.07
N CYS A 148 36.27 7.76 -1.60
CA CYS A 148 36.06 9.17 -1.39
C CYS A 148 34.86 9.39 -0.47
N LEU A 149 35.10 10.01 0.68
CA LEU A 149 34.10 10.20 1.72
C LEU A 149 33.76 11.69 1.82
N GLU A 150 32.49 12.12 1.73
CA GLU A 150 32.14 13.57 1.68
C GLU A 150 30.89 13.80 2.48
N SER A 151 30.84 14.86 3.30
CA SER A 151 29.63 15.23 4.02
C SER A 151 28.78 16.18 3.23
N GLY A 152 29.35 16.84 2.22
CA GLY A 152 28.61 17.87 1.49
C GLY A 152 28.38 19.20 2.25
N ASP A 153 29.10 19.45 3.34
CA ASP A 153 28.95 20.68 4.14
C ASP A 153 30.25 20.98 4.89
N VAL A 154 30.89 22.13 4.66
CA VAL A 154 32.17 22.42 5.41
C VAL A 154 32.03 22.31 6.95
N ASP A 155 30.86 22.55 7.54
CA ASP A 155 30.67 22.36 9.01
C ASP A 155 30.58 20.97 9.54
N THR A 156 30.49 19.96 8.66
CA THR A 156 30.27 18.62 9.10
C THR A 156 31.51 17.83 8.80
N LYS A 157 32.24 17.48 9.84
CA LYS A 157 33.60 16.98 9.69
C LYS A 157 33.78 15.73 10.52
N ARG A 158 34.69 14.86 10.10
CA ARG A 158 34.95 13.64 10.83
C ARG A 158 36.33 13.08 10.48
N SER A 159 36.94 12.31 11.37
CA SER A 159 38.32 11.75 11.17
C SER A 159 38.39 10.24 11.18
N SER A 160 37.33 9.58 11.60
CA SER A 160 37.28 8.14 11.41
C SER A 160 35.91 7.46 11.04
N PHE A 161 36.01 6.34 10.33
CA PHE A 161 34.88 5.65 9.73
C PHE A 161 35.17 4.20 9.88
N THR A 162 34.12 3.43 10.16
CA THR A 162 34.21 1.98 10.25
C THR A 162 33.34 1.24 9.20
N HIS A 163 32.40 1.90 8.52
CA HIS A 163 31.37 1.19 7.73
C HIS A 163 31.06 1.97 6.46
N SER A 164 32.09 2.44 5.77
CA SER A 164 31.89 3.27 4.61
C SER A 164 31.96 2.48 3.32
N LEU A 165 32.26 1.19 3.39
CA LEU A 165 32.37 0.32 2.23
C LEU A 165 32.12 -1.08 2.73
N TYR A 166 31.35 -1.84 1.98
CA TYR A 166 31.13 -3.23 2.26
C TYR A 166 31.63 -4.04 1.07
N ILE A 167 32.29 -5.14 1.37
CA ILE A 167 32.88 -6.03 0.37
C ILE A 167 32.38 -7.42 0.64
N HIS A 168 31.88 -8.11 -0.39
CA HIS A 168 31.37 -9.46 -0.22
C HIS A 168 31.62 -10.27 -1.47
N ALA A 169 31.84 -11.58 -1.32
CA ALA A 169 32.25 -12.42 -2.45
C ALA A 169 31.36 -13.63 -2.50
N GLY A 170 31.16 -14.20 -3.68
CA GLY A 170 30.31 -15.37 -3.82
C GLY A 170 30.52 -15.97 -5.16
N THR A 171 29.86 -17.09 -5.49
CA THR A 171 30.08 -17.78 -6.78
C THR A 171 29.03 -17.54 -7.85
N ASP A 172 27.91 -16.91 -7.49
CA ASP A 172 26.88 -16.50 -8.47
C ASP A 172 26.88 -14.96 -8.40
N PRO A 173 27.11 -14.27 -9.54
CA PRO A 173 27.27 -12.83 -9.44
C PRO A 173 26.00 -12.08 -8.98
N PHE A 174 24.86 -12.60 -9.36
CA PHE A 174 23.59 -11.97 -9.00
C PHE A 174 23.21 -12.18 -7.54
N GLN A 175 23.39 -13.40 -7.05
CA GLN A 175 23.21 -13.73 -5.67
C GLN A 175 24.23 -12.99 -4.79
N THR A 176 25.46 -12.81 -5.24
CA THR A 176 26.45 -12.14 -4.48
C THR A 176 26.02 -10.68 -4.20
N ILE A 177 25.54 -10.02 -5.23
CA ILE A 177 25.08 -8.65 -5.11
C ILE A 177 23.87 -8.55 -4.11
N THR A 178 22.89 -9.44 -4.25
CA THR A 178 21.68 -9.43 -3.42
C THR A 178 22.05 -9.69 -1.96
N ASP A 179 22.92 -10.66 -1.72
CA ASP A 179 23.34 -10.97 -0.35
C ASP A 179 24.06 -9.81 0.28
N ALA A 180 24.87 -9.09 -0.49
CA ALA A 180 25.62 -7.95 0.02
C ALA A 180 24.69 -6.81 0.38
N ILE A 181 23.73 -6.52 -0.49
CA ILE A 181 22.74 -5.51 -0.21
C ILE A 181 21.97 -5.82 1.07
N ARG A 182 21.59 -7.08 1.24
CA ARG A 182 20.82 -7.47 2.40
C ARG A 182 21.64 -7.24 3.69
N THR A 183 22.94 -7.49 3.65
CA THR A 183 23.80 -7.30 4.81
C THR A 183 23.90 -5.81 5.09
N VAL A 184 24.02 -4.97 4.06
CA VAL A 184 24.06 -3.52 4.27
C VAL A 184 22.71 -3.07 4.89
N LYS A 185 21.62 -3.60 4.38
CA LYS A 185 20.29 -3.26 4.91
C LYS A 185 20.23 -3.55 6.43
N LEU A 186 20.70 -4.71 6.85
CA LEU A 186 20.63 -5.11 8.23
C LEU A 186 21.48 -4.25 9.06
N HIS A 187 22.55 -3.68 8.50
CA HIS A 187 23.33 -2.73 9.28
C HIS A 187 22.66 -1.37 9.30
N LEU A 188 22.21 -0.83 8.16
CA LEU A 188 21.63 0.55 8.13
C LEU A 188 20.17 0.63 8.57
N ASN A 189 19.36 -0.36 8.25
CA ASN A 189 17.89 -0.33 8.47
C ASN A 189 17.16 0.84 7.87
N SER A 190 17.75 1.48 6.87
CA SER A 190 17.23 2.71 6.33
C SER A 190 16.58 2.56 4.92
N PHE A 191 16.51 1.36 4.40
CA PHE A 191 15.92 1.08 3.08
C PHE A 191 15.38 -0.35 3.11
N ARG A 192 14.59 -0.68 2.13
CA ARG A 192 14.13 -2.06 1.94
C ARG A 192 14.51 -2.48 0.57
N GLN A 193 14.63 -3.78 0.41
CA GLN A 193 14.95 -4.34 -0.88
C GLN A 193 13.75 -4.37 -1.80
N ARG A 194 14.02 -4.37 -3.11
CA ARG A 194 12.95 -4.28 -4.10
C ARG A 194 11.80 -5.24 -3.79
N HIS A 195 12.13 -6.48 -3.49
CA HIS A 195 11.08 -7.49 -3.32
C HIS A 195 10.25 -7.27 -2.07
N GLU A 196 10.65 -6.40 -1.13
CA GLU A 196 9.89 -6.16 0.09
C GLU A 196 8.93 -4.95 -0.04
N LYS A 197 8.81 -4.39 -1.24
CA LYS A 197 8.07 -3.12 -1.38
C LYS A 197 6.86 -3.37 -2.20
N LYS A 198 5.89 -2.48 -2.12
CA LYS A 198 4.67 -2.66 -2.88
C LYS A 198 4.75 -1.97 -4.22
N LEU A 199 4.58 -2.67 -5.33
CA LEU A 199 4.60 -2.02 -6.65
C LEU A 199 3.29 -1.23 -6.87
N PRO A 200 3.33 0.00 -7.37
CA PRO A 200 2.04 0.57 -7.75
C PRO A 200 1.40 -0.12 -8.96
N GLY A 201 0.06 0.03 -9.04
CA GLY A 201 -0.72 -0.75 -10.00
C GLY A 201 -0.47 -0.32 -11.45
N ILE A 202 0.15 0.85 -11.65
CA ILE A 202 0.52 1.23 -13.02
C ILE A 202 1.41 0.26 -13.77
N VAL A 203 2.25 -0.53 -13.07
CA VAL A 203 3.25 -1.35 -13.75
C VAL A 203 2.59 -2.46 -14.55
N ASP A 204 1.34 -2.76 -14.28
CA ASP A 204 0.64 -3.77 -15.12
C ASP A 204 -0.18 -3.29 -16.32
N TYR A 205 -0.05 -2.02 -16.61
CA TYR A 205 -0.90 -1.43 -17.70
C TYR A 205 -0.03 -0.58 -18.61
N PHE A 206 -0.46 -0.45 -19.86
CA PHE A 206 0.07 0.52 -20.76
C PHE A 206 -0.21 1.96 -20.30
N GLY A 207 0.76 2.79 -20.54
CA GLY A 207 0.60 4.20 -20.25
C GLY A 207 1.13 5.13 -21.33
N TRP A 208 0.86 6.41 -21.10
CA TRP A 208 1.26 7.50 -21.98
C TRP A 208 1.75 8.65 -21.09
N CYS A 209 2.87 9.21 -21.49
CA CYS A 209 3.53 10.31 -20.83
C CYS A 209 3.54 11.51 -21.82
N THR A 210 3.16 12.70 -21.34
CA THR A 210 3.04 13.88 -22.22
C THR A 210 4.36 14.51 -22.63
N TRP A 211 5.45 14.11 -21.99
CA TRP A 211 6.71 14.79 -22.11
C TRP A 211 7.20 15.01 -23.53
N ASP A 212 7.46 13.95 -24.27
CA ASP A 212 7.90 14.15 -25.63
C ASP A 212 6.84 14.61 -26.57
N ALA A 213 5.56 14.44 -26.21
CA ALA A 213 4.46 14.90 -27.07
C ALA A 213 4.39 16.41 -27.13
N PHE A 214 4.49 17.12 -26.01
CA PHE A 214 4.30 18.59 -25.95
C PHE A 214 5.39 19.34 -25.21
N TYR A 215 6.30 18.64 -24.55
CA TYR A 215 7.25 19.28 -23.62
C TYR A 215 6.49 20.17 -22.65
N GLN A 216 7.03 21.29 -22.24
CA GLN A 216 6.35 22.09 -21.25
C GLN A 216 5.11 22.80 -21.78
N GLU A 217 4.83 22.71 -23.08
CA GLU A 217 3.61 23.37 -23.66
C GLU A 217 2.35 22.53 -23.52
N VAL A 218 2.42 21.42 -22.77
CA VAL A 218 1.27 20.58 -22.54
C VAL A 218 0.09 21.39 -22.01
N THR A 219 -1.08 21.06 -22.52
CA THR A 219 -2.35 21.60 -22.07
C THR A 219 -3.30 20.43 -21.78
N GLN A 220 -4.39 20.73 -21.07
CA GLN A 220 -5.42 19.72 -20.83
C GLN A 220 -6.05 19.15 -22.10
N GLU A 221 -6.16 19.95 -23.16
CA GLU A 221 -6.72 19.46 -24.45
C GLU A 221 -5.76 18.47 -25.14
N GLY A 222 -4.46 18.76 -25.03
CA GLY A 222 -3.43 17.90 -25.54
C GLY A 222 -3.46 16.54 -24.81
N VAL A 223 -3.65 16.57 -23.50
CA VAL A 223 -3.75 15.30 -22.74
C VAL A 223 -4.91 14.49 -23.27
N GLU A 224 -6.08 15.10 -23.37
CA GLU A 224 -7.21 14.41 -23.87
C GLU A 224 -6.99 13.88 -25.30
N ALA A 225 -6.42 14.69 -26.18
CA ALA A 225 -6.18 14.22 -27.55
C ALA A 225 -5.24 13.00 -27.62
N GLY A 226 -4.23 12.95 -26.76
CA GLY A 226 -3.35 11.76 -26.71
C GLY A 226 -3.99 10.47 -26.22
N LEU A 227 -4.84 10.58 -25.18
CA LEU A 227 -5.57 9.41 -24.65
C LEU A 227 -6.53 8.88 -25.72
N LYS A 228 -7.18 9.82 -26.38
CA LYS A 228 -8.16 9.45 -27.40
C LYS A 228 -7.53 8.78 -28.63
N SER A 229 -6.42 9.33 -29.11
CA SER A 229 -5.81 8.78 -30.26
C SER A 229 -5.25 7.38 -30.00
N LEU A 230 -4.63 7.13 -28.84
CA LEU A 230 -4.15 5.75 -28.55
C LEU A 230 -5.27 4.71 -28.45
N ALA A 231 -6.31 5.03 -27.71
CA ALA A 231 -7.48 4.16 -27.52
C ALA A 231 -8.18 3.86 -28.84
N ALA A 232 -8.24 4.85 -29.72
CA ALA A 232 -8.88 4.68 -31.01
C ALA A 232 -8.23 3.61 -31.85
N GLY A 233 -6.91 3.42 -31.75
CA GLY A 233 -6.24 2.36 -32.50
C GLY A 233 -6.25 0.97 -31.85
N GLY A 234 -6.93 0.79 -30.72
CA GLY A 234 -7.06 -0.53 -30.06
C GLY A 234 -6.04 -0.83 -28.96
N THR A 235 -5.24 0.15 -28.54
CA THR A 235 -4.21 -0.02 -27.47
C THR A 235 -4.39 1.07 -26.44
N PRO A 236 -5.40 0.94 -25.61
CA PRO A 236 -5.82 2.01 -24.75
C PRO A 236 -4.89 2.11 -23.54
N PRO A 237 -4.31 3.25 -23.30
CA PRO A 237 -3.50 3.40 -22.08
C PRO A 237 -4.39 3.43 -20.85
N LYS A 238 -3.93 2.85 -19.75
CA LYS A 238 -4.73 2.93 -18.57
C LYS A 238 -4.07 3.78 -17.49
N PHE A 239 -2.86 4.25 -17.78
CA PHE A 239 -2.29 5.34 -17.00
C PHE A 239 -1.76 6.44 -17.90
N VAL A 240 -1.75 7.65 -17.34
CA VAL A 240 -1.17 8.79 -17.95
C VAL A 240 -0.23 9.48 -16.95
N ILE A 241 0.96 9.90 -17.42
CA ILE A 241 1.78 10.83 -16.68
C ILE A 241 1.67 12.23 -17.34
N ILE A 242 1.05 13.19 -16.65
CA ILE A 242 1.10 14.60 -17.02
C ILE A 242 2.41 15.14 -16.56
N ASP A 243 3.31 15.34 -17.51
CA ASP A 243 4.67 15.63 -17.22
C ASP A 243 4.88 17.14 -16.98
N ASP A 244 6.13 17.59 -16.96
CA ASP A 244 6.55 18.97 -16.71
C ASP A 244 5.75 19.91 -17.63
N GLY A 245 5.13 20.88 -17.01
CA GLY A 245 4.43 21.96 -17.72
C GLY A 245 3.08 22.28 -17.18
N TRP A 246 2.61 21.54 -16.16
CA TRP A 246 1.28 21.75 -15.63
C TRP A 246 1.28 22.70 -14.46
N GLN A 247 2.45 22.97 -13.89
CA GLN A 247 2.51 23.63 -12.59
C GLN A 247 2.47 25.16 -12.74
N SER A 248 2.16 25.84 -11.65
CA SER A 248 2.19 27.36 -11.63
C SER A 248 3.57 27.84 -11.24
N VAL A 249 4.23 28.35 -12.25
CA VAL A 249 5.65 28.72 -12.15
C VAL A 249 5.88 30.11 -12.74
N GLU A 250 6.95 30.75 -12.27
CA GLU A 250 7.33 32.10 -12.71
C GLU A 250 8.82 32.38 -12.52
N ARG A 251 9.38 33.16 -13.43
CA ARG A 251 10.75 33.70 -13.32
C ARG A 251 10.75 34.79 -12.29
N ASP A 252 11.92 35.13 -11.77
CA ASP A 252 12.02 36.13 -10.70
C ASP A 252 11.61 37.50 -11.27
N ALA A 253 10.89 38.29 -10.49
CA ALA A 253 10.60 39.71 -10.82
C ALA A 253 11.86 40.59 -10.87
N SER A 264 18.91 32.97 -19.81
CA SER A 264 17.63 32.24 -19.90
C SER A 264 17.06 31.99 -18.48
N PRO A 265 16.22 32.90 -17.95
CA PRO A 265 15.96 32.89 -16.48
C PRO A 265 15.18 31.68 -15.99
N ILE A 266 15.56 31.18 -14.80
CA ILE A 266 15.00 29.95 -14.24
C ILE A 266 13.59 30.20 -13.68
N PHE A 267 12.71 29.21 -13.80
CA PHE A 267 11.35 29.33 -13.24
C PHE A 267 11.26 28.67 -11.88
N ARG A 268 10.48 29.28 -11.00
CA ARG A 268 10.27 28.83 -9.63
C ARG A 268 8.81 28.65 -9.38
N LEU A 269 8.49 27.77 -8.42
CA LEU A 269 7.11 27.40 -8.15
C LEU A 269 6.47 28.57 -7.41
N THR A 270 5.28 28.96 -7.82
CA THR A 270 4.61 30.10 -7.17
C THR A 270 3.35 29.73 -6.47
N GLY A 271 2.78 28.60 -6.78
CA GLY A 271 1.74 28.03 -5.90
C GLY A 271 1.69 26.52 -6.17
N ILE A 272 0.88 25.82 -5.40
CA ILE A 272 0.80 24.36 -5.53
C ILE A 272 -0.23 23.90 -6.57
N LYS A 273 -1.15 24.77 -7.00
CA LYS A 273 -2.17 24.33 -7.97
C LYS A 273 -1.71 24.44 -9.41
N GLU A 274 -2.49 23.87 -10.30
CA GLU A 274 -2.19 23.94 -11.67
C GLU A 274 -2.26 25.37 -12.31
N ASN A 275 -1.54 25.50 -13.42
CA ASN A 275 -1.60 26.70 -14.24
C ASN A 275 -2.91 26.73 -15.10
N GLU A 276 -3.10 27.83 -15.79
CA GLU A 276 -4.31 28.16 -16.55
C GLU A 276 -4.56 27.15 -17.64
N LYS A 277 -3.52 26.49 -18.14
CA LYS A 277 -3.73 25.49 -19.18
C LYS A 277 -4.50 24.23 -18.67
N PHE A 278 -4.63 24.12 -17.36
CA PHE A 278 -5.33 22.98 -16.74
C PHE A 278 -6.51 23.44 -15.87
N LYS A 279 -7.08 24.61 -16.17
CA LYS A 279 -8.31 25.08 -15.49
C LYS A 279 -9.40 24.99 -16.55
N LYS A 280 -10.56 24.43 -16.25
CA LYS A 280 -11.51 24.29 -17.35
C LYS A 280 -12.01 25.67 -17.82
N LYS A 281 -12.15 25.85 -19.14
CA LYS A 281 -12.37 27.20 -19.76
C LYS A 281 -13.86 27.29 -19.79
N ASP A 282 -14.44 28.07 -18.90
CA ASP A 282 -15.84 27.86 -18.51
C ASP A 282 -15.92 28.30 -17.07
N ASP A 283 -15.10 27.66 -16.24
CA ASP A 283 -15.12 27.85 -14.80
C ASP A 283 -13.67 27.74 -14.32
N PRO A 284 -12.96 28.88 -14.13
CA PRO A 284 -11.55 28.78 -13.69
C PRO A 284 -11.34 28.23 -12.27
N ASN A 285 -12.40 28.13 -11.47
CA ASN A 285 -12.30 27.51 -10.13
C ASN A 285 -12.16 25.99 -10.13
N VAL A 286 -12.43 25.32 -11.26
CA VAL A 286 -12.19 23.86 -11.38
C VAL A 286 -10.84 23.74 -12.10
N GLY A 287 -9.89 23.16 -11.38
CA GLY A 287 -8.52 23.00 -11.80
C GLY A 287 -8.24 21.61 -12.39
N ILE A 288 -7.17 21.00 -11.91
CA ILE A 288 -6.68 19.72 -12.50
C ILE A 288 -7.67 18.54 -12.38
N LYS A 289 -8.61 18.62 -11.44
CA LYS A 289 -9.70 17.65 -11.34
C LYS A 289 -10.43 17.50 -12.71
N ASN A 290 -10.49 18.56 -13.49
CA ASN A 290 -11.16 18.52 -14.81
C ASN A 290 -10.52 17.49 -15.72
N ILE A 291 -9.21 17.58 -15.95
CA ILE A 291 -8.52 16.62 -16.82
C ILE A 291 -8.49 15.25 -16.21
N VAL A 292 -8.46 15.18 -14.90
CA VAL A 292 -8.53 13.87 -14.26
C VAL A 292 -9.87 13.15 -14.55
N LYS A 293 -10.98 13.86 -14.39
CA LYS A 293 -12.28 13.29 -14.62
C LYS A 293 -12.47 12.95 -16.10
N ILE A 294 -11.98 13.80 -16.99
CA ILE A 294 -11.98 13.49 -18.42
C ILE A 294 -11.24 12.19 -18.71
N ALA A 295 -10.04 12.04 -18.14
CA ALA A 295 -9.24 10.84 -18.34
C ALA A 295 -9.91 9.59 -17.87
N LYS A 296 -10.40 9.67 -16.65
CA LYS A 296 -10.92 8.50 -15.97
C LYS A 296 -12.37 8.19 -16.37
N GLU A 297 -13.24 9.16 -16.33
CA GLU A 297 -14.69 8.88 -16.54
C GLU A 297 -15.05 8.85 -18.00
N LYS A 298 -14.44 9.72 -18.78
CA LYS A 298 -14.75 9.77 -20.16
C LYS A 298 -13.87 8.84 -20.97
N HIS A 299 -12.58 8.65 -20.62
CA HIS A 299 -11.71 7.78 -21.41
C HIS A 299 -11.27 6.46 -20.76
N GLY A 300 -11.82 6.12 -19.60
CA GLY A 300 -11.57 4.83 -18.96
C GLY A 300 -10.16 4.61 -18.39
N LEU A 301 -9.35 5.65 -18.18
CA LEU A 301 -8.09 5.47 -17.48
C LEU A 301 -8.27 5.01 -16.05
N ARG A 302 -7.30 4.25 -15.54
CA ARG A 302 -7.30 3.92 -14.10
C ARG A 302 -6.50 4.84 -13.24
N TYR A 303 -5.39 5.31 -13.77
CA TYR A 303 -4.47 6.07 -12.93
C TYR A 303 -4.04 7.37 -13.62
N VAL A 304 -3.90 8.46 -12.89
CA VAL A 304 -3.35 9.69 -13.42
C VAL A 304 -2.22 10.07 -12.48
N TYR A 305 -1.02 10.26 -13.00
CA TYR A 305 0.13 10.72 -12.23
C TYR A 305 0.54 12.11 -12.82
N VAL A 306 1.21 12.91 -11.99
CA VAL A 306 1.82 14.16 -12.41
C VAL A 306 3.27 14.27 -11.97
N TRP A 307 4.00 15.10 -12.69
CA TRP A 307 5.44 15.36 -12.47
C TRP A 307 5.59 16.54 -11.49
N HIS A 308 6.55 16.45 -10.58
CA HIS A 308 7.09 17.58 -9.89
C HIS A 308 8.52 17.32 -9.50
N ALA A 309 9.23 18.39 -9.21
CA ALA A 309 10.61 18.25 -8.78
C ALA A 309 10.59 17.99 -7.32
N ILE A 310 11.68 17.44 -6.83
CA ILE A 310 11.78 17.19 -5.40
C ILE A 310 11.81 18.50 -4.61
N THR A 311 12.25 19.55 -5.29
CA THR A 311 12.27 20.96 -4.81
C THR A 311 11.06 21.81 -5.24
N GLY A 312 10.05 21.17 -5.83
CA GLY A 312 8.87 21.82 -6.37
C GLY A 312 8.97 22.02 -7.85
N TYR A 313 9.84 22.94 -8.26
CA TYR A 313 10.17 23.15 -9.64
C TYR A 313 11.68 23.21 -9.79
N TRP A 314 12.14 23.36 -11.04
CA TRP A 314 13.55 23.48 -11.35
C TRP A 314 14.30 24.53 -10.55
N GLY A 315 13.65 25.69 -10.38
CA GLY A 315 14.23 26.76 -9.53
C GLY A 315 13.75 26.72 -8.11
N GLY A 316 13.26 25.54 -7.68
CA GLY A 316 12.75 25.43 -6.39
C GLY A 316 11.42 26.13 -6.28
N VAL A 317 11.17 26.71 -5.11
CA VAL A 317 9.92 27.38 -4.78
C VAL A 317 10.30 28.85 -4.54
N ARG A 318 9.46 29.77 -5.01
CA ARG A 318 9.75 31.23 -4.81
C ARG A 318 9.91 31.49 -3.27
N PRO A 319 11.06 32.08 -2.84
CA PRO A 319 11.33 32.42 -1.43
C PRO A 319 10.16 33.09 -0.75
N GLY A 320 9.95 32.80 0.51
CA GLY A 320 8.83 33.33 1.25
C GLY A 320 8.65 32.49 2.50
N GLU A 321 7.81 32.94 3.40
CA GLU A 321 7.68 32.37 4.71
C GLU A 321 6.76 31.13 4.73
N GLU A 322 5.86 30.98 3.75
CA GLU A 322 4.85 29.93 3.82
C GLU A 322 5.51 28.49 3.95
N TYR A 323 6.49 28.23 3.11
CA TYR A 323 7.25 26.96 3.20
C TYR A 323 8.71 27.18 3.57
N GLY A 324 9.00 28.35 4.16
CA GLY A 324 10.33 28.73 4.55
C GLY A 324 11.42 28.67 3.48
N SER A 325 11.02 28.86 2.22
CA SER A 325 11.94 28.82 1.10
C SER A 325 12.96 29.98 1.11
N VAL A 326 14.24 29.65 0.99
CA VAL A 326 15.30 30.62 0.90
C VAL A 326 16.19 30.19 -0.25
N MET A 327 16.86 31.17 -0.84
CA MET A 327 17.77 31.00 -1.97
C MET A 327 19.01 30.21 -1.59
N LYS A 328 19.33 29.17 -2.36
CA LYS A 328 20.47 28.29 -2.08
C LYS A 328 21.08 27.95 -3.40
N TYR A 329 22.40 27.89 -3.45
CA TYR A 329 23.11 27.78 -4.68
C TYR A 329 23.88 26.46 -4.58
N PRO A 330 23.71 25.57 -5.57
CA PRO A 330 24.44 24.27 -5.60
C PRO A 330 25.98 24.38 -5.38
N ASN A 331 26.48 23.58 -4.49
CA ASN A 331 27.87 23.45 -4.23
C ASN A 331 28.43 22.36 -5.19
N MET A 332 29.56 22.62 -5.82
CA MET A 332 30.13 21.68 -6.79
C MET A 332 30.92 20.66 -6.06
N SER A 333 30.75 19.37 -6.38
CA SER A 333 31.66 18.33 -5.84
C SER A 333 32.61 17.92 -6.97
N LYS A 334 33.84 17.57 -6.62
CA LYS A 334 34.87 17.36 -7.62
C LYS A 334 34.55 16.24 -8.62
N GLY A 335 34.16 15.11 -8.09
CA GLY A 335 33.89 13.96 -8.94
C GLY A 335 32.74 14.23 -9.88
N VAL A 336 31.70 14.94 -9.41
CA VAL A 336 30.56 15.21 -10.29
C VAL A 336 30.99 16.07 -11.46
N VAL A 337 31.77 17.08 -11.13
CA VAL A 337 32.20 18.06 -12.10
C VAL A 337 33.32 17.53 -13.05
N GLU A 338 34.10 16.58 -12.59
CA GLU A 338 35.09 15.96 -13.42
C GLU A 338 34.37 15.20 -14.53
N ASN A 339 33.24 14.58 -14.23
CA ASN A 339 32.55 13.79 -15.27
C ASN A 339 31.56 14.63 -16.03
N ASP A 340 30.96 15.59 -15.35
CA ASP A 340 30.06 16.46 -16.09
C ASP A 340 30.36 17.94 -15.88
N PRO A 341 31.34 18.46 -16.63
CA PRO A 341 31.76 19.83 -16.38
C PRO A 341 30.67 20.93 -16.62
N THR A 342 29.65 20.71 -17.47
CA THR A 342 28.59 21.67 -17.73
C THR A 342 27.71 21.88 -16.53
N TRP A 343 27.79 21.02 -15.54
CA TRP A 343 27.01 21.27 -14.31
C TRP A 343 27.49 22.56 -13.61
N LYS A 344 28.76 22.92 -13.81
CA LYS A 344 29.32 24.19 -13.22
C LYS A 344 28.63 25.45 -13.69
N THR A 345 28.10 25.41 -14.90
CA THR A 345 27.41 26.57 -15.47
C THR A 345 25.95 26.25 -15.80
N ASP A 346 25.38 25.21 -15.19
CA ASP A 346 23.95 24.97 -15.31
C ASP A 346 23.18 26.13 -14.67
N VAL A 347 21.99 26.36 -15.21
CA VAL A 347 21.03 27.40 -14.77
C VAL A 347 20.72 27.28 -13.29
N MET A 348 20.64 26.05 -12.78
CA MET A 348 20.40 25.83 -11.35
C MET A 348 21.57 26.20 -10.50
N THR A 349 22.76 25.86 -10.96
CA THR A 349 23.99 26.19 -10.27
C THR A 349 24.17 27.74 -10.23
N LEU A 350 23.98 28.42 -11.35
CA LEU A 350 24.22 29.89 -11.39
C LEU A 350 23.07 30.72 -10.82
N GLN A 351 21.83 30.29 -11.00
CA GLN A 351 20.68 31.09 -10.56
C GLN A 351 20.06 30.62 -9.30
N GLY A 352 20.49 29.45 -8.80
CA GLY A 352 20.06 28.98 -7.49
C GLY A 352 18.63 28.43 -7.45
N LEU A 353 18.27 27.89 -6.32
CA LEU A 353 16.95 27.32 -6.09
C LEU A 353 16.43 27.90 -4.81
N GLY A 354 15.14 28.20 -4.77
CA GLY A 354 14.43 28.47 -3.54
C GLY A 354 14.15 27.16 -2.86
N LEU A 355 14.89 26.87 -1.78
CA LEU A 355 14.85 25.60 -1.11
C LEU A 355 13.91 25.67 0.10
N VAL A 356 12.88 24.87 0.05
CA VAL A 356 11.91 24.83 1.13
C VAL A 356 12.74 24.42 2.34
N SER A 357 12.34 24.92 3.49
CA SER A 357 12.96 24.56 4.76
C SER A 357 12.71 23.07 5.16
N PRO A 358 13.71 22.40 5.78
CA PRO A 358 13.44 21.10 6.39
C PRO A 358 12.36 21.10 7.40
N LYS A 359 12.14 22.22 8.08
CA LYS A 359 11.08 22.30 9.05
C LYS A 359 9.69 22.31 8.38
N LYS A 360 9.61 22.73 7.12
CA LYS A 360 8.34 22.94 6.47
C LYS A 360 8.18 21.94 5.27
N VAL A 361 9.12 21.02 5.07
CA VAL A 361 9.09 20.24 3.79
C VAL A 361 7.92 19.27 3.78
N TYR A 362 7.51 18.75 4.94
CA TYR A 362 6.37 17.84 5.00
C TYR A 362 5.12 18.64 4.73
N LYS A 363 5.02 19.81 5.34
CA LYS A 363 3.88 20.68 5.02
C LYS A 363 3.79 20.95 3.51
N PHE A 364 4.92 21.22 2.88
CA PHE A 364 4.93 21.52 1.46
C PHE A 364 4.41 20.32 0.66
N TYR A 365 4.99 19.15 0.84
CA TYR A 365 4.53 18.01 0.06
C TYR A 365 3.09 17.67 0.39
N ASN A 366 2.73 17.70 1.65
CA ASN A 366 1.40 17.31 2.06
C ASN A 366 0.34 18.29 1.50
N GLU A 367 0.61 19.58 1.46
CA GLU A 367 -0.40 20.45 0.83
C GLU A 367 -0.48 20.27 -0.68
N LEU A 368 0.66 20.10 -1.33
CA LEU A 368 0.67 19.79 -2.75
C LEU A 368 -0.08 18.50 -3.05
N HIS A 369 0.32 17.45 -2.36
CA HIS A 369 -0.26 16.14 -2.60
C HIS A 369 -1.68 15.93 -2.14
N SER A 370 -2.10 16.60 -1.05
CA SER A 370 -3.50 16.62 -0.70
C SER A 370 -4.38 17.25 -1.75
N TYR A 371 -3.95 18.40 -2.27
CA TYR A 371 -4.68 19.03 -3.36
C TYR A 371 -4.79 18.03 -4.59
N LEU A 372 -3.67 17.43 -4.98
CA LEU A 372 -3.70 16.49 -6.13
C LEU A 372 -4.57 15.28 -5.86
N ALA A 373 -4.40 14.66 -4.70
CA ALA A 373 -5.18 13.48 -4.38
C ALA A 373 -6.68 13.76 -4.30
N ASP A 374 -7.04 14.91 -3.77
CA ASP A 374 -8.48 15.33 -3.69
C ASP A 374 -9.02 15.61 -5.07
N ALA A 375 -8.12 15.91 -6.02
CA ALA A 375 -8.50 15.98 -7.42
C ALA A 375 -8.56 14.64 -8.16
N GLY A 376 -8.32 13.50 -7.50
CA GLY A 376 -8.32 12.18 -8.15
C GLY A 376 -6.95 11.72 -8.74
N VAL A 377 -5.87 12.47 -8.47
CA VAL A 377 -4.49 12.11 -8.91
C VAL A 377 -3.99 10.96 -8.01
N ASP A 378 -3.42 9.95 -8.65
CA ASP A 378 -2.97 8.69 -7.98
C ASP A 378 -1.47 8.60 -7.68
N GLY A 379 -0.66 9.48 -8.26
CA GLY A 379 0.74 9.46 -7.96
C GLY A 379 1.54 10.55 -8.57
N VAL A 380 2.82 10.55 -8.22
CA VAL A 380 3.77 11.51 -8.76
C VAL A 380 5.06 10.90 -9.31
N LYS A 381 5.55 11.50 -10.40
CA LYS A 381 6.87 11.26 -10.92
C LYS A 381 7.72 12.37 -10.32
N VAL A 382 8.60 12.02 -9.42
CA VAL A 382 9.40 13.03 -8.67
C VAL A 382 10.80 13.09 -9.22
N ALA A 383 11.08 14.18 -9.89
CA ALA A 383 12.33 14.44 -10.61
C ALA A 383 13.31 15.36 -9.90
N VAL A 384 14.47 15.59 -10.54
CA VAL A 384 15.51 16.52 -10.00
C VAL A 384 16.02 16.11 -8.58
N GLN A 385 16.00 14.80 -8.31
CA GLN A 385 16.24 14.31 -6.95
C GLN A 385 17.62 14.57 -6.39
N CYS A 386 18.65 14.37 -7.22
CA CYS A 386 20.02 14.49 -6.74
C CYS A 386 20.47 15.92 -6.40
N VAL A 387 19.69 16.96 -6.77
CA VAL A 387 20.13 18.31 -6.44
C VAL A 387 20.36 18.48 -4.96
N LEU A 388 19.60 17.78 -4.16
CA LEU A 388 19.74 17.93 -2.72
C LEU A 388 21.15 17.71 -2.23
N GLU A 389 21.93 16.88 -2.91
CA GLU A 389 23.22 16.57 -2.39
C GLU A 389 24.17 17.79 -2.44
N THR A 390 23.79 18.79 -3.24
CA THR A 390 24.57 19.99 -3.47
C THR A 390 24.12 21.15 -2.62
N LEU A 391 23.06 20.97 -1.82
CA LEU A 391 22.40 22.04 -1.12
C LEU A 391 22.42 21.88 0.40
N GLY A 392 23.21 20.94 0.90
CA GLY A 392 23.29 20.63 2.31
C GLY A 392 24.16 21.56 3.18
N GLY A 393 24.81 22.55 2.60
CA GLY A 393 25.74 23.46 3.32
C GLY A 393 25.16 24.08 4.55
N GLY A 394 24.03 24.71 4.44
CA GLY A 394 23.52 25.19 5.81
C GLY A 394 23.20 24.11 6.90
N LEU A 395 23.14 22.82 6.52
CA LEU A 395 22.07 21.98 7.02
C LEU A 395 22.44 20.56 7.34
N GLY A 396 23.70 20.32 7.66
CA GLY A 396 24.12 18.97 8.08
C GLY A 396 24.61 18.08 6.91
N GLY A 397 24.62 18.62 5.70
CA GLY A 397 25.27 18.00 4.55
C GLY A 397 24.30 17.19 3.66
N ARG A 398 24.87 16.57 2.64
CA ARG A 398 24.15 15.83 1.64
C ARG A 398 23.32 14.70 2.18
N VAL A 399 23.82 13.97 3.19
CA VAL A 399 23.10 12.78 3.59
C VAL A 399 21.85 13.18 4.39
N GLU A 400 22.07 14.08 5.32
CA GLU A 400 21.00 14.51 6.19
C GLU A 400 19.90 15.24 5.44
N LEU A 401 20.25 16.12 4.51
CA LEU A 401 19.22 16.84 3.79
C LEU A 401 18.40 15.85 2.94
N THR A 402 19.08 14.95 2.23
CA THR A 402 18.42 13.92 1.41
C THR A 402 17.47 13.11 2.26
N ARG A 403 17.95 12.64 3.39
CA ARG A 403 17.12 11.85 4.28
C ARG A 403 15.91 12.60 4.78
N GLN A 404 16.07 13.85 5.15
CA GLN A 404 14.93 14.61 5.63
C GLN A 404 13.86 14.85 4.56
N PHE A 405 14.28 15.21 3.37
CA PHE A 405 13.29 15.42 2.28
C PHE A 405 12.59 14.13 1.91
N HIS A 406 13.34 13.03 1.86
CA HIS A 406 12.73 11.72 1.54
C HIS A 406 11.79 11.20 2.61
N GLN A 407 12.15 11.45 3.87
CA GLN A 407 11.29 11.05 4.97
C GLN A 407 9.92 11.77 4.76
N ALA A 408 9.95 13.09 4.48
CA ALA A 408 8.74 13.88 4.32
C ALA A 408 7.96 13.45 3.05
N LEU A 409 8.71 13.22 1.97
CA LEU A 409 8.10 12.79 0.66
C LEU A 409 7.37 11.47 0.86
N ASP A 410 8.03 10.52 1.53
CA ASP A 410 7.42 9.24 1.77
C ASP A 410 6.18 9.31 2.65
N SER A 411 6.23 10.09 3.72
CA SER A 411 5.00 10.31 4.51
C SER A 411 3.83 10.83 3.69
N SER A 412 4.07 11.84 2.88
CA SER A 412 3.03 12.44 2.07
C SER A 412 2.51 11.50 1.00
N VAL A 413 3.40 10.75 0.35
CA VAL A 413 3.00 9.72 -0.64
C VAL A 413 2.12 8.65 0.00
N ALA A 414 2.52 8.15 1.16
CA ALA A 414 1.80 7.08 1.83
C ALA A 414 0.42 7.53 2.32
N LYS A 415 0.31 8.79 2.70
CA LYS A 415 -0.94 9.39 3.06
C LYS A 415 -1.86 9.61 1.83
N ASN A 416 -1.31 10.23 0.82
CA ASN A 416 -2.13 10.77 -0.23
C ASN A 416 -2.20 9.90 -1.47
N PHE A 417 -1.17 9.08 -1.71
CA PHE A 417 -1.12 8.18 -2.89
C PHE A 417 -0.86 6.78 -2.41
N PRO A 418 -1.84 6.22 -1.74
CA PRO A 418 -1.52 5.02 -0.99
C PRO A 418 -1.42 3.76 -1.82
N ASP A 419 -1.63 3.79 -3.10
CA ASP A 419 -1.18 2.69 -3.98
C ASP A 419 0.37 2.72 -4.15
N ASN A 420 1.10 3.52 -3.39
CA ASN A 420 2.52 3.73 -3.51
C ASN A 420 2.86 4.46 -4.85
N GLY A 421 2.17 5.56 -5.11
CA GLY A 421 2.25 6.20 -6.42
C GLY A 421 3.42 7.17 -6.44
N CYS A 422 4.61 6.64 -6.67
CA CYS A 422 5.84 7.43 -6.72
C CYS A 422 6.81 6.77 -7.71
N ILE A 423 7.24 7.53 -8.72
CA ILE A 423 8.30 7.11 -9.60
C ILE A 423 9.47 8.00 -9.33
N ALA A 424 10.59 7.41 -8.96
CA ALA A 424 11.82 8.19 -8.69
C ALA A 424 12.54 8.50 -10.02
N CYS A 425 13.00 9.72 -10.15
CA CYS A 425 13.55 10.23 -11.41
C CYS A 425 14.70 11.18 -11.11
N MET A 426 15.81 11.02 -11.83
CA MET A 426 17.10 11.72 -11.69
C MET A 426 17.63 11.51 -10.29
N SER A 427 17.61 10.24 -9.85
CA SER A 427 17.83 9.92 -8.48
C SER A 427 18.90 8.86 -8.27
N HIS A 428 19.88 8.77 -9.12
CA HIS A 428 20.88 7.73 -9.03
C HIS A 428 22.04 8.15 -8.09
N ASN A 429 21.77 8.65 -6.91
CA ASN A 429 22.82 8.80 -5.92
C ASN A 429 22.61 7.83 -4.76
N THR A 430 23.69 7.40 -4.16
CA THR A 430 23.59 6.47 -3.07
C THR A 430 22.94 7.13 -1.83
N ASP A 431 22.98 8.43 -1.76
CA ASP A 431 22.29 9.09 -0.66
C ASP A 431 20.77 8.74 -0.70
N ALA A 432 20.16 8.71 -1.88
CA ALA A 432 18.75 8.41 -2.01
C ALA A 432 18.53 6.89 -2.01
N LEU A 433 19.43 6.10 -2.61
CA LEU A 433 19.23 4.66 -2.70
C LEU A 433 19.23 4.04 -1.35
N TYR A 434 20.19 4.43 -0.52
CA TYR A 434 20.29 3.86 0.84
C TYR A 434 19.28 4.41 1.85
N CYS A 435 18.41 5.33 1.44
CA CYS A 435 17.18 5.64 2.20
C CYS A 435 15.88 5.31 1.42
N SER A 436 15.97 4.43 0.42
CA SER A 436 14.79 4.02 -0.38
C SER A 436 14.02 2.94 0.41
N LYS A 437 13.24 3.43 1.32
CA LYS A 437 12.47 2.57 2.24
C LYS A 437 11.05 2.22 1.79
N GLN A 438 10.54 2.87 0.76
CA GLN A 438 9.16 2.78 0.42
C GLN A 438 8.88 2.84 -1.10
N ALA A 439 9.40 3.85 -1.77
CA ALA A 439 9.23 4.02 -3.21
C ALA A 439 9.70 2.74 -3.97
N ALA A 440 8.99 2.34 -5.02
CA ALA A 440 9.23 1.06 -5.63
C ALA A 440 9.55 1.09 -7.09
N VAL A 441 9.59 2.26 -7.73
CA VAL A 441 9.86 2.35 -9.15
C VAL A 441 10.90 3.44 -9.40
N ILE A 442 11.93 3.11 -10.16
CA ILE A 442 13.03 4.07 -10.38
C ILE A 442 13.40 4.11 -11.83
N ARG A 443 13.45 5.32 -12.37
CA ARG A 443 13.97 5.49 -13.70
C ARG A 443 15.43 5.07 -13.74
N ALA A 444 15.74 4.18 -14.67
CA ALA A 444 17.01 3.47 -14.70
C ALA A 444 18.08 4.08 -15.59
N SER A 445 17.75 5.13 -16.31
CA SER A 445 18.70 5.78 -17.17
C SER A 445 18.30 7.15 -17.50
N ASP A 446 19.22 7.84 -18.16
CA ASP A 446 18.96 9.14 -18.81
C ASP A 446 17.84 8.93 -19.82
N ASP A 447 17.20 10.04 -20.16
CA ASP A 447 15.96 10.12 -20.91
C ASP A 447 16.08 9.52 -22.27
N PHE A 448 14.97 8.97 -22.75
CA PHE A 448 14.79 8.69 -24.19
C PHE A 448 14.91 10.05 -24.90
N TYR A 449 15.71 10.08 -25.95
CA TYR A 449 15.98 11.29 -26.76
C TYR A 449 15.60 11.03 -28.21
N PRO A 450 14.35 11.33 -28.60
CA PRO A 450 13.90 10.95 -29.95
C PRO A 450 14.75 11.60 -31.08
N ARG A 451 15.31 12.77 -30.81
CA ARG A 451 16.07 13.55 -31.81
C ARG A 451 17.55 13.36 -31.78
N ASP A 452 18.10 12.47 -30.96
CA ASP A 452 19.59 12.32 -30.80
C ASP A 452 19.99 10.92 -31.15
N PRO A 453 20.51 10.75 -32.36
CA PRO A 453 20.83 9.42 -32.82
C PRO A 453 21.86 8.64 -31.98
N VAL A 454 22.77 9.33 -31.31
CA VAL A 454 23.75 8.69 -30.46
C VAL A 454 23.08 7.91 -29.27
N SER A 455 21.87 8.33 -28.87
CA SER A 455 21.27 7.97 -27.57
C SER A 455 20.71 6.54 -27.51
N HIS A 456 20.32 5.97 -28.64
CA HIS A 456 19.53 4.74 -28.62
C HIS A 456 20.23 3.52 -28.14
N THR A 457 21.41 3.28 -28.70
CA THR A 457 22.22 2.17 -28.29
C THR A 457 22.67 2.41 -26.88
N ILE A 458 22.98 3.66 -26.54
CA ILE A 458 23.43 3.99 -25.16
C ILE A 458 22.38 3.69 -24.12
N HIS A 459 21.15 4.03 -24.45
CA HIS A 459 20.04 3.90 -23.55
C HIS A 459 19.85 2.41 -23.12
N ILE A 460 19.93 1.53 -24.12
CA ILE A 460 19.77 0.09 -23.90
C ILE A 460 20.89 -0.49 -23.05
N ALA A 461 22.14 -0.15 -23.32
CA ALA A 461 23.19 -0.57 -22.45
C ALA A 461 23.04 0.00 -21.05
N SER A 462 22.72 1.27 -20.96
CA SER A 462 22.68 1.89 -19.63
C SER A 462 21.59 1.30 -18.71
N VAL A 463 20.38 1.17 -19.21
CA VAL A 463 19.20 0.55 -18.46
C VAL A 463 19.58 -0.84 -17.97
N ALA A 464 20.20 -1.65 -18.84
CA ALA A 464 20.55 -3.02 -18.50
C ALA A 464 21.61 -3.15 -17.39
N TYR A 465 22.73 -2.50 -17.56
CA TYR A 465 23.77 -2.48 -16.54
C TYR A 465 23.36 -1.78 -15.23
N ASN A 466 22.74 -0.64 -15.33
CA ASN A 466 22.29 0.06 -14.12
C ASN A 466 21.31 -0.77 -13.37
N SER A 467 20.49 -1.55 -14.12
CA SER A 467 19.48 -2.36 -13.45
C SER A 467 20.05 -3.47 -12.56
N VAL A 468 21.29 -3.87 -12.83
CA VAL A 468 21.98 -4.82 -12.01
C VAL A 468 22.05 -4.38 -10.52
N PHE A 469 22.28 -3.09 -10.31
CA PHE A 469 22.41 -2.48 -8.99
C PHE A 469 21.14 -1.81 -8.52
N LEU A 470 20.50 -1.04 -9.36
CA LEU A 470 19.26 -0.31 -9.01
C LEU A 470 18.12 -1.24 -8.78
N GLY A 471 18.07 -2.36 -9.48
CA GLY A 471 17.01 -3.32 -9.28
C GLY A 471 17.04 -4.01 -7.95
N GLU A 472 18.13 -3.85 -7.19
CA GLU A 472 18.12 -4.38 -5.81
C GLU A 472 17.21 -3.56 -4.88
N PHE A 473 16.97 -2.28 -5.23
CA PHE A 473 16.27 -1.34 -4.36
C PHE A 473 14.86 -1.12 -4.89
N MET A 474 14.70 -0.94 -6.22
CA MET A 474 13.37 -0.60 -6.80
C MET A 474 13.22 -1.27 -8.13
N GLN A 475 12.00 -1.32 -8.64
CA GLN A 475 11.77 -1.87 -9.99
C GLN A 475 12.26 -0.86 -11.03
N PRO A 476 13.19 -1.26 -11.90
CA PRO A 476 13.61 -0.26 -12.89
C PRO A 476 12.57 0.14 -13.92
N ASP A 477 12.58 1.40 -14.31
CA ASP A 477 11.68 1.97 -15.35
C ASP A 477 12.62 2.36 -16.48
N TRP A 478 12.44 1.73 -17.66
CA TRP A 478 13.33 1.91 -18.78
C TRP A 478 12.87 3.11 -19.72
N ASP A 479 11.90 3.88 -19.23
CA ASP A 479 11.48 5.20 -19.75
C ASP A 479 10.48 5.07 -20.91
N MET A 480 9.87 6.19 -21.23
CA MET A 480 9.02 6.31 -22.44
C MET A 480 9.83 6.05 -23.73
N PHE A 481 9.12 5.92 -24.83
CA PHE A 481 9.68 5.81 -26.13
C PHE A 481 8.59 6.22 -27.14
N HIS A 482 8.98 6.25 -28.39
CA HIS A 482 8.05 6.55 -29.48
C HIS A 482 7.75 5.33 -30.32
N SER A 483 6.47 5.09 -30.60
CA SER A 483 6.12 3.95 -31.43
C SER A 483 6.42 4.19 -32.93
N VAL A 484 6.48 5.43 -33.34
CA VAL A 484 6.94 5.82 -34.72
C VAL A 484 8.30 6.53 -34.65
N HIS A 485 9.36 5.83 -35.06
CA HIS A 485 10.70 6.25 -34.88
C HIS A 485 11.54 5.13 -35.49
N PRO A 486 12.68 5.45 -36.06
CA PRO A 486 13.57 4.40 -36.64
C PRO A 486 14.02 3.33 -35.61
N ALA A 487 14.20 3.73 -34.36
CA ALA A 487 14.57 2.82 -33.28
C ALA A 487 13.39 2.31 -32.42
N ALA A 488 12.18 2.42 -32.91
CA ALA A 488 10.99 2.06 -32.19
C ALA A 488 10.99 0.59 -31.70
N GLU A 489 11.31 -0.35 -32.59
CA GLU A 489 11.24 -1.73 -32.29
C GLU A 489 12.38 -2.05 -31.32
N TYR A 490 13.54 -1.44 -31.51
CA TYR A 490 14.66 -1.62 -30.63
C TYR A 490 14.29 -1.20 -29.21
N HIS A 491 13.69 -0.04 -29.06
CA HIS A 491 13.27 0.43 -27.75
C HIS A 491 12.11 -0.36 -27.20
N ALA A 492 11.08 -0.60 -28.00
CA ALA A 492 9.88 -1.31 -27.55
C ALA A 492 10.18 -2.74 -27.00
N SER A 493 11.05 -3.44 -27.71
CA SER A 493 11.45 -4.75 -27.37
C SER A 493 12.14 -4.74 -26.00
N ALA A 494 13.02 -3.78 -25.79
CA ALA A 494 13.67 -3.64 -24.50
C ALA A 494 12.68 -3.33 -23.39
N ARG A 495 11.68 -2.50 -23.64
CA ARG A 495 10.70 -2.23 -22.63
C ARG A 495 9.93 -3.50 -22.24
N ALA A 496 9.62 -4.33 -23.26
CA ALA A 496 8.83 -5.55 -23.06
C ALA A 496 9.52 -6.54 -22.12
N ILE A 497 10.84 -6.58 -22.15
CA ILE A 497 11.64 -7.46 -21.29
C ILE A 497 12.23 -6.80 -20.08
N SER A 498 11.84 -5.57 -19.81
CA SER A 498 12.45 -4.80 -18.73
C SER A 498 11.97 -5.19 -17.33
N GLY A 499 10.76 -5.75 -17.23
CA GLY A 499 10.10 -5.96 -15.99
C GLY A 499 9.41 -4.72 -15.40
N GLY A 500 9.49 -3.61 -16.11
CA GLY A 500 9.13 -2.34 -15.61
C GLY A 500 7.90 -1.80 -16.33
N PRO A 501 7.47 -0.61 -15.95
CA PRO A 501 6.36 0.04 -16.62
C PRO A 501 6.59 0.27 -18.13
N LEU A 502 5.52 0.15 -18.91
CA LEU A 502 5.56 0.19 -20.38
C LEU A 502 4.71 1.39 -20.79
N TYR A 503 5.36 2.43 -21.36
CA TYR A 503 4.66 3.63 -21.77
C TYR A 503 5.37 4.39 -22.90
N VAL A 504 4.54 4.95 -23.77
CA VAL A 504 5.03 5.75 -24.84
C VAL A 504 4.81 7.24 -24.53
N SER A 505 5.50 8.07 -25.29
CA SER A 505 5.32 9.52 -25.26
C SER A 505 5.02 10.08 -26.66
N ASP A 506 4.37 9.25 -27.48
CA ASP A 506 3.91 9.63 -28.83
C ASP A 506 3.10 10.92 -28.88
N SER A 507 3.35 11.78 -29.89
CA SER A 507 2.43 12.86 -30.16
C SER A 507 1.12 12.26 -30.60
N PRO A 508 -0.02 12.90 -30.29
CA PRO A 508 -1.34 12.42 -30.69
C PRO A 508 -1.42 12.15 -32.14
N GLY A 509 -1.93 11.01 -32.54
CA GLY A 509 -1.95 10.66 -33.96
C GLY A 509 -0.63 10.16 -34.59
N LYS A 510 0.47 10.05 -33.84
CA LYS A 510 1.69 9.49 -34.44
C LYS A 510 1.97 8.12 -33.80
N HIS A 511 1.21 7.09 -34.21
CA HIS A 511 1.29 5.78 -33.53
C HIS A 511 1.53 4.70 -34.54
N ASN A 512 2.31 3.69 -34.20
CA ASN A 512 2.38 2.48 -34.99
C ASN A 512 1.65 1.43 -34.18
N PHE A 513 0.38 1.18 -34.50
CA PHE A 513 -0.44 0.24 -33.76
C PHE A 513 -0.01 -1.22 -33.97
N GLU A 514 0.65 -1.54 -35.09
CA GLU A 514 1.13 -2.87 -35.33
C GLU A 514 2.27 -3.16 -34.34
N LEU A 515 3.15 -2.19 -34.10
CA LEU A 515 4.13 -2.31 -33.04
C LEU A 515 3.47 -2.35 -31.67
N LEU A 516 2.53 -1.45 -31.38
CA LEU A 516 1.95 -1.40 -30.05
C LEU A 516 1.15 -2.66 -29.70
N ARG A 517 0.57 -3.33 -30.69
CA ARG A 517 -0.09 -4.60 -30.41
C ARG A 517 0.81 -5.69 -29.92
N LYS A 518 2.10 -5.60 -30.17
CA LYS A 518 3.05 -6.51 -29.63
C LYS A 518 3.40 -6.27 -28.17
N LEU A 519 2.87 -5.19 -27.60
CA LEU A 519 3.10 -4.79 -26.21
C LEU A 519 1.89 -4.74 -25.37
N VAL A 520 0.74 -4.38 -25.98
CA VAL A 520 -0.46 -3.99 -25.27
C VAL A 520 -1.63 -4.79 -25.74
N LEU A 521 -2.32 -5.42 -24.78
CA LEU A 521 -3.58 -6.13 -25.11
C LEU A 521 -4.74 -5.16 -25.30
N PRO A 522 -5.89 -5.62 -25.89
CA PRO A 522 -7.06 -4.76 -26.08
C PRO A 522 -7.64 -4.09 -24.88
N ASP A 523 -7.47 -4.60 -23.68
CA ASP A 523 -7.92 -3.91 -22.46
C ASP A 523 -6.86 -2.96 -21.79
N GLY A 524 -5.75 -2.74 -22.47
CA GLY A 524 -4.64 -1.95 -21.90
C GLY A 524 -3.68 -2.66 -21.00
N SER A 525 -3.83 -3.97 -20.79
CA SER A 525 -2.86 -4.68 -19.93
C SER A 525 -1.65 -5.06 -20.78
N ILE A 526 -0.54 -5.34 -20.10
CA ILE A 526 0.72 -5.70 -20.71
C ILE A 526 1.20 -7.09 -20.18
N LEU A 527 2.22 -7.67 -20.79
CA LEU A 527 2.81 -8.93 -20.34
C LEU A 527 4.13 -8.57 -19.68
N ARG A 528 4.02 -8.13 -18.43
CA ARG A 528 5.19 -7.73 -17.71
C ARG A 528 6.01 -8.96 -17.16
N ALA A 529 7.31 -8.99 -17.33
CA ALA A 529 8.16 -9.99 -16.72
C ALA A 529 8.40 -9.68 -15.21
N ARG A 530 9.00 -10.63 -14.49
CA ARG A 530 8.92 -10.74 -13.03
C ARG A 530 10.08 -10.03 -12.39
N LEU A 531 11.19 -9.81 -13.06
CA LEU A 531 12.46 -9.36 -12.44
C LEU A 531 12.86 -8.08 -13.15
N PRO A 532 13.89 -7.36 -12.65
CA PRO A 532 14.57 -6.32 -13.48
C PRO A 532 15.31 -6.98 -14.63
N GLY A 533 15.15 -6.51 -15.87
CA GLY A 533 15.93 -7.00 -16.95
C GLY A 533 17.39 -6.61 -16.71
N ARG A 534 18.28 -7.55 -16.98
CA ARG A 534 19.71 -7.40 -16.72
C ARG A 534 20.54 -8.16 -17.74
N PRO A 535 21.85 -7.85 -17.82
CA PRO A 535 22.71 -8.56 -18.70
C PRO A 535 22.88 -9.96 -18.16
N THR A 536 23.14 -10.87 -19.07
CA THR A 536 23.48 -12.26 -18.73
C THR A 536 24.85 -12.29 -18.11
N ARG A 537 25.16 -13.41 -17.45
CA ARG A 537 26.43 -13.59 -16.77
C ARG A 537 27.66 -13.27 -17.67
N ASP A 538 27.60 -13.84 -18.85
CA ASP A 538 28.44 -13.59 -20.03
C ASP A 538 28.74 -12.20 -20.41
N CYS A 539 27.77 -11.35 -20.15
CA CYS A 539 27.83 -9.93 -20.59
C CYS A 539 28.25 -9.00 -19.47
N LEU A 540 28.34 -9.49 -18.24
CA LEU A 540 28.57 -8.59 -17.11
C LEU A 540 29.87 -7.89 -17.19
N PHE A 541 30.88 -8.54 -17.80
CA PHE A 541 32.22 -8.05 -17.77
C PHE A 541 32.76 -7.65 -19.15
N ALA A 542 31.90 -7.72 -20.13
CA ALA A 542 32.23 -7.35 -21.51
C ALA A 542 31.31 -6.21 -21.92
N ASP A 543 31.92 -5.05 -22.19
CA ASP A 543 31.24 -3.84 -22.59
C ASP A 543 30.69 -3.85 -24.01
N PRO A 544 29.37 -4.01 -24.15
CA PRO A 544 28.77 -4.12 -25.49
C PRO A 544 28.58 -2.80 -26.26
N ALA A 545 28.87 -1.68 -25.60
CA ALA A 545 28.97 -0.42 -26.26
C ALA A 545 30.39 -0.09 -26.77
N ARG A 546 31.43 -0.63 -26.13
CA ARG A 546 32.83 -0.24 -26.44
C ARG A 546 33.74 -1.36 -26.94
N ASP A 547 33.48 -2.62 -26.66
CA ASP A 547 34.51 -3.62 -26.92
C ASP A 547 34.62 -4.05 -28.39
N GLY A 548 33.69 -3.62 -29.24
CA GLY A 548 33.68 -3.94 -30.66
C GLY A 548 33.52 -5.42 -31.03
N VAL A 549 33.22 -6.27 -30.05
CA VAL A 549 33.23 -7.72 -30.16
C VAL A 549 31.90 -8.41 -29.72
N SER A 550 31.28 -7.92 -28.65
CA SER A 550 30.12 -8.64 -28.09
C SER A 550 28.77 -8.02 -28.34
N LEU A 551 27.77 -8.87 -28.40
CA LEU A 551 26.39 -8.46 -28.36
C LEU A 551 25.94 -8.36 -26.88
N LEU A 552 25.03 -7.47 -26.59
CA LEU A 552 24.41 -7.48 -25.30
C LEU A 552 23.25 -8.44 -25.30
N LYS A 553 23.21 -9.32 -24.27
CA LYS A 553 22.10 -10.21 -24.03
C LYS A 553 21.47 -9.81 -22.70
N ILE A 554 20.17 -9.57 -22.71
CA ILE A 554 19.38 -9.20 -21.56
C ILE A 554 18.43 -10.34 -21.25
N TRP A 555 18.40 -10.75 -19.99
CA TRP A 555 17.49 -11.86 -19.58
C TRP A 555 16.45 -11.38 -18.60
N ASN A 556 15.32 -12.05 -18.65
CA ASN A 556 14.27 -11.90 -17.64
C ASN A 556 13.51 -13.22 -17.49
N MET A 557 12.60 -13.27 -16.55
CA MET A 557 11.79 -14.42 -16.19
C MET A 557 10.33 -14.05 -16.20
N ASN A 558 9.54 -14.98 -16.70
CA ASN A 558 8.11 -14.99 -16.46
C ASN A 558 7.88 -16.11 -15.44
N LYS A 559 6.64 -16.56 -15.29
CA LYS A 559 6.31 -17.65 -14.35
C LYS A 559 6.76 -19.01 -14.89
N TYR A 560 6.48 -19.29 -16.17
CA TYR A 560 6.79 -20.58 -16.78
C TYR A 560 7.71 -20.54 -18.02
N THR A 561 8.27 -19.37 -18.35
CA THR A 561 9.31 -19.26 -19.35
C THR A 561 10.31 -18.24 -18.89
N GLY A 562 11.46 -18.21 -19.55
CA GLY A 562 12.40 -17.11 -19.50
C GLY A 562 12.27 -16.32 -20.79
N VAL A 563 13.02 -15.22 -20.88
CA VAL A 563 13.02 -14.38 -22.09
C VAL A 563 14.41 -13.82 -22.27
N LEU A 564 14.84 -13.68 -23.52
CA LEU A 564 16.19 -13.24 -23.77
C LEU A 564 16.15 -12.29 -24.91
N GLY A 565 16.74 -11.10 -24.73
CA GLY A 565 16.80 -10.09 -25.78
C GLY A 565 18.23 -9.90 -26.15
N VAL A 566 18.50 -9.90 -27.44
CA VAL A 566 19.87 -9.74 -27.93
C VAL A 566 19.92 -8.44 -28.77
N TYR A 567 20.93 -7.62 -28.47
CA TYR A 567 21.07 -6.26 -28.97
C TYR A 567 22.50 -6.05 -29.42
N ASN A 568 22.68 -5.40 -30.56
CA ASN A 568 23.95 -4.80 -30.87
C ASN A 568 23.88 -3.34 -30.46
N CYS A 569 24.64 -2.96 -29.45
CA CYS A 569 24.70 -1.58 -29.05
C CYS A 569 26.11 -0.97 -29.13
N GLN A 570 26.92 -1.53 -30.03
CA GLN A 570 28.22 -0.99 -30.28
C GLN A 570 28.10 0.35 -30.99
N GLY A 571 29.18 1.10 -30.96
CA GLY A 571 29.29 2.29 -31.83
C GLY A 571 29.16 3.61 -31.11
N ALA A 572 28.79 3.59 -29.81
CA ALA A 572 28.55 4.84 -29.09
C ALA A 572 28.64 4.64 -27.61
N ALA A 573 29.14 5.63 -26.88
CA ALA A 573 29.22 5.55 -25.42
C ALA A 573 29.70 6.87 -24.90
N TRP A 574 29.56 7.05 -23.59
CA TRP A 574 30.15 8.18 -22.90
C TRP A 574 31.72 8.16 -23.05
N SER A 575 32.24 9.30 -23.46
CA SER A 575 33.68 9.41 -23.70
C SER A 575 34.33 10.01 -22.47
N SER A 576 35.34 9.35 -21.96
CA SER A 576 36.03 9.93 -20.81
C SER A 576 36.87 11.15 -21.18
N THR A 577 37.14 11.39 -22.47
CA THR A 577 37.92 12.59 -22.85
C THR A 577 37.00 13.71 -23.24
N GLU A 578 35.95 13.45 -24.02
CA GLU A 578 35.02 14.54 -24.29
C GLU A 578 33.99 14.75 -23.18
N ARG A 579 33.91 13.84 -22.21
CA ARG A 579 32.93 13.94 -21.10
C ARG A 579 31.44 14.09 -21.56
N LYS A 580 31.05 13.40 -22.61
CA LYS A 580 29.67 13.35 -23.05
C LYS A 580 29.53 12.13 -23.98
N ASN A 581 28.32 11.82 -24.35
CA ASN A 581 28.06 10.64 -25.19
C ASN A 581 28.37 10.94 -26.62
N ILE A 582 29.17 10.12 -27.27
CA ILE A 582 29.51 10.35 -28.64
C ILE A 582 29.55 9.02 -29.38
N PHE A 583 29.43 9.10 -30.70
CA PHE A 583 29.79 8.00 -31.60
C PHE A 583 31.29 7.72 -31.59
N HIS A 584 31.65 6.46 -31.80
CA HIS A 584 33.03 6.10 -31.99
C HIS A 584 33.14 5.01 -33.01
N GLN A 585 34.37 4.71 -33.40
CA GLN A 585 34.54 3.89 -34.59
C GLN A 585 34.32 2.42 -34.25
N THR A 586 33.75 1.67 -35.18
CA THR A 586 33.68 0.21 -35.06
C THR A 586 34.34 -0.50 -36.26
N LYS A 587 35.06 -1.60 -36.00
CA LYS A 587 35.68 -2.41 -37.06
C LYS A 587 34.62 -2.96 -38.06
N THR A 588 33.59 -3.61 -37.55
CA THR A 588 32.50 -4.10 -38.42
C THR A 588 31.20 -3.37 -38.14
N ASP A 589 30.28 -3.55 -39.07
CA ASP A 589 28.89 -3.28 -38.82
C ASP A 589 28.25 -4.47 -38.04
N SER A 590 28.43 -5.71 -38.52
CA SER A 590 27.69 -6.87 -38.01
C SER A 590 28.55 -7.62 -37.01
N LEU A 591 27.91 -8.18 -35.98
CA LEU A 591 28.58 -9.04 -34.99
C LEU A 591 27.80 -10.34 -34.80
N THR A 592 28.56 -11.40 -34.58
CA THR A 592 28.01 -12.73 -34.32
C THR A 592 28.29 -13.17 -32.90
N GLY A 593 27.26 -13.51 -32.14
CA GLY A 593 27.45 -14.03 -30.78
C GLY A 593 26.66 -15.30 -30.73
N SER A 594 26.26 -15.70 -29.54
CA SER A 594 25.41 -16.85 -29.43
C SER A 594 24.58 -16.85 -28.16
N ILE A 595 23.56 -17.68 -28.19
CA ILE A 595 22.70 -17.86 -27.04
C ILE A 595 22.65 -19.32 -26.64
N ARG A 596 22.40 -19.51 -25.34
CA ARG A 596 22.08 -20.81 -24.75
C ARG A 596 20.95 -20.64 -23.76
N GLY A 597 20.12 -21.68 -23.59
CA GLY A 597 19.03 -21.73 -22.58
C GLY A 597 19.47 -21.13 -21.24
N ARG A 598 20.60 -21.59 -20.76
CA ARG A 598 21.09 -21.22 -19.45
C ARG A 598 21.58 -19.75 -19.36
N ASP A 599 21.71 -19.05 -20.49
CA ASP A 599 21.87 -17.57 -20.46
C ASP A 599 20.78 -16.89 -19.66
N VAL A 600 19.60 -17.49 -19.70
CA VAL A 600 18.56 -17.08 -18.79
C VAL A 600 18.91 -17.61 -17.43
N HIS A 601 19.49 -16.76 -16.61
CA HIS A 601 20.17 -17.24 -15.43
C HIS A 601 19.30 -18.06 -14.50
N SER A 602 18.06 -17.61 -14.26
CA SER A 602 17.17 -18.29 -13.37
C SER A 602 16.20 -19.23 -14.09
N ILE A 603 16.55 -19.69 -15.28
CA ILE A 603 15.60 -20.54 -16.09
C ILE A 603 15.00 -21.76 -15.37
N SER A 604 15.75 -22.36 -14.45
CA SER A 604 15.21 -23.52 -13.62
C SER A 604 13.96 -23.24 -12.90
N GLU A 605 13.81 -21.99 -12.49
CA GLU A 605 12.60 -21.60 -11.80
C GLU A 605 11.36 -21.62 -12.64
N ALA A 606 11.49 -21.68 -13.98
CA ALA A 606 10.30 -21.77 -14.84
C ALA A 606 9.92 -23.26 -15.06
N SER A 607 10.81 -24.19 -14.69
CA SER A 607 10.55 -25.64 -14.90
C SER A 607 9.51 -26.12 -13.89
N THR A 608 8.56 -26.95 -14.32
CA THR A 608 7.57 -27.47 -13.36
C THR A 608 8.17 -28.61 -12.52
N ASP A 609 9.35 -29.10 -12.89
CA ASP A 609 10.01 -30.17 -12.16
C ASP A 609 11.50 -29.98 -12.22
N PRO A 610 12.02 -28.97 -11.50
CA PRO A 610 13.44 -28.65 -11.60
C PRO A 610 14.38 -29.75 -11.17
N THR A 611 13.94 -30.68 -10.31
CA THR A 611 14.85 -31.76 -9.90
C THR A 611 15.07 -32.79 -10.98
N THR A 612 14.09 -33.05 -11.85
CA THR A 612 14.33 -33.99 -12.91
C THR A 612 14.66 -33.34 -14.27
N TRP A 613 14.63 -32.01 -14.37
CA TRP A 613 14.78 -31.39 -15.69
C TRP A 613 16.21 -31.54 -16.19
N ASN A 614 16.40 -31.95 -17.44
CA ASN A 614 17.76 -32.04 -18.04
C ASN A 614 18.32 -30.74 -18.62
N GLY A 615 17.59 -29.62 -18.55
CA GLY A 615 18.09 -28.34 -19.07
C GLY A 615 17.75 -28.04 -20.53
N ASP A 616 17.06 -28.93 -21.22
CA ASP A 616 16.64 -28.64 -22.60
C ASP A 616 15.50 -27.63 -22.61
N CYS A 617 15.60 -26.67 -23.52
CA CYS A 617 14.60 -25.63 -23.73
C CYS A 617 14.04 -25.57 -25.15
N ALA A 618 12.81 -25.15 -25.27
CA ALA A 618 12.29 -24.70 -26.54
C ALA A 618 12.54 -23.19 -26.65
N VAL A 619 13.10 -22.76 -27.77
CA VAL A 619 13.53 -21.37 -28.00
C VAL A 619 12.83 -20.80 -29.24
N TYR A 620 11.96 -19.84 -28.99
CA TYR A 620 11.17 -19.19 -30.04
C TYR A 620 11.65 -17.78 -30.33
N SER A 621 12.00 -17.55 -31.60
CA SER A 621 12.41 -16.24 -32.10
C SER A 621 11.20 -15.49 -32.47
N GLN A 622 10.89 -14.43 -31.76
CA GLN A 622 9.63 -13.80 -32.06
C GLN A 622 9.65 -12.99 -33.36
N SER A 623 10.77 -12.40 -33.78
CA SER A 623 10.86 -11.72 -35.11
C SER A 623 10.83 -12.69 -36.30
N ARG A 624 11.67 -13.72 -36.29
CA ARG A 624 11.66 -14.74 -37.41
C ARG A 624 10.49 -15.70 -37.35
N GLY A 625 9.77 -15.78 -36.23
CA GLY A 625 8.73 -16.80 -36.01
C GLY A 625 9.17 -18.27 -36.06
N GLU A 626 10.40 -18.54 -35.66
CA GLU A 626 11.02 -19.84 -35.68
C GLU A 626 11.16 -20.48 -34.29
N LEU A 627 10.90 -21.76 -34.23
CA LEU A 627 11.04 -22.56 -33.02
C LEU A 627 12.11 -23.59 -33.19
N ILE A 628 13.04 -23.64 -32.25
CA ILE A 628 14.15 -24.51 -32.23
C ILE A 628 14.21 -25.18 -30.86
N VAL A 629 14.51 -26.49 -30.83
CA VAL A 629 14.81 -27.15 -29.56
C VAL A 629 16.28 -26.99 -29.28
N MET A 630 16.68 -26.50 -28.11
CA MET A 630 18.09 -26.37 -27.75
C MET A 630 18.39 -27.20 -26.52
N PRO A 631 19.15 -28.29 -26.75
CA PRO A 631 19.63 -29.07 -25.64
C PRO A 631 20.45 -28.24 -24.69
N TYR A 632 20.56 -28.70 -23.47
CA TYR A 632 21.35 -28.06 -22.46
C TYR A 632 22.79 -27.73 -22.97
N ASN A 633 23.22 -26.49 -22.76
CA ASN A 633 24.55 -26.05 -23.12
C ASN A 633 24.85 -25.82 -24.60
N VAL A 634 24.00 -26.31 -25.52
CA VAL A 634 24.15 -26.11 -26.96
C VAL A 634 23.91 -24.66 -27.28
N SER A 635 24.80 -24.08 -28.07
CA SER A 635 24.74 -22.66 -28.48
C SER A 635 24.07 -22.52 -29.82
N LEU A 636 23.33 -21.43 -30.00
CA LEU A 636 22.66 -21.07 -31.27
C LEU A 636 23.26 -19.68 -31.69
N PRO A 637 23.83 -19.56 -32.94
CA PRO A 637 24.47 -18.35 -33.42
C PRO A 637 23.44 -17.25 -33.65
N VAL A 638 23.80 -16.00 -33.37
CA VAL A 638 22.92 -14.87 -33.62
C VAL A 638 23.81 -13.78 -34.15
N SER A 639 23.38 -13.16 -35.24
CA SER A 639 24.16 -12.13 -35.92
C SER A 639 23.31 -10.90 -35.98
N LEU A 640 23.87 -9.78 -35.61
CA LEU A 640 23.16 -8.52 -35.58
C LEU A 640 24.07 -7.34 -35.95
N LYS A 641 23.53 -6.47 -36.82
CA LYS A 641 24.12 -5.17 -37.11
C LYS A 641 23.75 -4.16 -36.04
N ILE A 642 24.40 -3.02 -36.06
CA ILE A 642 24.30 -2.07 -34.98
C ILE A 642 22.88 -1.60 -34.95
N ARG A 643 22.32 -1.46 -33.75
CA ARG A 643 20.93 -1.04 -33.61
C ARG A 643 19.92 -2.08 -34.11
N GLU A 644 20.31 -3.35 -34.31
CA GLU A 644 19.33 -4.41 -34.54
C GLU A 644 19.19 -5.24 -33.23
N HIS A 645 18.12 -6.03 -33.14
CA HIS A 645 17.89 -6.82 -31.91
C HIS A 645 17.16 -8.06 -32.32
N GLU A 646 17.09 -9.00 -31.39
CA GLU A 646 16.18 -10.14 -31.55
C GLU A 646 15.70 -10.62 -30.17
N ILE A 647 14.41 -10.98 -30.06
CA ILE A 647 13.83 -11.43 -28.86
C ILE A 647 13.53 -12.94 -28.97
N PHE A 648 13.94 -13.69 -27.93
CA PHE A 648 13.71 -15.14 -27.80
C PHE A 648 12.93 -15.45 -26.52
N THR A 649 11.83 -16.16 -26.67
CA THR A 649 11.17 -16.81 -25.55
C THR A 649 11.84 -18.21 -25.31
N VAL A 650 12.19 -18.48 -24.05
CA VAL A 650 13.05 -19.63 -23.72
C VAL A 650 12.25 -20.47 -22.74
N SER A 651 11.74 -21.64 -23.16
CA SER A 651 10.83 -22.45 -22.28
C SER A 651 11.36 -23.82 -21.93
N PRO A 652 11.43 -24.14 -20.62
CA PRO A 652 11.86 -25.49 -20.21
C PRO A 652 10.97 -26.56 -20.79
N ILE A 653 11.57 -27.52 -21.46
CA ILE A 653 10.84 -28.69 -22.00
C ILE A 653 10.52 -29.67 -20.86
N SER A 654 9.28 -30.13 -20.82
CA SER A 654 8.86 -31.21 -19.92
C SER A 654 8.76 -32.52 -20.75
N HIS A 655 9.36 -33.58 -20.24
CA HIS A 655 9.32 -34.91 -20.88
C HIS A 655 8.28 -35.76 -20.22
N LEU A 656 7.11 -35.86 -20.84
CA LEU A 656 5.97 -36.58 -20.22
C LEU A 656 6.30 -38.09 -20.18
N VAL A 657 6.61 -38.64 -21.35
CA VAL A 657 7.09 -40.04 -21.53
C VAL A 657 8.00 -40.03 -22.72
N ASP A 658 8.67 -41.13 -23.00
CA ASP A 658 9.62 -41.15 -24.13
C ASP A 658 8.90 -40.72 -25.40
N GLY A 659 9.45 -39.74 -26.11
CA GLY A 659 8.84 -39.22 -27.34
C GLY A 659 7.75 -38.18 -27.21
N VAL A 660 7.27 -37.91 -26.00
CA VAL A 660 6.20 -36.94 -25.81
C VAL A 660 6.80 -35.87 -24.88
N SER A 661 7.12 -34.71 -25.48
CA SER A 661 7.82 -33.56 -24.86
C SER A 661 7.02 -32.29 -25.20
N PHE A 662 7.00 -31.28 -24.31
CA PHE A 662 6.17 -30.11 -24.50
C PHE A 662 6.79 -28.91 -23.78
N ALA A 663 6.57 -27.73 -24.31
CA ALA A 663 6.90 -26.50 -23.60
C ALA A 663 5.98 -25.41 -24.13
N PRO A 664 5.30 -24.70 -23.22
CA PRO A 664 4.48 -23.57 -23.59
C PRO A 664 5.34 -22.39 -24.07
N ILE A 665 4.89 -21.65 -25.08
CA ILE A 665 5.63 -20.46 -25.57
C ILE A 665 4.82 -19.21 -25.18
N GLY A 666 3.52 -19.17 -25.48
CA GLY A 666 2.64 -18.07 -25.12
C GLY A 666 2.10 -17.30 -26.35
N LEU A 667 1.90 -15.97 -26.19
CA LEU A 667 1.31 -15.14 -27.25
C LEU A 667 2.42 -14.78 -28.17
N VAL A 668 2.56 -15.59 -29.24
CA VAL A 668 3.71 -15.50 -30.13
C VAL A 668 3.87 -14.20 -30.95
N ASN A 669 2.80 -13.46 -31.14
CA ASN A 669 2.91 -12.14 -31.81
C ASN A 669 3.11 -11.00 -30.80
N MET A 670 3.32 -11.31 -29.50
CA MET A 670 3.77 -10.34 -28.57
C MET A 670 5.25 -10.51 -28.23
N TYR A 671 5.95 -9.42 -27.93
CA TYR A 671 7.35 -9.56 -27.58
C TYR A 671 7.63 -10.49 -26.39
N ASN A 672 6.99 -10.26 -25.26
CA ASN A 672 7.20 -11.11 -24.11
C ASN A 672 6.13 -12.20 -24.06
N SER A 673 6.17 -13.09 -25.07
CA SER A 673 5.12 -14.09 -25.28
C SER A 673 4.82 -14.92 -24.06
N GLY A 674 5.88 -15.38 -23.40
CA GLY A 674 5.69 -16.24 -22.21
C GLY A 674 5.05 -15.55 -20.98
N GLY A 675 4.95 -14.23 -20.97
CA GLY A 675 4.27 -13.50 -19.90
C GLY A 675 2.80 -13.77 -19.88
N ALA A 676 2.24 -14.36 -20.94
CA ALA A 676 0.83 -14.71 -20.90
C ALA A 676 0.47 -16.03 -20.12
N ILE A 677 1.43 -16.89 -19.84
CA ILE A 677 1.15 -18.16 -19.23
C ILE A 677 1.10 -17.97 -17.72
N GLU A 678 -0.10 -18.06 -17.18
CA GLU A 678 -0.36 -17.87 -15.77
C GLU A 678 -0.43 -19.17 -14.95
N GLY A 679 -0.70 -20.30 -15.58
CA GLY A 679 -0.68 -21.60 -14.87
C GLY A 679 -0.34 -22.66 -15.89
N LEU A 680 0.25 -23.71 -15.42
CA LEU A 680 0.77 -24.76 -16.25
C LEU A 680 0.85 -26.03 -15.37
N ARG A 681 0.23 -27.11 -15.83
CA ARG A 681 0.31 -28.39 -15.13
C ARG A 681 0.42 -29.50 -16.16
N TYR A 682 1.36 -30.44 -16.01
CA TYR A 682 1.46 -31.59 -16.89
C TYR A 682 0.78 -32.79 -16.22
N GLU A 683 0.02 -33.57 -16.99
CA GLU A 683 -0.62 -34.76 -16.43
C GLU A 683 -0.14 -35.94 -17.29
N ALA A 684 1.06 -36.43 -16.99
CA ALA A 684 1.73 -37.44 -17.85
C ALA A 684 0.90 -38.76 -17.93
N GLU A 685 0.13 -39.05 -16.89
CA GLU A 685 -0.77 -40.26 -16.81
C GLU A 685 -1.92 -40.13 -17.73
N LYS A 686 -2.33 -38.90 -18.10
CA LYS A 686 -3.37 -38.71 -19.14
C LYS A 686 -2.83 -38.16 -20.46
N MET A 687 -1.51 -37.96 -20.58
CA MET A 687 -0.81 -37.39 -21.76
C MET A 687 -1.39 -36.00 -22.11
N LYS A 688 -1.51 -35.15 -21.08
CA LYS A 688 -2.31 -33.93 -21.18
C LYS A 688 -1.59 -32.75 -20.58
N VAL A 689 -1.81 -31.54 -21.13
CA VAL A 689 -1.23 -30.27 -20.59
C VAL A 689 -2.39 -29.31 -20.27
N VAL A 690 -2.39 -28.74 -19.07
CA VAL A 690 -3.50 -27.89 -18.66
C VAL A 690 -2.84 -26.51 -18.37
N MET A 691 -3.33 -25.47 -19.03
CA MET A 691 -2.75 -24.11 -18.94
C MET A 691 -3.84 -23.06 -18.69
N GLU A 692 -3.41 -22.00 -18.02
CA GLU A 692 -4.19 -20.82 -17.89
C GLU A 692 -3.40 -19.68 -18.55
N VAL A 693 -4.06 -19.02 -19.49
CA VAL A 693 -3.41 -18.07 -20.38
C VAL A 693 -4.20 -16.77 -20.43
N LYS A 694 -3.52 -15.66 -20.19
CA LYS A 694 -4.22 -14.35 -20.22
C LYS A 694 -4.10 -13.80 -21.60
N GLY A 695 -4.96 -12.87 -21.95
CA GLY A 695 -4.85 -12.19 -23.23
C GLY A 695 -5.65 -12.79 -24.35
N CYS A 696 -5.21 -12.50 -25.58
CA CYS A 696 -5.87 -12.99 -26.80
C CYS A 696 -4.87 -12.86 -27.89
N GLY A 697 -5.15 -13.49 -29.02
CA GLY A 697 -4.24 -13.53 -30.12
C GLY A 697 -3.76 -14.97 -30.33
N LYS A 698 -2.75 -15.07 -31.15
CA LYS A 698 -2.16 -16.37 -31.47
C LYS A 698 -1.28 -16.94 -30.34
N PHE A 699 -1.68 -18.13 -29.93
CA PHE A 699 -1.00 -18.86 -28.90
C PHE A 699 -0.18 -19.98 -29.51
N GLY A 700 1.04 -20.11 -29.05
CA GLY A 700 1.98 -21.11 -29.51
C GLY A 700 2.56 -21.97 -28.40
N SER A 701 2.99 -23.15 -28.78
CA SER A 701 3.64 -24.11 -27.88
C SER A 701 4.53 -25.08 -28.68
N TYR A 702 5.52 -25.65 -27.99
CA TYR A 702 6.34 -26.75 -28.51
C TYR A 702 5.70 -28.09 -28.06
N SER A 703 5.46 -28.98 -29.03
CA SER A 703 5.09 -30.40 -28.80
C SER A 703 5.86 -31.30 -29.79
N SER A 704 6.53 -32.33 -29.27
CA SER A 704 7.24 -33.29 -30.09
C SER A 704 6.27 -34.11 -30.94
N VAL A 705 4.99 -34.15 -30.59
CA VAL A 705 4.00 -34.86 -31.35
C VAL A 705 2.83 -33.99 -31.64
N LYS A 706 2.18 -34.30 -32.77
CA LYS A 706 0.94 -33.62 -33.11
C LYS A 706 -0.11 -33.83 -32.05
N PRO A 707 -0.72 -32.74 -31.51
CA PRO A 707 -1.73 -32.96 -30.52
C PRO A 707 -2.93 -33.65 -31.14
N LYS A 708 -3.65 -34.39 -30.31
CA LYS A 708 -4.89 -35.04 -30.71
C LYS A 708 -5.99 -34.03 -30.74
N ARG A 709 -5.98 -33.13 -29.75
CA ARG A 709 -7.04 -32.14 -29.56
C ARG A 709 -6.48 -30.95 -28.81
N CYS A 710 -6.95 -29.76 -29.13
CA CYS A 710 -6.68 -28.59 -28.32
C CYS A 710 -8.02 -28.07 -27.93
N VAL A 711 -8.17 -27.78 -26.63
CA VAL A 711 -9.42 -27.43 -26.05
C VAL A 711 -9.27 -26.08 -25.31
N VAL A 712 -10.22 -25.16 -25.50
CA VAL A 712 -10.18 -23.87 -24.86
C VAL A 712 -11.56 -23.68 -24.27
N GLU A 713 -11.64 -23.54 -22.95
CA GLU A 713 -12.91 -23.30 -22.27
C GLU A 713 -13.89 -24.41 -22.63
N SER A 714 -13.45 -25.66 -22.56
CA SER A 714 -14.35 -26.81 -22.83
C SER A 714 -14.70 -27.09 -24.27
N ASN A 715 -14.24 -26.30 -25.24
CA ASN A 715 -14.55 -26.57 -26.64
C ASN A 715 -13.32 -26.80 -27.48
N GLU A 716 -13.42 -27.80 -28.33
CA GLU A 716 -12.31 -28.22 -29.14
C GLU A 716 -12.14 -27.09 -30.14
N ILE A 717 -10.92 -26.75 -30.53
CA ILE A 717 -10.69 -25.70 -31.50
C ILE A 717 -9.70 -26.16 -32.48
N ALA A 718 -9.66 -25.51 -33.63
CA ALA A 718 -8.73 -25.88 -34.66
C ALA A 718 -7.36 -25.39 -34.32
N PHE A 719 -6.36 -26.02 -34.92
CA PHE A 719 -5.02 -25.68 -34.60
C PHE A 719 -4.16 -26.07 -35.74
N GLU A 720 -2.98 -25.50 -35.80
CA GLU A 720 -1.99 -25.88 -36.74
C GLU A 720 -0.81 -26.49 -36.04
N TYR A 721 -0.13 -27.34 -36.79
CA TYR A 721 1.08 -28.03 -36.30
C TYR A 721 2.11 -28.10 -37.36
N ASP A 722 3.30 -27.59 -37.07
CA ASP A 722 4.43 -27.74 -37.94
C ASP A 722 5.23 -28.93 -37.43
N SER A 723 5.18 -30.05 -38.16
CA SER A 723 5.81 -31.30 -37.66
C SER A 723 7.30 -31.24 -37.74
N SER A 724 7.84 -30.35 -38.55
CA SER A 724 9.28 -30.21 -38.56
C SER A 724 9.82 -29.52 -37.28
N SER A 725 9.14 -28.48 -36.79
CA SER A 725 9.68 -27.69 -35.65
C SER A 725 9.01 -28.13 -34.34
N GLY A 726 7.82 -28.70 -34.42
CA GLY A 726 6.99 -28.95 -33.25
C GLY A 726 6.09 -27.80 -32.82
N LEU A 727 5.97 -26.76 -33.64
CA LEU A 727 5.22 -25.58 -33.22
C LEU A 727 3.75 -25.84 -33.38
N VAL A 728 3.03 -25.78 -32.25
CA VAL A 728 1.59 -25.84 -32.21
C VAL A 728 1.07 -24.41 -32.06
N THR A 729 -0.02 -24.12 -32.75
CA THR A 729 -0.55 -22.77 -32.84
C THR A 729 -2.07 -22.79 -32.97
N PHE A 730 -2.72 -21.94 -32.18
CA PHE A 730 -4.16 -21.72 -32.29
C PHE A 730 -4.49 -20.33 -31.80
N GLU A 731 -5.70 -19.88 -32.14
CA GLU A 731 -6.13 -18.52 -31.83
C GLU A 731 -6.92 -18.46 -30.59
N LEU A 732 -6.62 -17.52 -29.68
CA LEU A 732 -7.45 -17.19 -28.54
C LEU A 732 -8.17 -15.93 -28.92
N ASP A 733 -9.47 -16.05 -29.08
CA ASP A 733 -10.15 -15.17 -30.02
C ASP A 733 -10.32 -13.78 -29.44
N LYS A 734 -10.71 -13.75 -28.17
CA LYS A 734 -11.17 -12.57 -27.50
C LYS A 734 -10.51 -12.71 -26.23
N MET A 735 -10.43 -11.59 -25.50
CA MET A 735 -10.01 -11.56 -24.11
C MET A 735 -10.98 -12.41 -23.29
N PRO A 736 -10.56 -12.93 -22.13
CA PRO A 736 -11.44 -13.77 -21.31
C PRO A 736 -12.77 -13.07 -21.03
N ILE A 737 -13.89 -13.75 -21.27
CA ILE A 737 -15.29 -13.26 -20.98
C ILE A 737 -15.42 -13.21 -19.44
N GLU A 738 -16.32 -12.34 -18.92
CA GLU A 738 -16.18 -11.71 -17.58
C GLU A 738 -14.94 -10.72 -17.64
N ASN A 739 -13.96 -10.54 -16.73
CA ASN A 739 -13.57 -11.13 -15.41
C ASN A 739 -12.86 -12.45 -15.37
N LYS A 740 -13.16 -13.42 -16.23
CA LYS A 740 -12.91 -14.83 -15.86
C LYS A 740 -11.46 -15.16 -16.10
N ARG A 741 -10.66 -14.38 -15.41
CA ARG A 741 -9.41 -13.78 -15.85
C ARG A 741 -8.50 -14.45 -16.89
N PHE A 742 -8.64 -15.77 -17.12
CA PHE A 742 -7.66 -16.49 -17.93
C PHE A 742 -8.41 -17.38 -18.87
N HIS A 743 -7.83 -17.75 -19.99
CA HIS A 743 -8.38 -18.83 -20.78
C HIS A 743 -7.84 -20.17 -20.19
N LEU A 744 -8.73 -21.13 -19.99
CA LEU A 744 -8.35 -22.47 -19.58
C LEU A 744 -8.13 -23.31 -20.83
N ILE A 745 -6.91 -23.79 -21.01
CA ILE A 745 -6.56 -24.49 -22.21
C ILE A 745 -6.14 -25.89 -21.84
N GLN A 746 -6.53 -26.90 -22.64
CA GLN A 746 -6.09 -28.29 -22.46
C GLN A 746 -5.55 -28.77 -23.75
N VAL A 747 -4.32 -29.29 -23.75
CA VAL A 747 -3.68 -29.80 -24.96
C VAL A 747 -3.55 -31.32 -24.68
N GLU A 748 -4.19 -32.13 -25.53
CA GLU A 748 -4.25 -33.61 -25.37
C GLU A 748 -3.28 -34.18 -26.39
N LEU A 749 -2.24 -34.82 -25.89
CA LEU A 749 -1.21 -35.40 -26.68
C LEU A 749 -1.46 -36.95 -26.64
N PRO B 5 -28.29 30.68 5.03
CA PRO B 5 -27.05 29.92 5.25
C PRO B 5 -27.17 28.59 6.03
N ALA B 6 -28.37 27.98 6.10
CA ALA B 6 -28.67 26.74 6.90
C ALA B 6 -28.20 26.76 8.36
N VAL B 7 -26.93 27.11 8.62
CA VAL B 7 -26.45 27.33 9.98
C VAL B 7 -25.87 28.74 10.18
N ARG B 8 -26.36 29.44 11.20
CA ARG B 8 -25.86 30.79 11.48
C ARG B 8 -26.17 31.19 12.91
N ILE B 9 -25.34 32.10 13.42
CA ILE B 9 -25.54 32.76 14.70
C ILE B 9 -26.10 34.18 14.48
N SER B 10 -27.33 34.40 14.97
CA SER B 10 -28.07 35.69 14.90
C SER B 10 -28.78 35.96 16.25
N ASP B 11 -28.61 37.18 16.81
CA ASP B 11 -28.87 37.49 18.23
C ASP B 11 -27.77 36.75 18.92
N GLY B 12 -28.05 36.20 20.09
CA GLY B 12 -27.24 35.09 20.61
C GLY B 12 -27.95 33.76 20.41
N ASN B 13 -28.44 33.50 19.20
CA ASN B 13 -29.07 32.20 18.85
C ASN B 13 -28.37 31.47 17.65
N LEU B 14 -28.06 30.19 17.83
CA LEU B 14 -27.60 29.33 16.73
C LEU B 14 -28.85 28.81 16.05
N ILE B 15 -28.98 29.13 14.77
CA ILE B 15 -30.22 28.84 14.05
C ILE B 15 -29.93 27.85 12.95
N ILE B 16 -30.75 26.79 12.92
CA ILE B 16 -30.62 25.67 12.00
C ILE B 16 -31.90 25.61 11.18
N LYS B 17 -31.79 26.03 9.92
CA LYS B 17 -32.96 26.12 9.01
C LYS B 17 -34.17 26.78 9.69
N ASN B 18 -33.92 27.97 10.24
CA ASN B 18 -34.94 28.77 10.97
C ASN B 18 -35.67 28.13 12.16
N ARG B 19 -34.98 27.20 12.84
CA ARG B 19 -35.29 26.80 14.21
C ARG B 19 -34.09 27.19 15.06
N THR B 20 -34.36 27.72 16.24
CA THR B 20 -33.36 27.99 17.24
C THR B 20 -33.00 26.69 17.95
N ILE B 21 -31.74 26.32 17.83
CA ILE B 21 -31.22 25.09 18.42
C ILE B 21 -30.46 25.39 19.71
N LEU B 22 -29.68 26.47 19.71
CA LEU B 22 -29.03 26.96 20.93
C LEU B 22 -29.41 28.44 21.16
N THR B 23 -29.71 28.77 22.42
CA THR B 23 -30.02 30.12 22.83
C THR B 23 -28.86 30.57 23.70
N GLY B 24 -28.64 31.88 23.76
CA GLY B 24 -27.68 32.45 24.71
C GLY B 24 -26.24 32.22 24.33
N VAL B 25 -25.92 32.30 23.05
CA VAL B 25 -24.55 32.18 22.60
C VAL B 25 -23.76 33.41 23.06
N PRO B 26 -22.71 33.23 23.86
CA PRO B 26 -21.98 34.41 24.36
C PRO B 26 -21.29 35.26 23.28
N ASP B 27 -20.83 36.42 23.72
CA ASP B 27 -20.41 37.51 22.87
C ASP B 27 -18.94 37.29 22.44
N ASN B 28 -18.23 36.42 23.17
CA ASN B 28 -16.83 36.08 22.90
C ASN B 28 -16.64 34.82 21.97
N VAL B 29 -17.75 34.25 21.51
CA VAL B 29 -17.78 33.15 20.56
C VAL B 29 -17.74 33.72 19.15
N ILE B 30 -16.75 33.31 18.35
CA ILE B 30 -16.63 33.86 17.01
C ILE B 30 -16.87 32.76 16.00
N THR B 31 -17.34 33.15 14.82
CA THR B 31 -17.67 32.20 13.78
C THR B 31 -17.14 32.60 12.44
N THR B 32 -16.90 31.60 11.61
CA THR B 32 -16.53 31.80 10.23
C THR B 32 -16.94 30.63 9.35
N SER B 33 -17.26 30.94 8.09
CA SER B 33 -17.47 29.93 7.04
C SER B 33 -16.50 30.09 5.89
N ALA B 34 -15.53 30.97 6.07
CA ALA B 34 -14.55 31.27 5.05
C ALA B 34 -13.60 30.07 4.95
N SER B 35 -13.11 29.77 3.74
CA SER B 35 -12.05 28.79 3.50
C SER B 35 -11.35 29.06 2.15
N GLU B 36 -10.25 28.36 1.86
CA GLU B 36 -9.67 28.37 0.49
C GLU B 36 -10.70 28.01 -0.61
N ALA B 37 -11.61 27.08 -0.31
CA ALA B 37 -12.52 26.47 -1.31
C ALA B 37 -13.76 27.21 -1.90
N GLY B 38 -14.27 28.35 -1.41
CA GLY B 38 -14.03 28.94 -0.13
C GLY B 38 -15.24 28.83 0.78
N PRO B 39 -16.33 29.58 0.50
CA PRO B 39 -17.44 29.55 1.49
C PRO B 39 -18.07 28.16 1.72
N VAL B 40 -18.09 27.75 2.97
CA VAL B 40 -18.40 26.38 3.41
C VAL B 40 -19.86 26.34 3.97
N GLU B 41 -20.59 25.21 3.82
CA GLU B 41 -22.01 25.05 4.25
C GLU B 41 -22.24 24.74 5.74
N GLY B 42 -21.44 25.30 6.61
CA GLY B 42 -21.59 25.10 8.04
C GLY B 42 -20.76 26.22 8.59
N VAL B 43 -20.30 26.07 9.83
CA VAL B 43 -19.58 27.20 10.52
C VAL B 43 -18.53 26.59 11.38
N PHE B 44 -17.31 27.09 11.25
CA PHE B 44 -16.27 26.91 12.24
C PHE B 44 -16.47 27.88 13.41
N VAL B 45 -16.23 27.41 14.62
CA VAL B 45 -16.52 28.14 15.82
C VAL B 45 -15.30 28.14 16.66
N GLY B 46 -15.02 29.32 17.22
CA GLY B 46 -13.93 29.53 18.16
C GLY B 46 -14.35 30.53 19.22
N ALA B 47 -13.38 31.06 19.92
CA ALA B 47 -13.69 32.08 20.93
C ALA B 47 -12.45 32.85 21.26
N VAL B 48 -12.66 34.04 21.83
CA VAL B 48 -11.56 34.85 22.37
C VAL B 48 -11.66 34.98 23.89
N PHE B 49 -10.49 34.88 24.53
CA PHE B 49 -10.39 34.94 25.97
C PHE B 49 -9.49 36.11 26.38
N ASN B 50 -9.65 36.51 27.64
CA ASN B 50 -8.86 37.59 28.23
C ASN B 50 -7.43 37.15 28.52
N LYS B 51 -7.25 35.94 29.05
CA LYS B 51 -5.95 35.43 29.46
C LYS B 51 -5.48 34.29 28.55
N GLU B 52 -4.20 34.32 28.24
CA GLU B 52 -3.46 33.18 27.74
C GLU B 52 -3.47 32.04 28.78
N GLU B 53 -4.08 30.88 28.47
CA GLU B 53 -4.14 29.74 29.40
C GLU B 53 -3.98 28.39 28.66
N SER B 54 -3.53 27.37 29.38
CA SER B 54 -3.40 26.02 28.85
C SER B 54 -4.76 25.25 28.87
N LYS B 55 -5.79 25.81 29.52
CA LYS B 55 -7.14 25.24 29.52
C LYS B 55 -8.17 26.39 29.46
N HIS B 56 -9.23 26.22 28.64
CA HIS B 56 -10.41 27.12 28.64
C HIS B 56 -11.68 26.34 28.49
N ILE B 57 -12.77 26.92 28.99
CA ILE B 57 -14.14 26.37 28.82
C ILE B 57 -14.98 27.58 28.41
N VAL B 58 -15.79 27.47 27.36
CA VAL B 58 -16.68 28.56 26.98
C VAL B 58 -17.98 27.92 26.55
N PRO B 59 -19.13 28.40 27.10
CA PRO B 59 -20.42 27.86 26.66
C PRO B 59 -20.71 28.25 25.22
N ILE B 60 -21.27 27.36 24.46
CA ILE B 60 -21.57 27.62 23.07
C ILE B 60 -23.04 28.06 22.98
N GLY B 61 -23.82 27.65 23.96
CA GLY B 61 -25.21 28.03 24.05
C GLY B 61 -25.95 26.97 24.82
N THR B 62 -27.25 27.20 24.98
CA THR B 62 -28.10 26.37 25.79
C THR B 62 -28.94 25.51 24.89
N LEU B 63 -28.98 24.22 25.19
CA LEU B 63 -29.75 23.23 24.44
C LEU B 63 -30.85 22.72 25.32
N ARG B 64 -32.09 22.80 24.85
CA ARG B 64 -33.27 22.30 25.54
C ARG B 64 -34.27 21.76 24.53
N ASN B 65 -34.83 20.60 24.83
CA ASN B 65 -35.87 19.93 24.04
C ASN B 65 -35.48 19.60 22.60
N SER B 66 -34.31 18.95 22.42
CA SER B 66 -33.77 18.56 21.08
C SER B 66 -33.00 17.25 21.25
N ARG B 67 -33.48 16.16 20.65
CA ARG B 67 -32.86 14.85 20.83
C ARG B 67 -31.43 14.93 20.35
N PHE B 68 -30.53 14.27 21.07
CA PHE B 68 -29.15 14.17 20.64
C PHE B 68 -28.63 12.77 20.83
N MET B 69 -27.60 12.42 20.07
CA MET B 69 -26.78 11.19 20.31
C MET B 69 -25.37 11.67 20.46
N SER B 70 -24.65 11.13 21.44
CA SER B 70 -23.29 11.54 21.62
C SER B 70 -22.42 10.33 21.82
N CYS B 71 -21.16 10.46 21.40
CA CYS B 71 -20.10 9.54 21.72
C CYS B 71 -19.08 10.27 22.63
N PHE B 72 -18.85 9.68 23.81
CA PHE B 72 -18.04 10.29 24.88
C PHE B 72 -17.12 9.22 25.43
N ARG B 73 -16.02 9.68 25.96
CA ARG B 73 -15.04 8.80 26.57
C ARG B 73 -15.39 8.48 28.03
N PHE B 74 -15.84 7.27 28.25
CA PHE B 74 -16.07 6.74 29.55
C PHE B 74 -14.78 6.24 30.21
N LYS B 75 -13.76 5.90 29.42
CA LYS B 75 -12.39 5.61 29.91
C LYS B 75 -11.50 6.41 28.99
N LEU B 76 -10.24 6.59 29.39
CA LEU B 76 -9.27 7.29 28.56
C LEU B 76 -9.25 6.77 27.08
N TRP B 77 -9.46 5.48 26.95
CA TRP B 77 -9.13 4.70 25.78
C TRP B 77 -10.30 4.57 24.85
N TRP B 78 -11.52 4.70 25.39
CA TRP B 78 -12.67 4.23 24.68
C TRP B 78 -13.89 5.09 24.88
N MET B 79 -14.73 5.04 23.84
CA MET B 79 -15.98 5.79 23.76
C MET B 79 -17.16 4.84 23.92
N ALA B 80 -18.29 5.45 24.29
CA ALA B 80 -19.57 4.79 24.27
C ALA B 80 -20.62 5.87 24.07
N GLN B 81 -21.85 5.43 23.88
CA GLN B 81 -22.96 6.26 23.46
C GLN B 81 -23.82 6.79 24.63
N ARG B 82 -24.32 8.00 24.49
CA ARG B 82 -25.32 8.58 25.41
C ARG B 82 -26.29 9.46 24.61
N MET B 83 -27.59 9.30 24.86
CA MET B 83 -28.63 10.07 24.20
C MET B 83 -29.29 11.00 25.23
N GLY B 84 -30.06 11.96 24.78
CA GLY B 84 -30.83 12.80 25.67
C GLY B 84 -31.45 13.93 24.90
N GLU B 85 -31.95 14.88 25.67
CA GLU B 85 -32.70 16.04 25.19
C GLU B 85 -32.29 17.38 25.74
N MET B 86 -31.43 17.40 26.76
CA MET B 86 -31.09 18.61 27.47
C MET B 86 -29.56 18.67 27.51
N GLY B 87 -29.05 19.89 27.40
CA GLY B 87 -27.63 20.21 27.51
C GLY B 87 -26.98 19.55 28.69
N ARG B 88 -27.75 19.42 29.78
CA ARG B 88 -27.23 18.84 31.01
C ARG B 88 -26.88 17.38 30.89
N ASP B 89 -27.54 16.65 29.98
CA ASP B 89 -27.30 15.23 29.77
C ASP B 89 -26.04 14.95 28.88
N ILE B 90 -25.37 16.00 28.40
CA ILE B 90 -24.18 15.83 27.48
C ILE B 90 -23.04 15.46 28.37
N PRO B 91 -22.48 14.22 28.25
CA PRO B 91 -21.40 13.82 29.16
C PRO B 91 -20.13 14.58 29.00
N TYR B 92 -19.30 14.48 30.03
CA TYR B 92 -17.96 14.95 29.94
C TYR B 92 -17.26 14.17 28.79
N GLU B 93 -16.30 14.81 28.15
CA GLU B 93 -15.46 14.18 27.09
C GLU B 93 -16.26 13.70 25.87
N THR B 94 -17.26 14.49 25.48
CA THR B 94 -18.09 14.24 24.34
C THR B 94 -17.27 14.67 23.12
N GLN B 95 -16.99 13.72 22.26
CA GLN B 95 -16.15 13.92 21.07
C GLN B 95 -16.90 14.08 19.75
N PHE B 96 -18.18 13.68 19.70
CA PHE B 96 -19.02 13.75 18.58
C PHE B 96 -20.44 13.93 19.17
N LEU B 97 -21.17 14.87 18.59
CA LEU B 97 -22.58 15.16 18.98
C LEU B 97 -23.42 15.36 17.73
N LEU B 98 -24.50 14.61 17.63
CA LEU B 98 -25.46 14.75 16.57
C LEU B 98 -26.81 15.17 17.19
N VAL B 99 -27.40 16.21 16.64
CA VAL B 99 -28.65 16.76 17.17
C VAL B 99 -29.73 16.72 16.06
N GLU B 100 -30.91 16.26 16.43
CA GLU B 100 -32.11 16.22 15.59
C GLU B 100 -32.99 17.47 15.85
N SER B 101 -33.44 18.12 14.79
CA SER B 101 -34.23 19.38 14.81
C SER B 101 -35.41 19.17 13.91
N ASN B 102 -36.32 20.13 13.86
CA ASN B 102 -37.31 20.17 12.78
C ASN B 102 -37.01 21.28 11.78
N LYS B 120 -35.70 14.95 11.16
CA LYS B 120 -35.99 15.82 10.04
C LYS B 120 -34.79 16.67 9.56
N VAL B 121 -34.17 17.46 10.43
CA VAL B 121 -32.87 18.09 10.12
C VAL B 121 -31.84 17.61 11.14
N TYR B 122 -30.60 17.37 10.69
CA TYR B 122 -29.55 16.81 11.60
C TYR B 122 -28.37 17.73 11.57
N THR B 123 -27.83 18.03 12.75
CA THR B 123 -26.72 18.93 12.90
C THR B 123 -25.60 18.15 13.59
N VAL B 124 -24.39 18.14 13.02
CA VAL B 124 -23.25 17.52 13.68
C VAL B 124 -22.42 18.60 14.33
N PHE B 125 -21.92 18.31 15.52
CA PHE B 125 -20.95 19.16 16.16
C PHE B 125 -19.65 18.35 16.27
N LEU B 126 -18.59 18.81 15.66
CA LEU B 126 -17.28 18.15 15.72
C LEU B 126 -16.28 19.01 16.45
N PRO B 127 -16.03 18.73 17.73
CA PRO B 127 -14.93 19.42 18.38
C PRO B 127 -13.57 18.94 17.80
N LEU B 128 -12.72 19.90 17.48
CA LEU B 128 -11.50 19.73 16.74
C LEU B 128 -10.21 19.98 17.51
N ILE B 129 -9.12 19.54 16.85
CA ILE B 129 -7.75 19.94 17.11
C ILE B 129 -7.51 21.27 16.44
N GLU B 130 -6.88 22.21 17.15
CA GLU B 130 -6.47 23.48 16.56
C GLU B 130 -5.11 23.87 17.13
N GLY B 131 -4.10 23.92 16.28
CA GLY B 131 -2.72 24.17 16.68
C GLY B 131 -2.31 23.15 17.70
N SER B 132 -1.86 23.60 18.87
CA SER B 132 -1.54 22.71 20.00
C SER B 132 -2.67 22.32 20.94
N PHE B 133 -3.90 22.75 20.67
CA PHE B 133 -5.05 22.45 21.55
C PHE B 133 -6.03 21.41 20.96
N ARG B 134 -6.59 20.60 21.85
CA ARG B 134 -7.62 19.65 21.54
C ARG B 134 -8.92 20.06 22.25
N SER B 135 -10.03 20.02 21.54
CA SER B 135 -11.34 20.33 22.16
C SER B 135 -12.26 19.16 22.32
N CYS B 136 -13.08 19.21 23.35
CA CYS B 136 -14.24 18.35 23.43
C CYS B 136 -15.42 19.18 23.97
N LEU B 137 -16.59 18.54 24.02
CA LEU B 137 -17.84 19.11 24.51
C LEU B 137 -18.22 18.46 25.84
N GLN B 138 -18.93 19.23 26.67
CA GLN B 138 -19.46 18.76 27.95
C GLN B 138 -20.77 19.58 28.23
N GLY B 139 -21.75 18.92 28.80
CA GLY B 139 -22.93 19.62 29.31
C GLY B 139 -22.59 20.32 30.64
N ASN B 140 -23.38 21.32 30.99
CA ASN B 140 -23.36 21.81 32.37
C ASN B 140 -24.79 21.84 32.91
N VAL B 141 -24.92 21.97 34.24
CA VAL B 141 -26.23 21.96 34.95
C VAL B 141 -27.31 22.95 34.39
N ASN B 142 -26.92 24.12 33.85
CA ASN B 142 -27.84 25.08 33.16
C ASN B 142 -28.16 24.79 31.66
N ASP B 143 -27.81 23.56 31.23
CA ASP B 143 -28.07 23.05 29.88
C ASP B 143 -27.20 23.69 28.80
N GLU B 144 -26.11 24.33 29.20
CA GLU B 144 -25.22 24.97 28.26
C GLU B 144 -24.34 23.84 27.70
N VAL B 145 -24.12 23.88 26.40
CA VAL B 145 -23.11 23.04 25.76
C VAL B 145 -21.80 23.76 25.86
N GLU B 146 -20.83 23.19 26.56
CA GLU B 146 -19.55 23.83 26.69
C GLU B 146 -18.46 23.19 25.82
N LEU B 147 -17.63 24.04 25.25
CA LEU B 147 -16.45 23.65 24.50
C LEU B 147 -15.30 23.74 25.47
N CYS B 148 -14.59 22.63 25.63
CA CYS B 148 -13.47 22.53 26.56
C CYS B 148 -12.17 22.45 25.72
N LEU B 149 -11.28 23.44 25.83
CA LEU B 149 -10.06 23.50 25.03
C LEU B 149 -8.84 23.23 25.90
N GLU B 150 -8.02 22.20 25.58
CA GLU B 150 -6.85 21.87 26.43
C GLU B 150 -5.57 21.64 25.59
N SER B 151 -4.43 22.12 26.07
CA SER B 151 -3.10 21.81 25.47
C SER B 151 -2.47 20.59 26.08
N GLY B 152 -2.87 20.25 27.30
CA GLY B 152 -2.21 19.20 28.06
C GLY B 152 -0.78 19.51 28.46
N ASP B 153 -0.45 20.79 28.45
CA ASP B 153 0.89 21.23 28.82
C ASP B 153 0.80 22.67 29.44
N VAL B 154 1.18 22.82 30.73
CA VAL B 154 1.13 24.18 31.40
C VAL B 154 1.88 25.26 30.67
N ASP B 155 2.95 24.91 29.97
CA ASP B 155 3.72 25.89 29.21
C ASP B 155 3.18 26.19 27.82
N THR B 156 2.07 25.59 27.38
CA THR B 156 1.54 25.88 26.07
C THR B 156 0.19 26.55 26.29
N LYS B 157 0.12 27.83 25.96
CA LYS B 157 -1.05 28.64 26.32
C LYS B 157 -1.51 29.39 25.09
N ARG B 158 -2.83 29.66 25.04
CA ARG B 158 -3.48 30.47 23.98
C ARG B 158 -4.66 31.24 24.55
N SER B 159 -5.00 32.36 23.89
CA SER B 159 -6.14 33.21 24.30
C SER B 159 -7.22 33.33 23.24
N SER B 160 -6.95 32.93 22.00
CA SER B 160 -7.96 32.90 20.97
C SER B 160 -7.85 31.75 19.95
N PHE B 161 -9.02 31.39 19.43
CA PHE B 161 -9.22 30.18 18.62
C PHE B 161 -10.27 30.51 17.59
N THR B 162 -10.07 30.11 16.33
CA THR B 162 -11.09 30.31 15.27
C THR B 162 -11.72 29.01 14.68
N HIS B 163 -11.13 27.85 14.93
CA HIS B 163 -11.56 26.60 14.29
C HIS B 163 -11.47 25.45 15.25
N SER B 164 -12.10 25.58 16.42
CA SER B 164 -12.02 24.55 17.45
C SER B 164 -13.28 23.69 17.46
N LEU B 165 -14.25 24.05 16.62
CA LEU B 165 -15.48 23.30 16.52
C LEU B 165 -16.05 23.53 15.15
N TYR B 166 -16.63 22.50 14.55
CA TYR B 166 -17.28 22.66 13.26
C TYR B 166 -18.72 22.16 13.38
N ILE B 167 -19.65 22.93 12.83
CA ILE B 167 -21.07 22.63 12.94
C ILE B 167 -21.64 22.59 11.57
N HIS B 168 -22.39 21.53 11.26
CA HIS B 168 -22.97 21.40 9.91
C HIS B 168 -24.30 20.68 9.96
N ALA B 169 -25.22 21.04 9.08
CA ALA B 169 -26.58 20.53 9.13
C ALA B 169 -26.99 19.96 7.80
N GLY B 170 -27.89 19.00 7.80
CA GLY B 170 -28.37 18.41 6.51
C GLY B 170 -29.53 17.49 6.80
N THR B 171 -30.16 16.96 5.75
CA THR B 171 -31.40 16.13 5.96
C THR B 171 -31.17 14.66 6.00
N ASP B 172 -29.96 14.21 5.64
CA ASP B 172 -29.62 12.78 5.68
C ASP B 172 -28.49 12.72 6.74
N PRO B 173 -28.71 12.02 7.85
CA PRO B 173 -27.80 12.15 8.97
C PRO B 173 -26.38 11.54 8.65
N PHE B 174 -26.34 10.48 7.86
CA PHE B 174 -25.08 9.83 7.48
C PHE B 174 -24.29 10.74 6.55
N GLN B 175 -24.97 11.30 5.54
CA GLN B 175 -24.37 12.22 4.59
C GLN B 175 -23.88 13.49 5.30
N THR B 176 -24.66 13.95 6.29
CA THR B 176 -24.29 15.11 7.09
C THR B 176 -22.96 14.92 7.81
N ILE B 177 -22.78 13.73 8.38
CA ILE B 177 -21.55 13.42 9.13
C ILE B 177 -20.38 13.40 8.15
N THR B 178 -20.54 12.68 7.05
CA THR B 178 -19.44 12.55 6.07
C THR B 178 -19.08 13.87 5.47
N ASP B 179 -20.08 14.68 5.08
CA ASP B 179 -19.76 16.01 4.46
C ASP B 179 -19.01 16.92 5.43
N ALA B 180 -19.40 16.85 6.70
CA ALA B 180 -18.73 17.66 7.73
C ALA B 180 -17.27 17.19 7.96
N ILE B 181 -17.08 15.87 8.05
CA ILE B 181 -15.71 15.31 8.20
C ILE B 181 -14.85 15.73 7.02
N ARG B 182 -15.43 15.68 5.83
CA ARG B 182 -14.75 16.18 4.64
C ARG B 182 -14.31 17.64 4.72
N THR B 183 -15.21 18.51 5.16
CA THR B 183 -14.89 19.93 5.29
C THR B 183 -13.75 20.13 6.29
N VAL B 184 -13.81 19.42 7.41
CA VAL B 184 -12.75 19.44 8.40
C VAL B 184 -11.39 19.00 7.83
N LYS B 185 -11.42 17.93 7.06
CA LYS B 185 -10.22 17.41 6.39
C LYS B 185 -9.59 18.49 5.54
N LEU B 186 -10.42 19.18 4.80
CA LEU B 186 -9.94 20.23 3.89
C LEU B 186 -9.32 21.37 4.65
N HIS B 187 -9.76 21.61 5.88
CA HIS B 187 -9.08 22.59 6.71
C HIS B 187 -7.76 22.08 7.36
N LEU B 188 -7.75 20.89 7.98
CA LEU B 188 -6.56 20.37 8.66
C LEU B 188 -5.51 19.69 7.76
N ASN B 189 -5.94 19.01 6.69
CA ASN B 189 -5.06 18.20 5.86
C ASN B 189 -4.19 17.15 6.57
N SER B 190 -4.61 16.73 7.78
CA SER B 190 -3.79 15.91 8.65
C SER B 190 -4.39 14.55 8.75
N PHE B 191 -5.53 14.29 8.08
CA PHE B 191 -6.09 12.94 8.07
C PHE B 191 -6.71 12.63 6.70
N ARG B 192 -7.00 11.36 6.47
CA ARG B 192 -7.73 10.96 5.32
C ARG B 192 -8.99 10.23 5.78
N GLN B 193 -10.04 10.35 4.97
CA GLN B 193 -11.27 9.65 5.24
C GLN B 193 -11.09 8.17 4.92
N ARG B 194 -11.92 7.35 5.54
CA ARG B 194 -11.81 5.91 5.48
C ARG B 194 -11.75 5.40 4.05
N HIS B 195 -12.57 5.95 3.17
CA HIS B 195 -12.61 5.40 1.83
C HIS B 195 -11.35 5.76 1.01
N GLU B 196 -10.51 6.67 1.48
CA GLU B 196 -9.30 7.08 0.77
C GLU B 196 -8.07 6.25 1.20
N LYS B 197 -8.24 5.28 2.09
CA LYS B 197 -7.12 4.58 2.70
C LYS B 197 -7.11 3.18 2.20
N LYS B 198 -5.95 2.54 2.31
CA LYS B 198 -5.78 1.18 1.87
C LYS B 198 -6.02 0.15 3.04
N LEU B 199 -6.99 -0.75 2.90
CA LEU B 199 -7.29 -1.77 3.91
C LEU B 199 -6.24 -2.84 3.83
N PRO B 200 -5.70 -3.28 4.98
CA PRO B 200 -4.81 -4.44 4.84
C PRO B 200 -5.59 -5.68 4.44
N GLY B 201 -4.86 -6.65 3.91
CA GLY B 201 -5.43 -7.88 3.34
C GLY B 201 -6.07 -8.83 4.37
N ILE B 202 -5.74 -8.67 5.67
CA ILE B 202 -6.35 -9.48 6.68
C ILE B 202 -7.88 -9.33 6.72
N VAL B 203 -8.42 -8.18 6.27
CA VAL B 203 -9.86 -7.99 6.42
C VAL B 203 -10.71 -8.98 5.60
N ASP B 204 -10.14 -9.64 4.60
CA ASP B 204 -10.91 -10.66 3.82
C ASP B 204 -10.78 -12.10 4.24
N TYR B 205 -10.15 -12.33 5.39
CA TYR B 205 -9.87 -13.69 5.84
C TYR B 205 -10.23 -13.88 7.30
N PHE B 206 -10.52 -15.12 7.65
CA PHE B 206 -10.70 -15.52 9.05
C PHE B 206 -9.41 -15.41 9.81
N GLY B 207 -9.49 -14.93 11.06
CA GLY B 207 -8.30 -14.82 11.91
C GLY B 207 -8.48 -15.47 13.28
N TRP B 208 -7.38 -15.62 14.00
CA TRP B 208 -7.37 -16.02 15.40
C TRP B 208 -6.40 -15.13 16.17
N CYS B 209 -6.81 -14.70 17.36
CA CYS B 209 -5.98 -13.87 18.22
C CYS B 209 -5.74 -14.67 19.50
N THR B 210 -4.51 -14.61 20.02
CA THR B 210 -4.13 -15.42 21.20
C THR B 210 -4.66 -14.89 22.55
N TRP B 211 -5.23 -13.69 22.56
CA TRP B 211 -5.42 -12.95 23.82
C TRP B 211 -6.31 -13.67 24.85
N ASP B 212 -7.57 -14.01 24.48
CA ASP B 212 -8.42 -14.70 25.44
C ASP B 212 -8.05 -16.15 25.70
N ALA B 213 -7.38 -16.81 24.74
CA ALA B 213 -6.90 -18.19 24.94
C ALA B 213 -5.78 -18.30 25.98
N PHE B 214 -4.85 -17.36 26.05
CA PHE B 214 -3.73 -17.50 27.00
C PHE B 214 -3.36 -16.28 27.79
N TYR B 215 -3.90 -15.10 27.43
CA TYR B 215 -3.45 -13.84 28.00
C TYR B 215 -1.93 -13.73 27.87
N GLN B 216 -1.22 -13.14 28.83
CA GLN B 216 0.22 -12.94 28.68
C GLN B 216 1.09 -14.20 28.74
N GLU B 217 0.50 -15.35 29.05
CA GLU B 217 1.22 -16.65 29.14
C GLU B 217 1.44 -17.29 27.80
N VAL B 218 1.00 -16.63 26.71
CA VAL B 218 1.12 -17.23 25.37
C VAL B 218 2.57 -17.66 25.09
N THR B 219 2.70 -18.79 24.41
CA THR B 219 3.94 -19.31 23.92
C THR B 219 3.76 -19.69 22.47
N GLN B 220 4.86 -19.96 21.82
CA GLN B 220 4.83 -20.39 20.44
C GLN B 220 4.14 -21.68 20.18
N GLU B 221 4.21 -22.59 21.14
CA GLU B 221 3.52 -23.91 21.01
C GLU B 221 1.99 -23.73 21.08
N GLY B 222 1.56 -22.88 21.98
CA GLY B 222 0.13 -22.51 22.06
C GLY B 222 -0.35 -21.84 20.79
N VAL B 223 0.47 -20.96 20.19
CA VAL B 223 0.14 -20.37 18.89
C VAL B 223 -0.12 -21.48 17.88
N GLU B 224 0.82 -22.43 17.77
CA GLU B 224 0.70 -23.44 16.78
C GLU B 224 -0.52 -24.36 17.10
N ALA B 225 -0.78 -24.64 18.38
CA ALA B 225 -1.93 -25.50 18.74
C ALA B 225 -3.32 -24.89 18.27
N GLY B 226 -3.49 -23.58 18.42
CA GLY B 226 -4.77 -22.92 18.08
C GLY B 226 -5.03 -22.86 16.59
N LEU B 227 -3.97 -22.71 15.79
CA LEU B 227 -4.04 -22.71 14.32
C LEU B 227 -4.38 -24.10 13.80
N LYS B 228 -3.69 -25.10 14.33
CA LYS B 228 -3.92 -26.52 13.98
C LYS B 228 -5.40 -26.92 14.23
N SER B 229 -5.89 -26.56 15.40
CA SER B 229 -7.21 -26.97 15.80
C SER B 229 -8.32 -26.30 14.95
N LEU B 230 -8.21 -25.00 14.69
CA LEU B 230 -9.21 -24.34 13.86
C LEU B 230 -9.23 -24.91 12.45
N ALA B 231 -8.04 -25.15 11.88
CA ALA B 231 -7.90 -25.74 10.53
C ALA B 231 -8.48 -27.13 10.48
N ALA B 232 -8.28 -27.89 11.56
CA ALA B 232 -8.70 -29.30 11.61
C ALA B 232 -10.22 -29.45 11.47
N GLY B 233 -10.98 -28.48 11.96
CA GLY B 233 -12.43 -28.47 11.77
C GLY B 233 -12.94 -27.95 10.46
N GLY B 234 -12.05 -27.52 9.55
CA GLY B 234 -12.45 -26.98 8.24
C GLY B 234 -12.72 -25.47 8.14
N THR B 235 -12.36 -24.71 9.18
CA THR B 235 -12.46 -23.24 9.17
C THR B 235 -11.10 -22.63 9.42
N PRO B 236 -10.22 -22.71 8.40
CA PRO B 236 -8.80 -22.41 8.62
C PRO B 236 -8.56 -20.93 8.71
N PRO B 237 -7.93 -20.47 9.78
CA PRO B 237 -7.65 -19.00 9.81
C PRO B 237 -6.51 -18.62 8.85
N LYS B 238 -6.56 -17.47 8.18
CA LYS B 238 -5.49 -17.13 7.31
C LYS B 238 -4.68 -15.95 7.87
N PHE B 239 -5.10 -15.43 9.04
CA PHE B 239 -4.24 -14.58 9.84
C PHE B 239 -4.28 -14.90 11.31
N VAL B 240 -3.22 -14.50 12.00
CA VAL B 240 -3.09 -14.67 13.43
C VAL B 240 -2.56 -13.39 13.99
N ILE B 241 -3.09 -13.01 15.13
CA ILE B 241 -2.58 -11.96 15.97
C ILE B 241 -1.98 -12.60 17.24
N ILE B 242 -0.66 -12.46 17.39
CA ILE B 242 0.06 -12.88 18.58
C ILE B 242 -0.06 -11.70 19.45
N ASP B 243 -0.89 -11.83 20.47
CA ASP B 243 -1.25 -10.73 21.27
C ASP B 243 -0.19 -10.54 22.37
N ASP B 244 -0.54 -9.69 23.33
CA ASP B 244 0.31 -9.28 24.45
C ASP B 244 0.87 -10.54 25.13
N GLY B 245 2.19 -10.55 25.30
CA GLY B 245 2.88 -11.66 25.94
C GLY B 245 4.12 -12.21 25.28
N TRP B 246 4.47 -11.74 24.07
CA TRP B 246 5.61 -12.21 23.33
C TRP B 246 6.84 -11.37 23.53
N GLN B 247 6.69 -10.17 24.07
CA GLN B 247 7.78 -9.23 24.16
C GLN B 247 8.69 -9.45 25.42
N SER B 248 9.93 -8.96 25.36
CA SER B 248 10.90 -8.92 26.50
C SER B 248 10.65 -7.73 27.37
N VAL B 249 10.22 -7.99 28.58
CA VAL B 249 9.76 -6.96 29.49
C VAL B 249 10.36 -7.29 30.87
N GLU B 250 10.51 -6.32 31.74
CA GLU B 250 10.95 -6.58 33.13
C GLU B 250 10.04 -5.84 34.05
N ARG B 251 9.94 -6.38 35.27
CA ARG B 251 9.08 -5.87 36.37
C ARG B 251 9.77 -4.75 37.17
N ASP B 252 9.20 -3.53 37.17
CA ASP B 252 9.77 -2.28 37.75
C ASP B 252 11.12 -1.79 37.16
N ALA B 253 12.23 -1.80 37.95
CA ALA B 253 13.57 -1.35 37.50
C ALA B 253 14.06 -2.22 36.32
N SER B 264 1.83 -3.38 43.56
CA SER B 264 1.43 -3.07 42.21
C SER B 264 2.73 -2.82 41.38
N PRO B 265 3.24 -3.85 40.69
CA PRO B 265 4.35 -3.64 39.76
C PRO B 265 3.87 -3.38 38.27
N ILE B 266 4.60 -2.54 37.55
CA ILE B 266 4.37 -2.28 36.10
C ILE B 266 5.54 -2.86 35.30
N PHE B 267 5.26 -3.40 34.11
CA PHE B 267 6.32 -3.95 33.21
C PHE B 267 6.78 -2.95 32.14
N ARG B 268 8.07 -2.99 31.82
CA ARG B 268 8.66 -2.09 30.85
C ARG B 268 9.47 -2.91 29.82
N LEU B 269 9.52 -2.42 28.57
CA LEU B 269 10.17 -3.12 27.50
C LEU B 269 11.69 -3.08 27.74
N THR B 270 12.34 -4.22 27.61
CA THR B 270 13.80 -4.24 27.79
C THR B 270 14.60 -4.34 26.52
N GLY B 271 14.01 -4.90 25.49
CA GLY B 271 14.56 -4.76 24.14
C GLY B 271 13.42 -5.01 23.17
N ILE B 272 13.74 -4.96 21.89
CA ILE B 272 12.75 -5.07 20.80
C ILE B 272 12.46 -6.50 20.37
N LYS B 273 13.30 -7.46 20.78
CA LYS B 273 13.10 -8.85 20.38
C LYS B 273 12.19 -9.63 21.31
N GLU B 274 11.74 -10.76 20.81
CA GLU B 274 10.84 -11.61 21.54
C GLU B 274 11.52 -12.19 22.79
N ASN B 275 10.69 -12.62 23.73
CA ASN B 275 11.13 -13.35 24.95
C ASN B 275 11.40 -14.85 24.63
N GLU B 276 11.77 -15.59 25.65
CA GLU B 276 12.19 -17.01 25.55
C GLU B 276 11.12 -17.94 25.12
N LYS B 277 9.85 -17.53 25.22
CA LYS B 277 8.74 -18.40 24.79
C LYS B 277 8.57 -18.48 23.29
N PHE B 278 9.30 -17.64 22.58
CA PHE B 278 9.21 -17.53 21.10
C PHE B 278 10.60 -17.66 20.46
N LYS B 279 11.49 -18.46 21.06
CA LYS B 279 12.82 -18.75 20.49
C LYS B 279 12.87 -20.20 20.09
N LYS B 280 13.46 -20.47 18.95
CA LYS B 280 13.54 -21.86 18.47
C LYS B 280 14.40 -22.69 19.47
N LYS B 281 14.02 -23.96 19.64
CA LYS B 281 14.79 -24.89 20.49
C LYS B 281 16.27 -24.92 20.10
N ASP B 282 17.12 -24.66 21.08
CA ASP B 282 18.57 -24.79 20.92
C ASP B 282 19.14 -23.88 19.85
N ASP B 283 18.45 -22.78 19.58
CA ASP B 283 18.82 -21.92 18.48
C ASP B 283 18.23 -20.48 18.62
N PRO B 284 18.44 -19.83 19.80
CA PRO B 284 18.44 -18.36 19.66
C PRO B 284 19.45 -17.90 18.56
N ASN B 285 18.89 -17.19 18.19
CA ASN B 285 19.29 -16.78 16.81
C ASN B 285 17.96 -16.86 16.03
N VAL B 286 17.36 -17.56 15.92
CA VAL B 286 16.00 -17.69 15.39
C VAL B 286 14.99 -17.56 16.54
N GLY B 287 14.35 -16.38 16.52
CA GLY B 287 13.38 -15.94 17.48
C GLY B 287 12.01 -16.07 16.80
N ILE B 288 11.32 -14.95 16.72
CA ILE B 288 9.91 -14.93 16.36
C ILE B 288 9.74 -15.42 14.94
N LYS B 289 10.82 -15.42 14.19
CA LYS B 289 10.83 -16.02 12.84
C LYS B 289 10.41 -17.48 12.89
N ASN B 290 10.73 -18.16 13.98
CA ASN B 290 10.34 -19.59 14.11
C ASN B 290 8.83 -19.84 13.97
N ILE B 291 8.03 -19.20 14.85
CA ILE B 291 6.55 -19.28 14.81
C ILE B 291 5.93 -18.68 13.54
N VAL B 292 6.56 -17.64 12.99
CA VAL B 292 6.09 -17.12 11.72
C VAL B 292 6.16 -18.20 10.66
N LYS B 293 7.32 -18.86 10.54
CA LYS B 293 7.53 -19.89 9.52
C LYS B 293 6.64 -21.08 9.75
N ILE B 294 6.47 -21.47 10.99
CA ILE B 294 5.54 -22.56 11.31
C ILE B 294 4.10 -22.21 10.88
N ALA B 295 3.65 -21.00 11.20
CA ALA B 295 2.29 -20.57 10.83
C ALA B 295 2.08 -20.55 9.31
N LYS B 296 3.04 -19.99 8.58
CA LYS B 296 2.94 -19.77 7.14
C LYS B 296 3.25 -20.98 6.28
N GLU B 297 4.36 -21.64 6.62
CA GLU B 297 4.84 -22.78 5.81
C GLU B 297 4.18 -24.08 6.20
N LYS B 298 4.06 -24.32 7.47
CA LYS B 298 3.43 -25.53 7.97
C LYS B 298 1.89 -25.41 7.96
N HIS B 299 1.29 -24.31 8.42
CA HIS B 299 -0.18 -24.27 8.55
C HIS B 299 -0.88 -23.38 7.53
N GLY B 300 -0.17 -22.88 6.51
CA GLY B 300 -0.78 -22.16 5.39
C GLY B 300 -1.32 -20.77 5.72
N LEU B 301 -0.96 -20.16 6.85
CA LEU B 301 -1.44 -18.80 7.14
C LEU B 301 -0.87 -17.85 6.08
N ARG B 302 -1.57 -16.78 5.76
CA ARG B 302 -1.05 -15.73 4.88
C ARG B 302 -0.42 -14.56 5.67
N TYR B 303 -0.93 -14.25 6.87
CA TYR B 303 -0.49 -13.05 7.56
C TYR B 303 -0.24 -13.36 9.00
N VAL B 304 0.83 -12.79 9.56
CA VAL B 304 1.06 -12.87 11.05
C VAL B 304 1.20 -11.43 11.55
N TYR B 305 0.35 -11.01 12.51
CA TYR B 305 0.48 -9.75 13.17
C TYR B 305 0.90 -9.97 14.61
N VAL B 306 1.53 -8.96 15.20
CA VAL B 306 1.87 -9.00 16.62
C VAL B 306 1.43 -7.76 17.36
N TRP B 307 1.22 -7.89 18.66
CA TRP B 307 0.79 -6.78 19.48
C TRP B 307 1.96 -5.98 20.01
N HIS B 308 1.83 -4.68 20.07
CA HIS B 308 2.70 -3.84 20.91
C HIS B 308 1.99 -2.56 21.36
N ALA B 309 2.52 -1.91 22.39
CA ALA B 309 2.03 -0.63 22.86
C ALA B 309 2.62 0.48 22.02
N ILE B 310 1.91 1.61 21.96
CA ILE B 310 2.50 2.78 21.25
C ILE B 310 3.79 3.31 21.94
N THR B 311 3.91 2.96 23.23
CA THR B 311 5.05 3.28 24.07
C THR B 311 5.96 2.08 24.20
N GLY B 312 5.71 1.02 23.41
CA GLY B 312 6.51 -0.20 23.47
C GLY B 312 5.86 -1.26 24.31
N TYR B 313 5.81 -1.03 25.63
CA TYR B 313 4.95 -1.84 26.51
C TYR B 313 4.12 -0.94 27.42
N TRP B 314 3.31 -1.55 28.29
CA TRP B 314 2.46 -0.78 29.27
C TRP B 314 3.18 0.28 30.11
N GLY B 315 4.32 -0.08 30.63
CA GLY B 315 5.18 0.89 31.37
C GLY B 315 6.25 1.52 30.52
N GLY B 316 6.08 1.47 29.19
CA GLY B 316 6.98 2.09 28.29
C GLY B 316 8.21 1.22 28.10
N VAL B 317 9.36 1.89 28.03
CA VAL B 317 10.61 1.27 27.73
C VAL B 317 11.55 1.60 28.91
N ARG B 318 12.33 0.61 29.32
CA ARG B 318 13.37 0.86 30.32
C ARG B 318 14.12 2.15 30.09
N PRO B 319 14.08 3.08 31.05
CA PRO B 319 14.90 4.28 30.88
C PRO B 319 16.38 4.04 30.52
N GLY B 320 16.92 5.01 29.75
CA GLY B 320 18.24 4.88 29.10
C GLY B 320 18.36 5.61 27.78
N GLU B 321 19.60 5.62 27.30
CA GLU B 321 20.07 6.52 26.20
C GLU B 321 19.65 6.02 24.78
N GLU B 322 19.47 4.70 24.60
CA GLU B 322 19.33 4.11 23.25
C GLU B 322 18.12 4.76 22.50
N TYR B 323 16.98 4.87 23.17
CA TYR B 323 15.80 5.53 22.60
C TYR B 323 15.41 6.77 23.40
N GLY B 324 16.35 7.28 24.20
CA GLY B 324 16.12 8.43 25.05
C GLY B 324 14.92 8.29 26.00
N SER B 325 14.57 7.08 26.43
CA SER B 325 13.46 6.86 27.35
C SER B 325 13.78 7.55 28.66
N VAL B 326 12.87 8.43 29.07
CA VAL B 326 12.90 9.05 30.38
C VAL B 326 11.56 8.78 31.09
N MET B 327 11.59 8.62 32.42
CA MET B 327 10.33 8.41 33.22
C MET B 327 9.38 9.61 33.18
N LYS B 328 8.11 9.35 32.85
CA LYS B 328 7.10 10.40 32.79
C LYS B 328 5.86 9.88 33.45
N TYR B 329 5.12 10.73 34.16
CA TYR B 329 3.94 10.30 34.92
C TYR B 329 2.71 10.93 34.26
N PRO B 330 1.71 10.15 33.97
CA PRO B 330 0.51 10.69 33.31
C PRO B 330 -0.14 11.87 34.07
N ASN B 331 -0.38 12.97 33.38
CA ASN B 331 -1.16 14.09 33.88
C ASN B 331 -2.68 13.75 33.80
N MET B 332 -3.40 14.14 34.85
CA MET B 332 -4.84 13.96 34.93
C MET B 332 -5.56 15.11 34.27
N SER B 333 -6.54 14.85 33.42
CA SER B 333 -7.37 15.93 32.91
C SER B 333 -8.74 15.69 33.53
N LYS B 334 -9.47 16.79 33.78
CA LYS B 334 -10.76 16.77 34.58
C LYS B 334 -11.86 15.85 33.99
N GLY B 335 -12.16 15.99 32.70
CA GLY B 335 -13.19 15.20 32.02
C GLY B 335 -12.96 13.71 32.10
N VAL B 336 -11.72 13.30 31.86
CA VAL B 336 -11.40 11.87 31.90
C VAL B 336 -11.55 11.32 33.29
N VAL B 337 -10.94 12.01 34.24
CA VAL B 337 -11.03 11.62 35.67
C VAL B 337 -12.49 11.63 36.29
N GLU B 338 -13.31 12.56 35.84
CA GLU B 338 -14.74 12.59 36.15
C GLU B 338 -15.44 11.32 35.72
N ASN B 339 -15.23 10.88 34.47
CA ASN B 339 -15.92 9.67 33.97
C ASN B 339 -15.24 8.42 34.44
N ASP B 340 -13.91 8.49 34.61
CA ASP B 340 -13.19 7.34 35.09
C ASP B 340 -12.23 7.65 36.26
N PRO B 341 -12.80 7.71 37.47
CA PRO B 341 -11.98 8.05 38.62
C PRO B 341 -10.82 7.02 38.91
N THR B 342 -10.92 5.76 38.49
CA THR B 342 -9.85 4.78 38.73
C THR B 342 -8.55 5.08 37.99
N TRP B 343 -8.62 5.96 36.98
CA TRP B 343 -7.44 6.40 36.25
C TRP B 343 -6.42 7.12 37.18
N LYS B 344 -6.94 7.88 38.15
CA LYS B 344 -6.11 8.56 39.17
C LYS B 344 -5.20 7.65 39.96
N THR B 345 -5.58 6.38 40.10
CA THR B 345 -4.80 5.40 40.84
C THR B 345 -4.38 4.21 39.97
N ASP B 346 -4.49 4.30 38.65
CA ASP B 346 -3.98 3.23 37.77
C ASP B 346 -2.47 3.08 37.98
N VAL B 347 -1.99 1.85 37.85
CA VAL B 347 -0.56 1.55 37.92
C VAL B 347 0.30 2.39 36.96
N MET B 348 -0.26 2.71 35.78
CA MET B 348 0.41 3.61 34.84
C MET B 348 0.53 5.01 35.37
N THR B 349 -0.51 5.50 36.00
CA THR B 349 -0.48 6.88 36.52
C THR B 349 0.50 7.00 37.67
N LEU B 350 0.58 5.97 38.52
CA LEU B 350 1.38 6.05 39.77
C LEU B 350 2.83 5.64 39.56
N GLN B 351 3.09 4.57 38.82
CA GLN B 351 4.48 4.18 38.49
C GLN B 351 5.10 4.78 37.23
N GLY B 352 4.30 5.49 36.45
CA GLY B 352 4.80 6.14 35.24
C GLY B 352 5.23 5.16 34.11
N LEU B 353 5.68 5.80 33.04
CA LEU B 353 6.12 5.15 31.81
C LEU B 353 7.48 5.70 31.44
N GLY B 354 8.37 4.82 30.99
CA GLY B 354 9.57 5.24 30.30
C GLY B 354 9.23 5.61 28.85
N LEU B 355 9.16 6.91 28.61
CA LEU B 355 8.73 7.51 27.36
C LEU B 355 9.88 7.74 26.41
N VAL B 356 9.84 7.04 25.29
CA VAL B 356 10.85 7.21 24.26
C VAL B 356 10.85 8.69 23.87
N SER B 357 12.00 9.30 23.62
CA SER B 357 12.02 10.73 23.21
C SER B 357 11.46 10.94 21.76
N PRO B 358 10.80 12.10 21.53
CA PRO B 358 10.34 12.40 20.16
C PRO B 358 11.48 12.39 19.16
N LYS B 359 12.70 12.62 19.60
CA LYS B 359 13.86 12.59 18.73
C LYS B 359 14.23 11.18 18.34
N LYS B 360 13.90 10.18 19.15
CA LYS B 360 14.31 8.84 18.84
C LYS B 360 13.12 7.92 18.55
N VAL B 361 11.92 8.48 18.49
CA VAL B 361 10.76 7.61 18.38
C VAL B 361 10.74 6.89 17.02
N TYR B 362 11.12 7.56 15.92
CA TYR B 362 11.17 6.85 14.62
C TYR B 362 12.19 5.72 14.70
N LYS B 363 13.32 6.01 15.33
CA LYS B 363 14.33 4.99 15.39
C LYS B 363 13.85 3.77 16.18
N PHE B 364 13.12 4.02 17.27
CA PHE B 364 12.55 2.92 18.05
C PHE B 364 11.63 2.03 17.20
N TYR B 365 10.61 2.66 16.58
CA TYR B 365 9.62 1.89 15.85
C TYR B 365 10.31 1.17 14.67
N ASN B 366 11.18 1.88 13.98
CA ASN B 366 11.91 1.29 12.81
C ASN B 366 12.76 0.09 13.19
N GLU B 367 13.46 0.20 14.31
CA GLU B 367 14.20 -1.01 14.77
C GLU B 367 13.32 -2.13 15.17
N LEU B 368 12.27 -1.82 15.91
CA LEU B 368 11.29 -2.89 16.25
C LEU B 368 10.65 -3.53 15.00
N HIS B 369 10.11 -2.68 14.15
CA HIS B 369 9.36 -3.19 12.97
C HIS B 369 10.27 -3.81 11.88
N SER B 370 11.50 -3.30 11.77
CA SER B 370 12.48 -3.95 10.90
C SER B 370 12.79 -5.40 11.29
N TYR B 371 13.02 -5.61 12.60
CA TYR B 371 13.25 -6.93 13.17
C TYR B 371 12.05 -7.81 12.85
N LEU B 372 10.85 -7.30 13.19
CA LEU B 372 9.63 -8.06 12.93
C LEU B 372 9.42 -8.35 11.44
N ALA B 373 9.54 -7.31 10.61
CA ALA B 373 9.30 -7.53 9.19
C ALA B 373 10.34 -8.52 8.61
N ASP B 374 11.60 -8.41 9.04
CA ASP B 374 12.64 -9.33 8.52
C ASP B 374 12.36 -10.76 8.97
N ALA B 375 11.65 -10.92 10.09
CA ALA B 375 11.21 -12.23 10.51
C ALA B 375 9.96 -12.77 9.83
N GLY B 376 9.32 -12.02 8.91
CA GLY B 376 8.08 -12.44 8.25
C GLY B 376 6.73 -11.90 8.80
N VAL B 377 6.78 -11.06 9.83
CA VAL B 377 5.60 -10.43 10.37
C VAL B 377 5.04 -9.35 9.39
N ASP B 378 3.73 -9.32 9.23
CA ASP B 378 3.02 -8.48 8.25
C ASP B 378 2.31 -7.26 8.80
N GLY B 379 2.20 -7.17 10.12
CA GLY B 379 1.62 -6.03 10.75
C GLY B 379 1.61 -6.08 12.25
N VAL B 380 1.11 -4.99 12.82
CA VAL B 380 1.03 -4.76 14.25
C VAL B 380 -0.36 -4.29 14.69
N LYS B 381 -0.77 -4.79 15.86
CA LYS B 381 -1.92 -4.29 16.61
C LYS B 381 -1.30 -3.36 17.66
N VAL B 382 -1.57 -2.06 17.55
CA VAL B 382 -0.86 -1.08 18.32
C VAL B 382 -1.82 -0.52 19.33
N ALA B 383 -1.62 -0.94 20.57
CA ALA B 383 -2.51 -0.61 21.69
C ALA B 383 -1.96 0.51 22.56
N VAL B 384 -2.74 0.86 23.58
CA VAL B 384 -2.40 1.85 24.61
C VAL B 384 -2.26 3.24 24.07
N GLN B 385 -2.94 3.55 22.99
CA GLN B 385 -2.57 4.76 22.24
C GLN B 385 -2.84 6.11 22.90
N CYS B 386 -4.00 6.22 23.57
CA CYS B 386 -4.38 7.50 24.18
C CYS B 386 -3.50 7.94 25.34
N VAL B 387 -2.58 7.09 25.89
CA VAL B 387 -1.63 7.55 26.96
C VAL B 387 -0.86 8.79 26.60
N LEU B 388 -0.51 8.93 25.34
CA LEU B 388 0.30 10.07 24.91
C LEU B 388 -0.32 11.42 25.27
N GLU B 389 -1.64 11.52 25.23
CA GLU B 389 -2.25 12.77 25.59
C GLU B 389 -1.91 13.20 27.04
N THR B 390 -1.52 12.27 27.91
CA THR B 390 -1.23 12.53 29.31
C THR B 390 0.24 12.79 29.57
N LEU B 391 1.09 12.69 28.55
CA LEU B 391 2.53 12.71 28.72
C LEU B 391 3.14 13.86 27.98
N GLY B 392 2.33 14.87 27.65
CA GLY B 392 2.79 15.99 26.83
C GLY B 392 3.39 17.18 27.58
N GLY B 393 3.39 17.12 28.91
CA GLY B 393 3.99 18.22 29.73
C GLY B 393 5.38 18.68 29.29
N GLY B 394 6.34 17.81 29.14
CA GLY B 394 7.64 18.39 28.66
C GLY B 394 7.69 19.04 27.25
N LEU B 395 6.67 18.77 26.42
CA LEU B 395 6.96 18.46 25.00
C LEU B 395 5.94 19.04 24.04
N GLY B 396 5.37 20.18 24.40
CA GLY B 396 4.41 20.89 23.53
C GLY B 396 2.94 20.48 23.71
N GLY B 397 2.68 19.50 24.59
CA GLY B 397 1.31 19.10 24.92
C GLY B 397 0.81 17.89 24.13
N ARG B 398 -0.47 17.62 24.32
CA ARG B 398 -1.10 16.40 23.86
C ARG B 398 -1.22 16.22 22.36
N VAL B 399 -1.44 17.31 21.66
CA VAL B 399 -1.68 17.26 20.21
C VAL B 399 -0.33 17.01 19.51
N GLU B 400 0.65 17.77 19.96
CA GLU B 400 2.02 17.73 19.45
C GLU B 400 2.69 16.35 19.65
N LEU B 401 2.64 15.82 20.87
CA LEU B 401 3.22 14.56 21.15
C LEU B 401 2.51 13.44 20.36
N THR B 402 1.18 13.44 20.33
CA THR B 402 0.44 12.45 19.60
C THR B 402 0.85 12.50 18.09
N ARG B 403 0.94 13.71 17.56
CA ARG B 403 1.26 13.93 16.16
C ARG B 403 2.67 13.37 15.87
N GLN B 404 3.63 13.66 16.72
CA GLN B 404 4.99 13.18 16.48
C GLN B 404 5.12 11.68 16.50
N PHE B 405 4.49 11.04 17.47
CA PHE B 405 4.59 9.60 17.61
C PHE B 405 3.89 8.89 16.44
N HIS B 406 2.75 9.43 16.02
CA HIS B 406 1.96 8.84 14.92
C HIS B 406 2.64 9.02 13.55
N GLN B 407 3.21 10.18 13.38
CA GLN B 407 4.06 10.45 12.23
C GLN B 407 5.18 9.38 12.13
N ALA B 408 5.87 9.13 13.24
CA ALA B 408 6.90 8.12 13.26
C ALA B 408 6.35 6.71 13.04
N LEU B 409 5.23 6.41 13.70
CA LEU B 409 4.64 5.09 13.57
C LEU B 409 4.24 4.80 12.12
N ASP B 410 3.60 5.76 11.52
CA ASP B 410 3.18 5.66 10.14
C ASP B 410 4.35 5.45 9.19
N SER B 411 5.41 6.24 9.37
CA SER B 411 6.62 6.09 8.55
C SER B 411 7.18 4.64 8.61
N SER B 412 7.28 4.08 9.83
CA SER B 412 7.80 2.75 10.04
C SER B 412 6.85 1.68 9.53
N VAL B 413 5.51 1.86 9.65
CA VAL B 413 4.57 0.87 9.15
C VAL B 413 4.61 0.86 7.61
N ALA B 414 4.64 2.04 7.01
CA ALA B 414 4.64 2.13 5.52
C ALA B 414 5.92 1.48 4.97
N LYS B 415 7.05 1.62 5.70
CA LYS B 415 8.32 0.96 5.36
C LYS B 415 8.27 -0.56 5.54
N ASN B 416 7.90 -0.97 6.74
CA ASN B 416 8.11 -2.32 7.15
C ASN B 416 6.94 -3.23 6.93
N PHE B 417 5.72 -2.68 6.90
CA PHE B 417 4.48 -3.47 6.75
C PHE B 417 3.68 -2.79 5.61
N PRO B 418 4.21 -2.87 4.41
CA PRO B 418 3.58 -2.15 3.29
C PRO B 418 2.20 -2.61 2.79
N ASP B 419 1.62 -3.67 3.35
CA ASP B 419 0.20 -3.96 3.11
C ASP B 419 -0.67 -3.04 4.02
N ASN B 420 -0.06 -2.05 4.69
CA ASN B 420 -0.70 -1.18 5.71
C ASN B 420 -1.15 -2.02 6.95
N GLY B 421 -0.17 -2.74 7.48
CA GLY B 421 -0.44 -3.69 8.54
C GLY B 421 -0.48 -3.01 9.88
N CYS B 422 -1.62 -2.37 10.16
CA CYS B 422 -1.72 -1.70 11.45
C CYS B 422 -3.16 -1.68 11.88
N ILE B 423 -3.41 -2.19 13.09
CA ILE B 423 -4.71 -2.05 13.79
C ILE B 423 -4.58 -1.12 14.99
N ALA B 424 -5.35 -0.04 14.98
CA ALA B 424 -5.33 0.93 16.05
C ALA B 424 -6.19 0.41 17.19
N CYS B 425 -5.69 0.54 18.42
CA CYS B 425 -6.33 -0.07 19.57
C CYS B 425 -6.15 0.84 20.79
N MET B 426 -7.24 1.06 21.56
CA MET B 426 -7.28 2.00 22.71
C MET B 426 -6.95 3.40 22.27
N SER B 427 -7.57 3.76 21.17
CA SER B 427 -7.16 4.95 20.42
C SER B 427 -8.29 5.94 20.19
N HIS B 428 -9.33 5.97 21.05
CA HIS B 428 -10.50 6.82 20.72
C HIS B 428 -10.38 8.25 21.21
N ASN B 429 -9.25 8.92 20.95
CA ASN B 429 -9.16 10.35 21.18
C ASN B 429 -9.08 11.07 19.86
N THR B 430 -9.63 12.27 19.83
CA THR B 430 -9.65 13.07 18.62
C THR B 430 -8.23 13.54 18.23
N ASP B 431 -7.30 13.57 19.21
CA ASP B 431 -5.90 13.84 18.93
C ASP B 431 -5.35 12.85 17.85
N ALA B 432 -5.66 11.58 18.01
CA ALA B 432 -5.22 10.55 17.06
C ALA B 432 -6.14 10.51 15.83
N LEU B 433 -7.46 10.63 16.01
CA LEU B 433 -8.41 10.53 14.90
C LEU B 433 -8.08 11.59 13.83
N TYR B 434 -7.84 12.85 14.25
CA TYR B 434 -7.61 13.94 13.36
C TYR B 434 -6.14 14.01 12.80
N CYS B 435 -5.27 13.11 13.24
CA CYS B 435 -4.06 12.77 12.49
C CYS B 435 -4.02 11.36 11.87
N SER B 436 -5.20 10.75 11.64
CA SER B 436 -5.30 9.39 11.07
C SER B 436 -5.19 9.48 9.51
N LYS B 437 -3.96 9.64 9.07
CA LYS B 437 -3.64 9.83 7.66
C LYS B 437 -3.37 8.56 6.88
N GLN B 438 -3.18 7.44 7.57
CA GLN B 438 -2.74 6.24 6.88
C GLN B 438 -3.37 4.94 7.33
N ALA B 439 -3.35 4.67 8.62
CA ALA B 439 -3.87 3.43 9.23
C ALA B 439 -5.35 3.32 8.96
N ALA B 440 -5.79 2.10 8.70
CA ALA B 440 -7.08 1.86 8.11
C ALA B 440 -8.06 1.04 8.90
N VAL B 441 -7.65 0.53 10.06
CA VAL B 441 -8.45 -0.32 10.87
C VAL B 441 -8.36 0.15 12.33
N ILE B 442 -9.53 0.30 12.96
CA ILE B 442 -9.63 0.82 14.35
C ILE B 442 -10.57 -0.07 15.22
N ARG B 443 -10.05 -0.55 16.34
CA ARG B 443 -10.89 -1.19 17.37
C ARG B 443 -11.95 -0.21 17.83
N ALA B 444 -13.19 -0.63 17.65
CA ALA B 444 -14.34 0.28 17.78
C ALA B 444 -14.94 0.38 19.17
N SER B 445 -14.47 -0.45 20.09
CA SER B 445 -15.02 -0.49 21.44
C SER B 445 -14.06 -1.15 22.39
N ASP B 446 -14.42 -1.05 23.66
CA ASP B 446 -13.73 -1.74 24.74
C ASP B 446 -13.81 -3.22 24.47
N ASP B 447 -12.90 -3.98 25.06
CA ASP B 447 -12.70 -5.43 24.75
C ASP B 447 -13.96 -6.31 24.86
N PHE B 448 -13.99 -7.34 24.03
CA PHE B 448 -14.84 -8.49 24.29
C PHE B 448 -14.36 -9.13 25.60
N TYR B 449 -15.27 -9.33 26.56
CA TYR B 449 -14.92 -9.89 27.89
C TYR B 449 -15.71 -11.17 28.07
N PRO B 450 -15.09 -12.32 27.85
CA PRO B 450 -15.93 -13.53 27.78
C PRO B 450 -16.52 -13.95 29.17
N ARG B 451 -15.97 -13.46 30.27
CA ARG B 451 -16.42 -13.86 31.61
C ARG B 451 -17.11 -12.70 32.32
N ASP B 452 -17.62 -11.74 31.57
CA ASP B 452 -18.30 -10.60 32.18
C ASP B 452 -19.69 -10.53 31.55
N PRO B 453 -20.68 -11.20 32.16
CA PRO B 453 -22.02 -11.20 31.49
C PRO B 453 -22.63 -9.81 31.20
N VAL B 454 -22.33 -8.75 31.96
CA VAL B 454 -22.81 -7.38 31.61
C VAL B 454 -22.31 -6.81 30.22
N SER B 455 -21.12 -7.24 29.82
CA SER B 455 -20.36 -6.62 28.75
C SER B 455 -20.93 -6.93 27.38
N HIS B 456 -21.68 -8.04 27.22
CA HIS B 456 -22.11 -8.56 25.90
C HIS B 456 -23.05 -7.70 25.11
N THR B 457 -24.09 -7.23 25.78
CA THR B 457 -25.03 -6.33 25.17
C THR B 457 -24.45 -4.92 25.00
N ILE B 458 -23.69 -4.50 26.00
CA ILE B 458 -23.00 -3.22 25.93
C ILE B 458 -22.10 -3.21 24.69
N HIS B 459 -21.41 -4.32 24.42
CA HIS B 459 -20.36 -4.37 23.37
C HIS B 459 -20.99 -4.06 22.00
N ILE B 460 -22.08 -4.76 21.68
CA ILE B 460 -22.82 -4.58 20.40
C ILE B 460 -23.29 -3.13 20.27
N ALA B 461 -23.86 -2.54 21.32
CA ALA B 461 -24.32 -1.18 21.20
C ALA B 461 -23.15 -0.20 21.01
N SER B 462 -22.09 -0.37 21.78
CA SER B 462 -20.91 0.53 21.71
C SER B 462 -20.23 0.53 20.30
N VAL B 463 -20.10 -0.64 19.74
CA VAL B 463 -19.44 -0.81 18.44
C VAL B 463 -20.32 -0.13 17.33
N ALA B 464 -21.62 -0.36 17.38
CA ALA B 464 -22.55 0.22 16.34
C ALA B 464 -22.58 1.72 16.39
N TYR B 465 -22.76 2.29 17.57
CA TYR B 465 -22.84 3.79 17.69
C TYR B 465 -21.46 4.48 17.48
N ASN B 466 -20.42 3.96 18.12
CA ASN B 466 -19.04 4.49 17.91
C ASN B 466 -18.64 4.44 16.43
N SER B 467 -19.14 3.42 15.75
CA SER B 467 -18.82 3.28 14.31
C SER B 467 -19.41 4.39 13.42
N VAL B 468 -20.47 5.03 13.90
CA VAL B 468 -21.07 6.15 13.18
C VAL B 468 -20.02 7.20 12.99
N PHE B 469 -19.19 7.45 14.02
CA PHE B 469 -18.14 8.47 13.95
C PHE B 469 -16.77 7.91 13.56
N LEU B 470 -16.34 6.82 14.22
CA LEU B 470 -15.05 6.16 13.91
C LEU B 470 -14.94 5.69 12.46
N GLY B 471 -16.05 5.23 11.89
CA GLY B 471 -16.10 4.71 10.53
C GLY B 471 -15.87 5.78 9.46
N GLU B 472 -15.85 7.06 9.86
CA GLU B 472 -15.47 8.10 8.94
C GLU B 472 -13.99 8.14 8.66
N PHE B 473 -13.19 7.64 9.64
CA PHE B 473 -11.78 7.64 9.62
C PHE B 473 -11.16 6.32 9.24
N MET B 474 -11.67 5.20 9.74
CA MET B 474 -11.00 3.91 9.59
C MET B 474 -12.08 2.87 9.54
N GLN B 475 -11.78 1.67 9.07
CA GLN B 475 -12.76 0.55 9.09
C GLN B 475 -12.84 0.01 10.52
N PRO B 476 -14.04 -0.03 11.11
CA PRO B 476 -14.11 -0.54 12.48
C PRO B 476 -13.86 -2.01 12.62
N ASP B 477 -13.21 -2.37 13.71
CA ASP B 477 -12.98 -3.77 14.10
C ASP B 477 -13.78 -3.95 15.37
N TRP B 478 -14.67 -4.93 15.34
CA TRP B 478 -15.62 -5.18 16.44
C TRP B 478 -15.08 -6.20 17.45
N ASP B 479 -13.79 -6.55 17.32
CA ASP B 479 -13.05 -7.40 18.26
C ASP B 479 -13.31 -8.90 18.09
N MET B 480 -12.39 -9.61 18.70
CA MET B 480 -12.45 -11.06 18.73
C MET B 480 -13.72 -11.46 19.51
N PHE B 481 -14.10 -12.72 19.37
CA PHE B 481 -15.18 -13.35 20.14
C PHE B 481 -14.83 -14.84 20.30
N HIS B 482 -15.65 -15.55 21.07
CA HIS B 482 -15.57 -17.00 21.27
C HIS B 482 -16.63 -17.73 20.46
N SER B 483 -16.24 -18.80 19.77
CA SER B 483 -17.28 -19.60 19.09
C SER B 483 -18.17 -20.49 20.01
N VAL B 484 -17.67 -20.76 21.23
CA VAL B 484 -18.35 -21.56 22.28
C VAL B 484 -18.55 -20.64 23.46
N HIS B 485 -19.78 -20.21 23.69
CA HIS B 485 -20.02 -19.19 24.69
C HIS B 485 -21.56 -18.95 24.70
N PRO B 486 -22.18 -18.68 25.86
CA PRO B 486 -23.67 -18.41 25.86
C PRO B 486 -24.09 -17.38 24.77
N ALA B 487 -23.37 -16.26 24.69
CA ALA B 487 -23.62 -15.24 23.68
C ALA B 487 -22.84 -15.39 22.31
N ALA B 488 -22.50 -16.60 21.88
CA ALA B 488 -21.64 -16.81 20.71
C ALA B 488 -22.33 -16.41 19.40
N GLU B 489 -23.59 -16.79 19.24
CA GLU B 489 -24.34 -16.36 18.04
C GLU B 489 -24.57 -14.85 17.92
N TYR B 490 -24.87 -14.23 19.05
CA TYR B 490 -25.09 -12.82 19.16
C TYR B 490 -23.79 -12.07 18.72
N HIS B 491 -22.64 -12.45 19.26
CA HIS B 491 -21.38 -11.83 18.84
C HIS B 491 -20.99 -12.14 17.42
N ALA B 492 -21.14 -13.38 17.02
CA ALA B 492 -20.69 -13.81 15.70
C ALA B 492 -21.48 -13.12 14.57
N SER B 493 -22.78 -13.01 14.75
CA SER B 493 -23.63 -12.41 13.75
C SER B 493 -23.27 -10.92 13.60
N ALA B 494 -22.97 -10.25 14.71
CA ALA B 494 -22.56 -8.87 14.68
C ALA B 494 -21.25 -8.67 13.91
N ARG B 495 -20.27 -9.52 14.15
CA ARG B 495 -18.99 -9.50 13.41
C ARG B 495 -19.22 -9.69 11.93
N ALA B 496 -20.17 -10.55 11.59
CA ALA B 496 -20.46 -10.86 10.18
C ALA B 496 -21.03 -9.68 9.41
N ILE B 497 -21.70 -8.72 10.08
CA ILE B 497 -22.26 -7.53 9.41
C ILE B 497 -21.52 -6.27 9.81
N SER B 498 -20.41 -6.42 10.50
CA SER B 498 -19.63 -5.27 10.94
C SER B 498 -18.90 -4.53 9.82
N GLY B 499 -18.56 -5.27 8.76
CA GLY B 499 -17.66 -4.75 7.71
C GLY B 499 -16.16 -4.88 8.01
N GLY B 500 -15.84 -5.43 9.17
CA GLY B 500 -14.53 -5.38 9.68
C GLY B 500 -13.94 -6.74 9.75
N PRO B 501 -12.70 -6.82 10.31
CA PRO B 501 -12.04 -8.13 10.42
C PRO B 501 -12.84 -9.07 11.37
N LEU B 502 -12.87 -10.33 11.00
CA LEU B 502 -13.58 -11.38 11.66
C LEU B 502 -12.59 -12.39 12.24
N TYR B 503 -12.56 -12.47 13.55
CA TYR B 503 -11.58 -13.32 14.17
C TYR B 503 -12.04 -13.78 15.55
N VAL B 504 -11.63 -15.02 15.91
CA VAL B 504 -11.97 -15.59 17.22
C VAL B 504 -10.76 -15.58 18.15
N SER B 505 -11.03 -15.71 19.44
CA SER B 505 -9.98 -15.93 20.43
C SER B 505 -10.12 -17.26 21.20
N ASP B 506 -10.64 -18.27 20.53
CA ASP B 506 -10.97 -19.57 21.13
C ASP B 506 -9.73 -20.25 21.66
N SER B 507 -9.94 -21.07 22.70
CA SER B 507 -8.84 -21.88 23.23
C SER B 507 -8.75 -23.02 22.24
N PRO B 508 -7.54 -23.53 21.97
CA PRO B 508 -7.36 -24.63 21.02
C PRO B 508 -8.23 -25.81 21.43
N GLY B 509 -8.86 -26.50 20.50
CA GLY B 509 -9.82 -27.58 20.88
C GLY B 509 -11.25 -27.19 21.28
N LYS B 510 -11.51 -25.92 21.57
CA LYS B 510 -12.82 -25.47 22.07
C LYS B 510 -13.48 -24.61 21.02
N HIS B 511 -14.07 -25.29 20.04
CA HIS B 511 -14.70 -24.63 18.87
C HIS B 511 -16.08 -25.15 18.58
N ASN B 512 -16.95 -24.27 18.10
CA ASN B 512 -18.20 -24.67 17.53
C ASN B 512 -18.09 -24.46 16.04
N PHE B 513 -17.79 -25.52 15.32
CA PHE B 513 -17.58 -25.41 13.90
C PHE B 513 -18.86 -25.18 13.11
N GLU B 514 -20.01 -25.57 13.69
CA GLU B 514 -21.25 -25.32 13.01
C GLU B 514 -21.48 -23.79 12.97
N LEU B 515 -21.14 -23.10 14.06
CA LEU B 515 -21.29 -21.65 14.10
C LEU B 515 -20.24 -21.03 13.16
N LEU B 516 -19.00 -21.55 13.20
CA LEU B 516 -17.89 -21.00 12.36
C LEU B 516 -18.13 -21.11 10.87
N ARG B 517 -18.80 -22.16 10.39
CA ARG B 517 -19.11 -22.31 8.94
C ARG B 517 -20.13 -21.30 8.41
N LYS B 518 -20.89 -20.71 9.29
CA LYS B 518 -21.73 -19.60 8.92
C LYS B 518 -20.95 -18.27 8.67
N LEU B 519 -19.65 -18.20 9.04
CA LEU B 519 -18.76 -17.05 8.86
C LEU B 519 -17.54 -17.28 7.93
N VAL B 520 -17.07 -18.50 7.82
CA VAL B 520 -15.77 -18.79 7.21
C VAL B 520 -15.98 -19.89 6.23
N LEU B 521 -15.55 -19.67 5.00
CA LEU B 521 -15.59 -20.65 3.98
C LEU B 521 -14.36 -21.60 4.14
N PRO B 522 -14.39 -22.77 3.47
CA PRO B 522 -13.30 -23.74 3.64
C PRO B 522 -11.87 -23.28 3.28
N ASP B 523 -11.72 -22.25 2.44
CA ASP B 523 -10.40 -21.68 2.18
C ASP B 523 -10.04 -20.58 3.16
N GLY B 524 -10.84 -20.33 4.19
CA GLY B 524 -10.47 -19.28 5.18
C GLY B 524 -10.96 -17.86 4.85
N SER B 525 -11.59 -17.67 3.69
CA SER B 525 -12.15 -16.40 3.30
C SER B 525 -13.50 -16.20 4.03
N ILE B 526 -13.88 -14.94 4.24
CA ILE B 526 -15.15 -14.59 4.83
C ILE B 526 -16.01 -13.81 3.83
N LEU B 527 -17.25 -13.50 4.22
CA LEU B 527 -18.16 -12.64 3.44
C LEU B 527 -18.25 -11.26 4.09
N ARG B 528 -17.25 -10.42 3.85
CA ARG B 528 -17.17 -9.11 4.51
C ARG B 528 -18.08 -8.15 3.79
N ALA B 529 -18.87 -7.42 4.57
CA ALA B 529 -19.69 -6.35 3.99
C ALA B 529 -18.80 -5.17 3.74
N ARG B 530 -19.27 -4.20 2.96
CA ARG B 530 -18.38 -3.17 2.43
C ARG B 530 -18.36 -1.83 3.22
N LEU B 531 -19.27 -1.59 4.18
CA LEU B 531 -19.22 -0.34 4.97
C LEU B 531 -18.96 -0.63 6.44
N PRO B 532 -18.80 0.40 7.28
CA PRO B 532 -18.91 0.17 8.76
C PRO B 532 -20.39 -0.13 9.14
N GLY B 533 -20.60 -1.21 9.88
CA GLY B 533 -21.93 -1.54 10.40
C GLY B 533 -22.36 -0.40 11.29
N ARG B 534 -23.58 0.10 11.10
CA ARG B 534 -24.06 1.24 11.85
C ARG B 534 -25.55 1.08 12.25
N PRO B 535 -26.01 1.87 13.24
CA PRO B 535 -27.45 1.90 13.51
C PRO B 535 -28.21 2.48 12.32
N THR B 536 -29.44 2.02 12.12
CA THR B 536 -30.36 2.68 11.14
C THR B 536 -30.69 4.05 11.60
N ARG B 537 -31.18 4.89 10.67
CA ARG B 537 -31.63 6.28 10.97
C ARG B 537 -32.59 6.27 12.11
N ASP B 538 -33.55 5.36 12.04
CA ASP B 538 -34.46 4.89 13.11
C ASP B 538 -33.93 4.86 14.57
N CYS B 539 -32.67 4.46 14.72
CA CYS B 539 -32.11 4.05 16.03
C CYS B 539 -31.06 5.04 16.54
N LEU B 540 -30.74 6.07 15.74
CA LEU B 540 -29.65 6.98 16.05
C LEU B 540 -29.90 7.75 17.31
N PHE B 541 -31.17 8.07 17.54
CA PHE B 541 -31.55 8.92 18.67
C PHE B 541 -32.29 8.21 19.81
N ALA B 542 -32.40 6.88 19.69
CA ALA B 542 -32.99 6.04 20.70
C ALA B 542 -31.95 5.08 21.25
N ASP B 543 -31.68 5.18 22.54
CA ASP B 543 -30.66 4.38 23.17
C ASP B 543 -31.14 2.93 23.44
N PRO B 544 -30.72 1.94 22.62
CA PRO B 544 -31.22 0.58 22.76
C PRO B 544 -30.62 -0.18 23.96
N ALA B 545 -29.66 0.40 24.66
CA ALA B 545 -29.18 -0.18 25.93
C ALA B 545 -29.92 0.34 27.17
N ARG B 546 -30.61 1.49 27.07
CA ARG B 546 -31.21 2.18 28.22
C ARG B 546 -32.69 2.52 28.08
N ASP B 547 -33.21 2.79 26.89
CA ASP B 547 -34.53 3.38 26.81
C ASP B 547 -35.70 2.41 27.17
N GLY B 548 -35.43 1.12 27.40
CA GLY B 548 -36.45 0.10 27.63
C GLY B 548 -37.38 -0.24 26.47
N VAL B 549 -37.39 0.57 25.44
CA VAL B 549 -38.38 0.50 24.39
C VAL B 549 -37.78 -0.09 23.06
N SER B 550 -36.51 0.25 22.75
CA SER B 550 -35.96 0.09 21.39
C SER B 550 -35.11 -1.18 21.19
N LEU B 551 -35.26 -1.82 20.03
CA LEU B 551 -34.33 -2.79 19.52
C LEU B 551 -33.24 -2.05 18.71
N LEU B 552 -32.02 -2.57 18.70
CA LEU B 552 -30.96 -1.96 17.87
C LEU B 552 -31.05 -2.61 16.51
N LYS B 553 -31.20 -1.82 15.46
CA LYS B 553 -31.10 -2.34 14.09
C LYS B 553 -29.77 -1.85 13.49
N ILE B 554 -28.95 -2.79 13.03
CA ILE B 554 -27.63 -2.50 12.44
C ILE B 554 -27.74 -2.76 10.94
N TRP B 555 -27.33 -1.79 10.13
CA TRP B 555 -27.33 -2.01 8.64
C TRP B 555 -25.92 -2.04 8.04
N ASN B 556 -25.79 -2.79 6.96
CA ASN B 556 -24.57 -2.71 6.13
C ASN B 556 -24.96 -3.01 4.67
N MET B 557 -23.97 -2.91 3.78
CA MET B 557 -24.17 -3.15 2.36
C MET B 557 -23.20 -4.20 1.84
N ASN B 558 -23.67 -5.02 0.94
CA ASN B 558 -22.80 -5.80 0.04
C ASN B 558 -22.82 -5.14 -1.31
N LYS B 559 -22.29 -5.78 -2.34
CA LYS B 559 -22.38 -5.18 -3.67
C LYS B 559 -23.81 -5.18 -4.27
N TYR B 560 -24.54 -6.30 -4.13
CA TYR B 560 -25.89 -6.48 -4.71
C TYR B 560 -26.99 -6.81 -3.69
N THR B 561 -26.66 -6.78 -2.40
CA THR B 561 -27.68 -6.77 -1.36
C THR B 561 -27.29 -5.82 -0.27
N GLY B 562 -28.29 -5.49 0.57
CA GLY B 562 -28.05 -4.99 1.89
C GLY B 562 -28.17 -6.09 2.95
N VAL B 563 -27.82 -5.77 4.21
CA VAL B 563 -28.05 -6.70 5.31
C VAL B 563 -28.49 -5.89 6.51
N LEU B 564 -29.28 -6.53 7.35
CA LEU B 564 -29.85 -5.84 8.50
C LEU B 564 -29.81 -6.81 9.63
N GLY B 565 -29.20 -6.42 10.72
CA GLY B 565 -29.26 -7.23 11.93
C GLY B 565 -30.04 -6.50 13.01
N VAL B 566 -30.83 -7.26 13.79
CA VAL B 566 -31.69 -6.72 14.83
C VAL B 566 -31.29 -7.42 16.12
N TYR B 567 -31.12 -6.63 17.16
CA TYR B 567 -30.54 -7.09 18.41
C TYR B 567 -31.37 -6.47 19.56
N ASN B 568 -31.61 -7.26 20.59
CA ASN B 568 -32.02 -6.69 21.86
C ASN B 568 -30.77 -6.57 22.72
N CYS B 569 -30.33 -5.37 23.01
CA CYS B 569 -29.24 -5.22 23.96
C CYS B 569 -29.64 -4.31 25.12
N GLN B 570 -30.90 -4.45 25.54
CA GLN B 570 -31.43 -3.67 26.69
C GLN B 570 -30.84 -4.21 27.96
N GLY B 571 -30.92 -3.40 29.01
CA GLY B 571 -30.72 -3.90 30.36
C GLY B 571 -29.35 -3.78 30.98
N ALA B 572 -28.44 -3.03 30.33
CA ALA B 572 -27.07 -2.79 30.86
C ALA B 572 -26.47 -1.62 30.14
N ALA B 573 -25.73 -0.78 30.86
CA ALA B 573 -25.02 0.36 30.24
C ALA B 573 -24.08 0.96 31.26
N TRP B 574 -23.07 1.68 30.77
CA TRP B 574 -22.35 2.61 31.64
C TRP B 574 -23.32 3.54 32.47
N SER B 575 -23.12 3.52 33.80
CA SER B 575 -23.88 4.34 34.79
C SER B 575 -23.16 5.64 35.04
N SER B 576 -23.85 6.76 34.84
CA SER B 576 -23.31 8.08 35.24
C SER B 576 -23.04 8.30 36.78
N THR B 577 -23.61 7.46 37.66
CA THR B 577 -23.45 7.65 39.13
C THR B 577 -22.39 6.67 39.65
N GLU B 578 -22.48 5.38 39.28
CA GLU B 578 -21.42 4.42 39.59
C GLU B 578 -20.15 4.53 38.70
N ARG B 579 -20.18 5.31 37.60
CA ARG B 579 -19.05 5.43 36.65
C ARG B 579 -18.51 4.07 36.16
N LYS B 580 -19.39 3.10 35.94
CA LYS B 580 -18.97 1.83 35.34
C LYS B 580 -20.16 1.14 34.69
N ASN B 581 -19.87 0.15 33.85
CA ASN B 581 -20.87 -0.73 33.25
C ASN B 581 -21.55 -1.60 34.30
N ILE B 582 -22.87 -1.48 34.39
CA ILE B 582 -23.72 -2.27 35.32
C ILE B 582 -25.02 -2.69 34.59
N PHE B 583 -25.59 -3.83 35.03
CA PHE B 583 -27.03 -4.10 34.81
C PHE B 583 -27.91 -3.00 35.42
N HIS B 584 -29.12 -2.85 34.90
CA HIS B 584 -30.17 -1.98 35.49
C HIS B 584 -31.55 -2.59 35.12
N GLN B 585 -32.61 -2.13 35.77
CA GLN B 585 -33.95 -2.73 35.62
C GLN B 585 -34.56 -2.60 34.19
N THR B 586 -35.22 -3.69 33.73
CA THR B 586 -36.02 -3.72 32.45
C THR B 586 -37.47 -4.30 32.55
N LYS B 587 -38.26 -4.14 31.48
CA LYS B 587 -39.69 -4.57 31.41
C LYS B 587 -39.77 -6.03 30.99
N THR B 588 -40.84 -6.48 30.29
CA THR B 588 -40.91 -7.87 29.71
C THR B 588 -39.55 -8.20 29.18
N ASP B 589 -39.18 -9.46 29.20
CA ASP B 589 -38.00 -9.81 28.47
C ASP B 589 -38.18 -9.35 26.99
N SER B 590 -39.36 -9.61 26.39
CA SER B 590 -39.58 -9.49 24.93
C SER B 590 -39.90 -8.07 24.41
N LEU B 591 -39.15 -7.59 23.41
CA LEU B 591 -39.39 -6.25 22.85
C LEU B 591 -39.70 -6.39 21.37
N THR B 592 -40.69 -5.62 20.92
CA THR B 592 -41.19 -5.71 19.53
C THR B 592 -40.62 -4.54 18.75
N GLY B 593 -40.49 -4.70 17.44
CA GLY B 593 -40.23 -3.53 16.58
C GLY B 593 -40.54 -3.94 15.16
N SER B 594 -39.90 -3.31 14.22
CA SER B 594 -40.10 -3.72 12.84
C SER B 594 -38.99 -3.25 11.93
N ILE B 595 -38.96 -3.86 10.76
CA ILE B 595 -37.94 -3.55 9.78
C ILE B 595 -38.61 -3.22 8.47
N ARG B 596 -37.93 -2.37 7.70
CA ARG B 596 -38.31 -2.10 6.27
C ARG B 596 -37.03 -2.15 5.41
N GLY B 597 -37.20 -2.37 4.11
CA GLY B 597 -36.06 -2.39 3.18
C GLY B 597 -35.26 -1.12 3.33
N ARG B 598 -35.97 0.00 3.41
CA ARG B 598 -35.30 1.29 3.49
C ARG B 598 -34.52 1.57 4.81
N ASP B 599 -34.68 0.77 5.85
CA ASP B 599 -33.77 0.88 6.99
C ASP B 599 -32.28 0.67 6.57
N VAL B 600 -32.07 -0.17 5.56
CA VAL B 600 -30.76 -0.27 4.93
C VAL B 600 -30.59 1.01 4.18
N HIS B 601 -29.95 1.97 4.81
CA HIS B 601 -29.97 3.29 4.29
C HIS B 601 -29.52 3.44 2.81
N SER B 602 -28.45 2.75 2.39
CA SER B 602 -27.94 2.90 1.02
C SER B 602 -28.42 1.83 0.05
N ILE B 603 -29.56 1.20 0.36
CA ILE B 603 -30.06 0.00 -0.31
C ILE B 603 -30.13 0.17 -1.85
N SER B 604 -30.49 1.37 -2.33
CA SER B 604 -30.56 1.55 -3.79
C SER B 604 -29.21 1.32 -4.48
N GLU B 605 -28.08 1.44 -3.77
CA GLU B 605 -26.78 1.17 -4.37
C GLU B 605 -26.60 -0.27 -4.75
N ALA B 606 -27.41 -1.16 -4.18
CA ALA B 606 -27.39 -2.58 -4.55
C ALA B 606 -28.22 -2.91 -5.78
N SER B 607 -29.12 -2.02 -6.19
CA SER B 607 -29.95 -2.26 -7.39
C SER B 607 -29.10 -2.14 -8.68
N THR B 608 -29.33 -3.02 -9.65
CA THR B 608 -28.71 -2.88 -10.99
C THR B 608 -29.31 -1.75 -11.83
N ASP B 609 -30.52 -1.24 -11.57
CA ASP B 609 -30.81 0.13 -12.04
C ASP B 609 -31.62 0.98 -11.11
N PRO B 610 -30.89 1.81 -10.34
CA PRO B 610 -31.49 2.61 -9.28
C PRO B 610 -32.52 3.60 -9.82
N THR B 611 -32.26 4.15 -11.00
CA THR B 611 -33.13 5.15 -11.63
C THR B 611 -34.53 4.68 -11.93
N THR B 612 -34.74 3.38 -12.13
CA THR B 612 -36.09 2.81 -12.38
C THR B 612 -36.65 1.80 -11.33
N TRP B 613 -35.98 1.62 -10.21
CA TRP B 613 -36.38 0.62 -9.21
C TRP B 613 -37.58 1.11 -8.36
N ASN B 614 -38.59 0.24 -8.19
CA ASN B 614 -39.67 0.26 -7.13
C ASN B 614 -39.39 0.68 -5.67
N GLY B 615 -38.27 0.21 -5.16
CA GLY B 615 -38.01 0.18 -3.73
C GLY B 615 -38.44 -1.12 -3.09
N ASP B 616 -38.90 -2.09 -3.90
CA ASP B 616 -39.40 -3.33 -3.36
C ASP B 616 -38.21 -4.25 -3.15
N CYS B 617 -38.23 -4.99 -2.06
CA CYS B 617 -37.09 -5.85 -1.65
C CYS B 617 -37.57 -7.25 -1.31
N ALA B 618 -36.76 -8.23 -1.68
CA ALA B 618 -36.85 -9.57 -1.12
C ALA B 618 -36.09 -9.57 0.21
N VAL B 619 -36.71 -10.09 1.26
CA VAL B 619 -36.12 -10.07 2.57
C VAL B 619 -36.06 -11.46 3.04
N TYR B 620 -34.84 -11.91 3.33
CA TYR B 620 -34.57 -13.28 3.81
C TYR B 620 -34.11 -13.31 5.24
N SER B 621 -34.78 -14.09 6.09
CA SER B 621 -34.36 -14.36 7.46
C SER B 621 -33.37 -15.52 7.56
N GLN B 622 -32.12 -15.24 7.93
CA GLN B 622 -31.06 -16.29 8.02
C GLN B 622 -31.49 -17.45 8.93
N SER B 623 -31.96 -17.13 10.15
CA SER B 623 -32.18 -18.15 11.20
C SER B 623 -33.46 -18.96 10.96
N ARG B 624 -34.54 -18.33 10.50
CA ARG B 624 -35.77 -19.07 10.18
C ARG B 624 -35.84 -19.55 8.72
N GLY B 625 -34.99 -19.06 7.83
CA GLY B 625 -35.02 -19.54 6.44
C GLY B 625 -36.23 -19.16 5.60
N GLU B 626 -36.83 -18.02 5.92
CA GLU B 626 -38.04 -17.55 5.29
C GLU B 626 -37.74 -16.36 4.40
N LEU B 627 -38.33 -16.35 3.21
CA LEU B 627 -38.28 -15.27 2.27
C LEU B 627 -39.62 -14.50 2.24
N ILE B 628 -39.57 -13.20 2.33
CA ILE B 628 -40.76 -12.41 2.34
C ILE B 628 -40.48 -11.32 1.33
N VAL B 629 -41.44 -11.02 0.47
CA VAL B 629 -41.33 -9.87 -0.39
C VAL B 629 -41.89 -8.67 0.36
N MET B 630 -41.18 -7.57 0.29
CA MET B 630 -41.58 -6.37 0.96
C MET B 630 -41.59 -5.13 0.10
N PRO B 631 -42.84 -4.65 -0.18
CA PRO B 631 -43.00 -3.43 -0.92
C PRO B 631 -42.31 -2.30 -0.23
N TYR B 632 -42.00 -1.28 -1.04
CA TYR B 632 -41.42 -0.08 -0.54
C TYR B 632 -42.25 0.46 0.62
N ASN B 633 -41.55 0.79 1.70
CA ASN B 633 -42.18 1.43 2.85
C ASN B 633 -43.19 0.60 3.69
N VAL B 634 -43.27 -0.70 3.40
CA VAL B 634 -44.06 -1.67 4.18
C VAL B 634 -43.11 -2.28 5.22
N SER B 635 -43.62 -2.47 6.44
CA SER B 635 -42.88 -2.93 7.63
C SER B 635 -43.11 -4.37 7.89
N LEU B 636 -42.17 -5.04 8.53
CA LEU B 636 -42.33 -6.42 8.97
C LEU B 636 -42.05 -6.41 10.47
N PRO B 637 -42.91 -7.04 11.27
CA PRO B 637 -42.69 -6.99 12.73
C PRO B 637 -41.54 -7.94 13.19
N VAL B 638 -40.84 -7.53 14.25
CA VAL B 638 -39.76 -8.31 14.84
C VAL B 638 -39.92 -8.26 16.35
N SER B 639 -39.57 -9.32 17.07
CA SER B 639 -39.59 -9.29 18.55
C SER B 639 -38.46 -10.10 19.08
N LEU B 640 -37.82 -9.60 20.14
CA LEU B 640 -36.62 -10.26 20.62
C LEU B 640 -36.51 -10.07 22.11
N LYS B 641 -36.15 -11.14 22.78
CA LYS B 641 -35.75 -11.12 24.18
C LYS B 641 -34.31 -10.67 24.31
N ILE B 642 -33.95 -10.33 25.55
CA ILE B 642 -32.63 -9.77 25.86
C ILE B 642 -31.57 -10.75 25.33
N ARG B 643 -30.65 -10.20 24.57
CA ARG B 643 -29.53 -10.96 24.01
C ARG B 643 -29.94 -11.97 22.92
N GLU B 644 -31.10 -11.78 22.30
CA GLU B 644 -31.44 -12.52 21.08
C GLU B 644 -31.15 -11.60 19.89
N HIS B 645 -31.13 -12.19 18.71
CA HIS B 645 -30.83 -11.44 17.51
C HIS B 645 -31.48 -12.10 16.30
N GLU B 646 -31.60 -11.38 15.20
CA GLU B 646 -31.91 -11.97 13.88
C GLU B 646 -31.19 -11.17 12.78
N ILE B 647 -30.71 -11.84 11.73
CA ILE B 647 -30.10 -11.25 10.57
C ILE B 647 -31.02 -11.41 9.38
N PHE B 648 -31.19 -10.33 8.60
CA PHE B 648 -31.94 -10.38 7.37
C PHE B 648 -31.06 -9.92 6.20
N THR B 649 -31.09 -10.67 5.10
CA THR B 649 -30.53 -10.18 3.85
C THR B 649 -31.68 -9.45 3.11
N VAL B 650 -31.36 -8.25 2.57
CA VAL B 650 -32.31 -7.37 1.91
C VAL B 650 -31.81 -7.12 0.47
N SER B 651 -32.52 -7.66 -0.49
CA SER B 651 -32.12 -7.61 -1.91
C SER B 651 -33.10 -6.92 -2.81
N PRO B 652 -32.67 -5.89 -3.54
CA PRO B 652 -33.65 -5.21 -4.35
C PRO B 652 -34.20 -6.12 -5.42
N ILE B 653 -35.50 -6.02 -5.65
CA ILE B 653 -36.19 -6.79 -6.68
C ILE B 653 -36.10 -6.09 -8.02
N SER B 654 -35.65 -6.85 -9.01
CA SER B 654 -35.60 -6.36 -10.41
C SER B 654 -36.80 -6.94 -11.20
N HIS B 655 -37.44 -6.09 -12.00
CA HIS B 655 -38.57 -6.47 -12.90
C HIS B 655 -38.00 -6.62 -14.31
N LEU B 656 -37.97 -7.85 -14.81
CA LEU B 656 -37.44 -8.17 -16.15
C LEU B 656 -38.52 -7.92 -17.21
N VAL B 657 -39.63 -8.64 -17.10
CA VAL B 657 -40.87 -8.33 -17.85
C VAL B 657 -42.02 -8.66 -16.90
N ASP B 658 -43.23 -8.27 -17.29
CA ASP B 658 -44.42 -8.42 -16.42
C ASP B 658 -44.62 -9.87 -16.01
N GLY B 659 -45.03 -10.09 -14.75
CA GLY B 659 -45.08 -11.41 -14.13
C GLY B 659 -43.75 -11.93 -13.59
N VAL B 660 -42.62 -11.40 -14.10
CA VAL B 660 -41.26 -11.91 -13.84
C VAL B 660 -40.34 -10.95 -13.06
N SER B 661 -40.14 -11.27 -11.80
CA SER B 661 -39.35 -10.48 -10.87
C SER B 661 -38.35 -11.38 -10.23
N PHE B 662 -37.21 -10.83 -9.83
CA PHE B 662 -36.09 -11.62 -9.29
C PHE B 662 -35.21 -10.79 -8.36
N ALA B 663 -34.57 -11.48 -7.43
CA ALA B 663 -33.58 -10.86 -6.51
C ALA B 663 -32.66 -11.95 -5.96
N PRO B 664 -31.34 -11.73 -6.02
CA PRO B 664 -30.49 -12.77 -5.51
C PRO B 664 -30.41 -12.63 -3.96
N ILE B 665 -30.16 -13.74 -3.25
CA ILE B 665 -29.98 -13.74 -1.80
C ILE B 665 -28.54 -14.07 -1.47
N GLY B 666 -28.04 -15.18 -2.02
CA GLY B 666 -26.69 -15.66 -1.74
C GLY B 666 -26.59 -16.96 -0.98
N LEU B 667 -25.50 -17.09 -0.23
CA LEU B 667 -25.21 -18.27 0.59
C LEU B 667 -26.07 -18.26 1.84
N VAL B 668 -27.26 -18.84 1.71
CA VAL B 668 -28.28 -18.75 2.73
C VAL B 668 -27.91 -19.34 4.10
N ASN B 669 -26.99 -20.28 4.17
CA ASN B 669 -26.48 -20.78 5.46
C ASN B 669 -25.29 -20.00 6.06
N MET B 670 -24.93 -18.86 5.49
CA MET B 670 -23.96 -17.95 6.08
C MET B 670 -24.69 -16.71 6.55
N TYR B 671 -24.22 -16.11 7.63
CA TYR B 671 -24.83 -14.87 8.13
C TYR B 671 -24.99 -13.77 7.13
N ASN B 672 -23.89 -13.38 6.47
CA ASN B 672 -23.95 -12.32 5.52
C ASN B 672 -24.08 -12.88 4.10
N SER B 673 -25.22 -13.50 3.84
CA SER B 673 -25.48 -14.31 2.64
C SER B 673 -25.16 -13.58 1.33
N GLY B 674 -25.58 -12.32 1.24
CA GLY B 674 -25.37 -11.47 0.07
C GLY B 674 -23.94 -11.06 -0.25
N GLY B 675 -23.02 -11.22 0.69
CA GLY B 675 -21.61 -10.99 0.41
C GLY B 675 -21.00 -11.99 -0.58
N ALA B 676 -21.68 -13.08 -0.83
CA ALA B 676 -21.22 -14.05 -1.80
C ALA B 676 -21.39 -13.58 -3.27
N ILE B 677 -22.32 -12.67 -3.50
CA ILE B 677 -22.66 -12.27 -4.89
C ILE B 677 -21.67 -11.23 -5.39
N GLU B 678 -20.80 -11.65 -6.31
CA GLU B 678 -19.76 -10.78 -6.80
C GLU B 678 -20.13 -10.13 -8.11
N GLY B 679 -21.11 -10.67 -8.84
CA GLY B 679 -21.55 -10.11 -10.12
C GLY B 679 -23.00 -10.53 -10.36
N LEU B 680 -23.74 -9.69 -11.07
CA LEU B 680 -25.15 -9.83 -11.27
C LEU B 680 -25.51 -9.07 -12.56
N ARG B 681 -26.12 -9.76 -13.51
CA ARG B 681 -26.58 -9.10 -14.77
C ARG B 681 -27.95 -9.69 -15.14
N TYR B 682 -28.90 -8.82 -15.43
CA TYR B 682 -30.22 -9.23 -15.85
C TYR B 682 -30.26 -9.13 -17.38
N GLU B 683 -30.75 -10.15 -18.06
CA GLU B 683 -31.03 -10.04 -19.52
C GLU B 683 -32.54 -10.18 -19.69
N ALA B 684 -33.23 -9.04 -19.63
CA ALA B 684 -34.72 -9.02 -19.62
C ALA B 684 -35.21 -9.54 -20.96
N GLU B 685 -34.54 -9.02 -21.97
CA GLU B 685 -34.09 -9.71 -23.17
C GLU B 685 -34.41 -11.23 -23.18
N LYS B 686 -33.50 -12.06 -22.70
CA LYS B 686 -33.64 -13.52 -22.79
C LYS B 686 -34.36 -14.17 -21.58
N MET B 687 -34.90 -13.36 -20.66
CA MET B 687 -35.50 -13.89 -19.42
C MET B 687 -34.43 -14.78 -18.64
N LYS B 688 -33.24 -14.19 -18.48
CA LYS B 688 -32.07 -14.87 -17.86
C LYS B 688 -31.37 -13.97 -16.83
N VAL B 689 -30.96 -14.55 -15.71
CA VAL B 689 -30.14 -13.86 -14.70
C VAL B 689 -28.76 -14.50 -14.72
N VAL B 690 -27.72 -13.69 -14.79
CA VAL B 690 -26.35 -14.22 -14.77
C VAL B 690 -25.58 -13.67 -13.56
N MET B 691 -25.05 -14.57 -12.74
CA MET B 691 -24.40 -14.19 -11.46
C MET B 691 -23.04 -14.82 -11.29
N GLU B 692 -22.13 -14.06 -10.66
CA GLU B 692 -20.88 -14.60 -10.18
C GLU B 692 -20.91 -14.66 -8.65
N VAL B 693 -20.70 -15.88 -8.15
CA VAL B 693 -20.87 -16.23 -6.73
C VAL B 693 -19.64 -16.89 -6.12
N LYS B 694 -19.14 -16.27 -5.07
CA LYS B 694 -18.01 -16.84 -4.34
C LYS B 694 -18.46 -17.91 -3.37
N GLY B 695 -17.53 -18.79 -3.05
CA GLY B 695 -17.74 -19.80 -2.05
C GLY B 695 -18.39 -21.10 -2.50
N CYS B 696 -19.09 -21.73 -1.53
CA CYS B 696 -19.80 -22.98 -1.73
C CYS B 696 -20.87 -23.12 -0.68
N GLY B 697 -21.72 -24.10 -0.89
CA GLY B 697 -22.84 -24.34 -0.01
C GLY B 697 -24.14 -23.99 -0.69
N LYS B 698 -25.18 -23.85 0.11
CA LYS B 698 -26.51 -23.64 -0.44
C LYS B 698 -26.71 -22.21 -0.84
N PHE B 699 -27.21 -22.03 -2.05
CA PHE B 699 -27.39 -20.73 -2.66
C PHE B 699 -28.89 -20.48 -2.86
N GLY B 700 -29.30 -19.26 -2.60
CA GLY B 700 -30.69 -18.84 -2.72
C GLY B 700 -30.91 -17.58 -3.47
N SER B 701 -32.12 -17.53 -4.06
CA SER B 701 -32.67 -16.38 -4.73
C SER B 701 -34.20 -16.34 -4.61
N TYR B 702 -34.76 -15.19 -4.92
CA TYR B 702 -36.17 -14.99 -5.03
C TYR B 702 -36.48 -14.89 -6.51
N SER B 703 -37.41 -15.70 -6.99
CA SER B 703 -37.96 -15.56 -8.36
C SER B 703 -39.49 -15.63 -8.24
N SER B 704 -40.20 -14.75 -8.93
CA SER B 704 -41.71 -14.78 -8.91
C SER B 704 -42.30 -15.98 -9.70
N VAL B 705 -41.50 -16.63 -10.54
CA VAL B 705 -41.92 -17.81 -11.29
C VAL B 705 -40.86 -18.87 -11.11
N LYS B 706 -41.27 -20.13 -11.25
CA LYS B 706 -40.35 -21.24 -11.10
C LYS B 706 -39.41 -21.14 -12.28
N PRO B 707 -38.07 -21.17 -12.05
CA PRO B 707 -37.12 -21.26 -13.17
C PRO B 707 -37.34 -22.45 -14.14
N LYS B 708 -37.00 -22.23 -15.41
CA LYS B 708 -36.97 -23.31 -16.40
C LYS B 708 -35.74 -24.14 -16.14
N ARG B 709 -34.60 -23.50 -15.98
CA ARG B 709 -33.35 -24.20 -15.65
C ARG B 709 -32.52 -23.33 -14.73
N CYS B 710 -31.71 -24.00 -13.92
CA CYS B 710 -30.59 -23.39 -13.21
C CYS B 710 -29.28 -24.03 -13.73
N VAL B 711 -28.31 -23.18 -14.14
CA VAL B 711 -27.01 -23.63 -14.72
C VAL B 711 -25.79 -23.05 -13.97
N VAL B 712 -24.88 -23.94 -13.59
CA VAL B 712 -23.63 -23.62 -12.92
C VAL B 712 -22.49 -24.21 -13.76
N GLU B 713 -21.50 -23.37 -14.09
CA GLU B 713 -20.36 -23.70 -14.97
C GLU B 713 -20.81 -24.54 -16.14
N SER B 714 -21.77 -24.00 -16.89
CA SER B 714 -22.35 -24.62 -18.10
C SER B 714 -23.18 -25.91 -17.95
N ASN B 715 -23.25 -26.47 -16.76
CA ASN B 715 -24.08 -27.64 -16.49
C ASN B 715 -25.40 -27.31 -15.76
N GLU B 716 -26.49 -27.87 -16.30
CA GLU B 716 -27.81 -27.91 -15.61
C GLU B 716 -27.66 -28.51 -14.22
N ILE B 717 -28.33 -27.98 -13.20
CA ILE B 717 -28.37 -28.70 -11.91
C ILE B 717 -29.76 -28.71 -11.29
N ALA B 718 -29.91 -29.57 -10.30
CA ALA B 718 -31.19 -29.75 -9.67
C ALA B 718 -31.39 -28.51 -8.80
N PHE B 719 -32.65 -28.08 -8.67
CA PHE B 719 -32.99 -27.00 -7.77
C PHE B 719 -34.34 -27.21 -7.12
N GLU B 720 -34.54 -26.60 -5.97
CA GLU B 720 -35.83 -26.50 -5.27
C GLU B 720 -36.44 -25.13 -5.54
N TYR B 721 -37.78 -25.10 -5.59
CA TYR B 721 -38.56 -23.89 -5.72
C TYR B 721 -39.80 -23.95 -4.83
N ASP B 722 -40.01 -22.93 -3.98
CA ASP B 722 -41.20 -22.83 -3.15
C ASP B 722 -42.06 -21.79 -3.87
N SER B 723 -43.19 -22.21 -4.46
CA SER B 723 -44.02 -21.29 -5.26
C SER B 723 -44.77 -20.30 -4.38
N SER B 724 -44.96 -20.65 -3.10
CA SER B 724 -45.55 -19.74 -2.13
C SER B 724 -44.63 -18.52 -1.92
N SER B 725 -43.42 -18.78 -1.42
CA SER B 725 -42.44 -17.70 -1.14
C SER B 725 -41.63 -17.17 -2.35
N GLY B 726 -41.44 -17.95 -3.42
CA GLY B 726 -40.52 -17.59 -4.50
C GLY B 726 -39.03 -17.99 -4.31
N LEU B 727 -38.73 -18.74 -3.26
CA LEU B 727 -37.36 -19.08 -2.93
C LEU B 727 -36.89 -20.16 -3.90
N VAL B 728 -35.87 -19.82 -4.70
CA VAL B 728 -35.06 -20.81 -5.44
C VAL B 728 -33.85 -21.18 -4.63
N THR B 729 -33.55 -22.45 -4.49
CA THR B 729 -32.34 -22.87 -3.80
C THR B 729 -31.62 -23.97 -4.63
N PHE B 730 -30.29 -24.02 -4.56
CA PHE B 730 -29.50 -25.12 -5.14
C PHE B 730 -28.11 -25.09 -4.57
N GLU B 731 -27.47 -26.25 -4.61
CA GLU B 731 -26.17 -26.46 -3.94
C GLU B 731 -25.05 -26.12 -4.85
N LEU B 732 -24.06 -25.43 -4.31
CA LEU B 732 -22.82 -25.14 -4.98
C LEU B 732 -21.86 -26.01 -4.23
N ASP B 733 -21.61 -27.18 -4.78
CA ASP B 733 -21.03 -28.32 -4.02
C ASP B 733 -19.63 -28.08 -3.53
N LYS B 734 -18.80 -27.43 -4.32
CA LYS B 734 -17.42 -27.18 -3.87
C LYS B 734 -16.94 -25.80 -4.20
N MET B 735 -15.82 -25.43 -3.60
CA MET B 735 -15.18 -24.14 -3.88
C MET B 735 -14.84 -24.15 -5.38
N PRO B 736 -14.75 -22.97 -6.03
CA PRO B 736 -14.46 -22.93 -7.47
C PRO B 736 -13.13 -23.66 -7.74
N ILE B 737 -13.13 -24.63 -8.68
CA ILE B 737 -11.92 -25.48 -8.95
C ILE B 737 -10.81 -24.67 -9.58
N GLU B 738 -9.60 -25.18 -9.35
CA GLU B 738 -8.42 -24.36 -9.36
C GLU B 738 -8.31 -23.56 -10.64
N ASN B 739 -8.73 -22.31 -10.51
CA ASN B 739 -8.29 -21.20 -11.35
C ASN B 739 -7.45 -20.17 -10.52
N LYS B 740 -8.01 -19.44 -9.54
CA LYS B 740 -9.37 -19.58 -8.96
C LYS B 740 -10.36 -18.53 -9.45
N ARG B 741 -11.63 -18.71 -9.08
CA ARG B 741 -12.72 -17.95 -9.67
C ARG B 741 -13.92 -17.68 -8.69
N PHE B 742 -15.05 -17.50 -9.33
CA PHE B 742 -16.34 -17.40 -8.73
C PHE B 742 -17.03 -18.53 -9.48
N HIS B 743 -18.19 -18.96 -9.02
CA HIS B 743 -19.06 -19.78 -9.83
C HIS B 743 -19.81 -18.89 -10.77
N LEU B 744 -19.95 -19.33 -12.02
CA LEU B 744 -20.74 -18.65 -13.01
C LEU B 744 -22.12 -19.32 -12.97
N ILE B 745 -23.15 -18.56 -12.70
CA ILE B 745 -24.50 -19.10 -12.51
C ILE B 745 -25.43 -18.40 -13.48
N GLN B 746 -26.26 -19.19 -14.15
CA GLN B 746 -27.30 -18.68 -15.05
C GLN B 746 -28.62 -19.25 -14.61
N VAL B 747 -29.58 -18.39 -14.45
CA VAL B 747 -30.92 -18.84 -14.06
C VAL B 747 -31.83 -18.45 -15.21
N GLU B 748 -32.50 -19.43 -15.81
CA GLU B 748 -33.34 -19.13 -16.97
C GLU B 748 -34.79 -19.00 -16.49
N LEU B 749 -35.35 -17.79 -16.70
CA LEU B 749 -36.48 -17.15 -15.93
C LEU B 749 -36.14 -16.71 -14.48
C1 FRU C . -9.37 -8.73 36.05
C2 FRU C . -8.36 -7.61 35.70
C3 FRU C . -7.14 -7.86 36.13
C4 FRU C . -6.41 -6.35 35.89
C5 FRU C . -7.13 -5.57 36.59
C6 FRU C . -7.19 -4.09 36.17
O1 FRU C . -9.73 -8.72 37.41
O2 FRU C . -8.35 -7.48 34.22
O3 FRU C . -6.45 -8.89 35.44
O4 FRU C . -5.03 -6.47 36.30
O5 FRU C . -8.60 -6.26 36.44
O6 FRU C . -6.01 -3.63 35.54
C1 GLC C . -9.14 -6.49 33.56
C2 GLC C . -9.96 -7.18 32.45
C3 GLC C . -9.07 -7.75 31.44
C4 GLC C . -8.38 -6.67 30.71
C5 GLC C . -7.86 -5.52 31.60
C6 GLC C . -8.41 -4.25 30.99
O2 GLC C . -10.82 -8.18 33.03
O3 GLC C . -9.79 -8.56 30.43
O4 GLC C . -7.27 -7.23 29.98
O5 GLC C . -8.23 -5.43 33.02
O6 GLC C . -7.48 -3.20 31.23
C1 GLA C . -7.35 -2.03 30.44
C2 GLA C . -8.65 -1.31 30.01
C3 GLA C . -9.46 -2.04 29.00
C4 GLA C . -8.62 -2.65 27.89
C5 GLA C . -7.25 -3.28 28.30
C6 GLA C . -6.24 -3.48 27.19
O2 GLA C . -9.50 -1.01 31.16
O3 GLA C . -10.43 -1.03 28.51
O4 GLA C . -8.26 -1.59 27.00
O5 GLA C . -6.53 -2.44 29.27
O6 GLA C . -6.84 -4.30 26.14
C1 GLA C . -5.98 -4.24 25.03
C2 GLA C . -6.69 -4.79 23.81
C3 GLA C . -6.92 -6.21 23.97
C4 GLA C . -5.63 -6.90 24.20
C5 GLA C . -4.98 -6.39 25.48
C6 GLA C . -3.68 -7.06 25.77
O2 GLA C . -7.89 -4.05 23.73
O3 GLA C . -7.57 -6.70 22.79
O4 GLA C . -4.78 -6.75 23.03
O5 GLA C . -4.74 -4.96 25.31
O6 GLA C . -3.06 -6.43 26.90
C1 FRU D . 18.92 21.53 -25.69
C2 FRU D . 18.37 21.68 -24.25
C3 FRU D . 17.56 22.72 -24.16
C4 FRU D . 17.43 22.97 -22.50
C5 FRU D . 18.65 23.01 -22.11
C6 FRU D . 18.90 22.55 -20.65
O1 FRU D . 20.09 22.30 -25.80
O2 FRU D . 17.71 20.39 -23.91
O3 FRU D . 16.26 22.57 -24.74
O4 FRU D . 16.67 24.19 -22.35
O5 FRU D . 19.42 22.04 -23.17
O6 FRU D . 20.30 22.51 -20.35
C1 GLC D . 18.47 19.26 -23.47
C2 GLC D . 17.78 17.96 -23.92
C3 GLC D . 16.40 17.88 -23.34
C4 GLC D . 16.43 17.92 -21.86
C5 GLC D . 17.23 19.10 -21.34
C6 GLC D . 17.33 19.01 -19.83
O2 GLC D . 17.93 17.96 -25.36
O3 GLC D . 15.60 16.67 -23.46
O4 GLC D . 15.07 18.03 -21.43
O5 GLC D . 18.57 19.25 -21.97
O6 GLC D . 18.17 17.91 -19.53
C1 GLA D . 18.48 17.72 -18.15
C2 GLA D . 19.35 16.50 -17.91
C3 GLA D . 18.72 15.25 -18.47
C4 GLA D . 17.35 15.00 -17.93
C5 GLA D . 16.48 16.28 -18.02
C6 GLA D . 15.23 16.26 -17.13
O2 GLA D . 20.59 16.67 -18.61
O3 GLA D . 19.64 14.13 -18.27
O4 GLA D . 17.50 14.60 -16.57
O5 GLA D . 17.16 17.50 -17.58
O6 GLA D . 14.47 15.04 -17.36
C1 GLA D . 13.48 14.80 -16.44
C2 GLA D . 12.83 13.46 -16.75
C3 GLA D . 12.13 13.51 -18.08
C4 GLA D . 11.15 14.62 -18.05
C5 GLA D . 11.83 15.98 -17.77
C6 GLA D . 10.85 17.10 -17.66
O2 GLA D . 13.88 12.47 -16.81
O3 GLA D . 11.49 12.22 -18.30
O4 GLA D . 10.15 14.37 -17.04
O5 GLA D . 12.53 15.87 -16.49
O6 GLA D . 11.49 18.32 -17.45
#